data_4YJL
#
_entry.id   4YJL
#
_cell.length_a   60.592
_cell.length_b   168.925
_cell.length_c   170.272
_cell.angle_alpha   60.29
_cell.angle_beta   90.07
_cell.angle_gamma   90.05
#
_symmetry.space_group_name_H-M   'P 1'
#
loop_
_entity.id
_entity.type
_entity.pdbx_description
1 polymer 'Adenomatous polyposis coli protein'
2 polymer 'APC membrane recruitment protein 1'
3 non-polymer 1,2-ETHANEDIOL
4 water water
#
loop_
_entity_poly.entity_id
_entity_poly.type
_entity_poly.pdbx_seq_one_letter_code
_entity_poly.pdbx_strand_id
1 'polypeptide(L)'
;MGHHHHHHMLHLLEQIRAYCETCWEWQEAHEPGMDQDKNPMPAPVEHQICPAVCVLMKLSFDEEHRHAMNELGGLQAIAE
LLQVDCEMYGLTNDHYSITLRRYAGMALTNLTFGDVANKATLCSMKGCMRALVAQLKSESEDLQQVIASVLRNLSWRADV
NSKKTLREVGSVKALMECALEVKKESTLKSVLSALWNLSAHCTENKADICAVDGALAFLVGTLTYRSQTNTLAIIESGGG
ILRNVSSLIATNEDHRQILRENNCLQTLLQHLKSHSLTIVSNACGTLWNLSARNPKDQEALWDMGAVSMLKNLIHSKHKM
IAMGSAAALRNLMANRPAKYKDANIMSPGSSLPS
;
A,B,C,D,E,F
2 'polypeptide(L)' PRDSYSGDALYEF G,H,I,J,K,L
#
loop_
_chem_comp.id
_chem_comp.type
_chem_comp.name
_chem_comp.formula
EDO non-polymer 1,2-ETHANEDIOL 'C2 H6 O2'
#
# COMPACT_ATOMS: atom_id res chain seq x y z
N HIS A 3 -10.37 -22.18 -15.76
CA HIS A 3 -11.42 -21.65 -16.68
C HIS A 3 -12.80 -22.24 -16.38
N HIS A 4 -13.09 -22.43 -15.10
CA HIS A 4 -14.40 -22.87 -14.62
C HIS A 4 -15.48 -21.86 -15.05
N HIS A 5 -16.63 -22.35 -15.50
CA HIS A 5 -17.67 -21.49 -16.09
C HIS A 5 -18.05 -20.23 -15.28
N HIS A 6 -18.20 -20.38 -13.96
CA HIS A 6 -18.54 -19.23 -13.11
C HIS A 6 -17.33 -18.60 -12.43
N HIS A 7 -16.21 -18.52 -13.15
CA HIS A 7 -14.96 -18.01 -12.56
C HIS A 7 -15.04 -16.58 -12.04
N HIS A 8 -15.68 -15.68 -12.79
CA HIS A 8 -15.88 -14.30 -12.31
C HIS A 8 -16.66 -14.27 -10.99
N MET A 9 -17.79 -14.96 -10.94
CA MET A 9 -18.62 -14.95 -9.72
C MET A 9 -17.89 -15.55 -8.53
N LEU A 10 -17.19 -16.66 -8.78
CA LEU A 10 -16.38 -17.30 -7.76
C LEU A 10 -15.32 -16.35 -7.21
N HIS A 11 -14.62 -15.64 -8.10
CA HIS A 11 -13.62 -14.65 -7.69
C HIS A 11 -14.21 -13.59 -6.76
N LEU A 12 -15.33 -13.01 -7.17
CA LEU A 12 -15.97 -11.97 -6.38
C LEU A 12 -16.35 -12.46 -4.99
N LEU A 13 -16.91 -13.65 -4.91
CA LEU A 13 -17.38 -14.17 -3.63
C LEU A 13 -16.21 -14.57 -2.72
N GLU A 14 -15.19 -15.20 -3.31
CA GLU A 14 -13.97 -15.53 -2.58
C GLU A 14 -13.28 -14.27 -2.06
N GLN A 15 -13.26 -13.22 -2.89
CA GLN A 15 -12.69 -11.93 -2.51
C GLN A 15 -13.35 -11.32 -1.26
N ILE A 16 -14.68 -11.23 -1.24
CA ILE A 16 -15.36 -10.65 -0.06
C ILE A 16 -15.24 -11.56 1.17
N ARG A 17 -15.24 -12.88 0.94
CA ARG A 17 -15.03 -13.83 2.03
C ARG A 17 -13.63 -13.71 2.63
N ALA A 18 -12.62 -13.57 1.77
CA ALA A 18 -11.24 -13.42 2.26
C ALA A 18 -11.13 -12.12 3.06
N TYR A 19 -11.81 -11.07 2.61
CA TYR A 19 -11.80 -9.80 3.35
C TYR A 19 -12.43 -9.97 4.75
N CYS A 20 -13.52 -10.72 4.85
CA CYS A 20 -14.14 -10.97 6.15
C CYS A 20 -13.20 -11.76 7.06
N GLU A 21 -12.43 -12.69 6.48
CA GLU A 21 -11.42 -13.44 7.23
C GLU A 21 -10.33 -12.51 7.75
N THR A 22 -9.88 -11.61 6.88
CA THR A 22 -8.88 -10.61 7.23
C THR A 22 -9.34 -9.75 8.43
N CYS A 23 -10.62 -9.39 8.45
CA CYS A 23 -11.21 -8.61 9.53
C CYS A 23 -11.34 -9.43 10.80
N TRP A 24 -11.73 -10.69 10.66
CA TRP A 24 -11.81 -11.61 11.80
C TRP A 24 -10.43 -11.82 12.41
N GLU A 25 -9.41 -11.95 11.56
CA GLU A 25 -8.04 -12.14 12.00
C GLU A 25 -7.56 -10.93 12.83
N TRP A 26 -7.81 -9.72 12.31
CA TRP A 26 -7.55 -8.48 13.05
C TRP A 26 -8.23 -8.50 14.42
N GLN A 27 -9.50 -8.84 14.45
CA GLN A 27 -10.27 -8.88 15.68
C GLN A 27 -9.62 -9.84 16.68
N GLU A 28 -9.18 -11.00 16.19
CA GLU A 28 -8.68 -12.04 17.07
C GLU A 28 -7.21 -11.88 17.43
N ALA A 29 -6.55 -10.92 16.79
CA ALA A 29 -5.13 -10.64 17.07
C ALA A 29 -4.91 -9.51 18.09
N HIS A 30 -5.98 -9.07 18.75
CA HIS A 30 -5.89 -8.08 19.83
C HIS A 30 -5.28 -8.68 21.09
N GLU A 31 -3.96 -8.72 21.12
CA GLU A 31 -3.20 -9.37 22.17
C GLU A 31 -2.18 -8.35 22.71
N PRO A 32 -1.69 -8.54 23.97
CA PRO A 32 -0.67 -7.62 24.50
C PRO A 32 0.53 -7.47 23.57
N GLY A 33 0.90 -6.23 23.28
CA GLY A 33 2.02 -5.93 22.39
C GLY A 33 1.59 -5.74 20.94
N MET A 34 0.35 -6.12 20.62
CA MET A 34 -0.15 -5.95 19.27
C MET A 34 -0.75 -4.56 19.07
N ASP A 35 0.13 -3.58 18.90
CA ASP A 35 -0.27 -2.21 18.63
C ASP A 35 -0.88 -2.09 17.23
N GLN A 36 -1.31 -0.89 16.87
CA GLN A 36 -1.94 -0.63 15.58
C GLN A 36 -1.00 -0.78 14.38
N ASP A 37 0.31 -0.74 14.62
CA ASP A 37 1.27 -0.93 13.53
C ASP A 37 1.47 -2.41 13.21
N LYS A 38 1.38 -3.26 14.25
CA LYS A 38 1.50 -4.70 14.08
C LYS A 38 0.18 -5.31 13.64
N ASN A 39 -0.92 -4.77 14.17
CA ASN A 39 -2.25 -5.26 13.85
C ASN A 39 -3.18 -4.14 13.32
N PRO A 40 -2.88 -3.62 12.11
CA PRO A 40 -3.73 -2.54 11.59
C PRO A 40 -5.15 -2.98 11.27
N MET A 41 -6.11 -2.11 11.60
CA MET A 41 -7.49 -2.30 11.26
C MET A 41 -7.64 -2.30 9.72
N PRO A 42 -8.18 -3.39 9.17
CA PRO A 42 -8.33 -3.44 7.70
C PRO A 42 -9.34 -2.39 7.22
N ALA A 43 -9.06 -1.84 6.04
CA ALA A 43 -9.94 -0.90 5.38
C ALA A 43 -10.35 -1.51 4.04
N PRO A 44 -11.65 -1.45 3.71
CA PRO A 44 -12.17 -2.17 2.55
C PRO A 44 -11.56 -1.72 1.22
N VAL A 45 -11.19 -0.45 1.11
CA VAL A 45 -10.46 0.04 -0.07
C VAL A 45 -9.19 -0.78 -0.37
N GLU A 46 -8.57 -1.33 0.67
CA GLU A 46 -7.31 -2.08 0.53
C GLU A 46 -7.53 -3.42 -0.17
N HIS A 47 -8.79 -3.81 -0.29
CA HIS A 47 -9.14 -5.08 -0.90
C HIS A 47 -10.17 -4.96 -2.01
N GLN A 48 -10.28 -3.78 -2.60
CA GLN A 48 -11.13 -3.53 -3.77
C GLN A 48 -12.59 -4.00 -3.51
N ILE A 49 -13.09 -3.71 -2.31
CA ILE A 49 -14.37 -4.27 -1.88
C ILE A 49 -15.56 -3.59 -2.55
N CYS A 50 -15.47 -2.27 -2.74
CA CYS A 50 -16.57 -1.53 -3.33
C CYS A 50 -16.83 -1.96 -4.80
N PRO A 51 -15.77 -2.10 -5.62
CA PRO A 51 -15.98 -2.69 -6.96
C PRO A 51 -16.55 -4.12 -6.92
N ALA A 52 -16.07 -4.95 -5.99
CA ALA A 52 -16.61 -6.31 -5.83
C ALA A 52 -18.13 -6.34 -5.60
N VAL A 53 -18.63 -5.57 -4.64
CA VAL A 53 -20.07 -5.56 -4.37
C VAL A 53 -20.85 -4.84 -5.45
N CYS A 54 -20.23 -3.86 -6.10
CA CYS A 54 -20.83 -3.20 -7.24
C CYS A 54 -21.13 -4.22 -8.34
N VAL A 55 -20.14 -5.04 -8.70
CA VAL A 55 -20.31 -6.06 -9.74
C VAL A 55 -21.29 -7.14 -9.28
N LEU A 56 -21.22 -7.53 -8.01
CA LEU A 56 -22.20 -8.49 -7.47
C LEU A 56 -23.63 -7.95 -7.54
N MET A 57 -23.82 -6.66 -7.21
CA MET A 57 -25.12 -6.00 -7.31
C MET A 57 -25.65 -6.05 -8.75
N LYS A 58 -24.80 -5.74 -9.71
CA LYS A 58 -25.19 -5.77 -11.13
C LYS A 58 -25.64 -7.16 -11.57
N LEU A 59 -24.84 -8.18 -11.24
CA LEU A 59 -25.15 -9.56 -11.59
C LEU A 59 -26.46 -10.03 -10.93
N SER A 60 -26.70 -9.60 -9.69
CA SER A 60 -27.88 -10.02 -8.92
C SER A 60 -29.22 -9.62 -9.57
N PHE A 61 -29.20 -8.69 -10.51
CA PHE A 61 -30.41 -8.30 -11.24
C PHE A 61 -30.87 -9.39 -12.22
N ASP A 62 -29.95 -10.26 -12.62
CA ASP A 62 -30.26 -11.32 -13.59
C ASP A 62 -30.60 -12.64 -12.87
N GLU A 63 -31.70 -13.27 -13.30
CA GLU A 63 -32.22 -14.49 -12.66
C GLU A 63 -31.21 -15.64 -12.68
N GLU A 64 -30.57 -15.85 -13.83
CA GLU A 64 -29.57 -16.90 -14.00
C GLU A 64 -28.38 -16.68 -13.08
N HIS A 65 -27.87 -15.45 -13.03
CA HIS A 65 -26.74 -15.13 -12.16
C HIS A 65 -27.09 -15.33 -10.68
N ARG A 66 -28.33 -15.03 -10.31
CA ARG A 66 -28.81 -15.23 -8.94
C ARG A 66 -28.78 -16.70 -8.55
N HIS A 67 -29.22 -17.55 -9.49
CA HIS A 67 -29.19 -18.99 -9.28
C HIS A 67 -27.76 -19.46 -9.02
N ALA A 68 -26.82 -18.98 -9.84
CA ALA A 68 -25.40 -19.29 -9.65
C ALA A 68 -24.89 -18.73 -8.32
N MET A 69 -25.28 -17.50 -8.01
CA MET A 69 -24.90 -16.85 -6.76
C MET A 69 -25.40 -17.66 -5.55
N ASN A 70 -26.61 -18.17 -5.63
CA ASN A 70 -27.19 -19.00 -4.56
C ASN A 70 -26.49 -20.35 -4.39
N GLU A 71 -26.07 -20.96 -5.50
CA GLU A 71 -25.30 -22.20 -5.43
C GLU A 71 -23.94 -21.98 -4.75
N LEU A 72 -23.40 -20.78 -4.90
CA LEU A 72 -22.10 -20.44 -4.33
C LEU A 72 -22.17 -19.80 -2.94
N GLY A 73 -23.36 -19.76 -2.34
CA GLY A 73 -23.55 -19.17 -1.01
C GLY A 73 -23.40 -17.66 -0.99
N GLY A 74 -23.81 -17.01 -2.08
CA GLY A 74 -23.62 -15.58 -2.27
C GLY A 74 -24.35 -14.70 -1.27
N LEU A 75 -25.57 -15.08 -0.87
CA LEU A 75 -26.34 -14.29 0.09
C LEU A 75 -25.57 -14.16 1.40
N GLN A 76 -25.18 -15.30 1.96
CA GLN A 76 -24.46 -15.30 3.24
C GLN A 76 -23.18 -14.49 3.16
N ALA A 77 -22.44 -14.66 2.07
CA ALA A 77 -21.16 -13.95 1.88
C ALA A 77 -21.36 -12.44 1.84
N ILE A 78 -22.34 -11.99 1.06
CA ILE A 78 -22.62 -10.57 0.92
C ILE A 78 -23.14 -9.98 2.23
N ALA A 79 -23.98 -10.74 2.93
CA ALA A 79 -24.54 -10.30 4.22
C ALA A 79 -23.45 -10.19 5.28
N GLU A 80 -22.53 -11.15 5.31
CA GLU A 80 -21.43 -11.11 6.27
C GLU A 80 -20.52 -9.92 6.01
N LEU A 81 -20.24 -9.66 4.72
CA LEU A 81 -19.47 -8.48 4.36
C LEU A 81 -20.14 -7.21 4.87
N LEU A 82 -21.43 -7.05 4.58
CA LEU A 82 -22.17 -5.89 5.05
C LEU A 82 -22.04 -5.80 6.57
N GLN A 83 -22.30 -6.90 7.25
CA GLN A 83 -22.22 -6.96 8.71
C GLN A 83 -20.86 -6.51 9.26
N VAL A 84 -19.77 -7.08 8.73
CA VAL A 84 -18.45 -6.74 9.26
C VAL A 84 -18.12 -5.26 9.11
N ASP A 85 -18.46 -4.67 7.96
CA ASP A 85 -18.16 -3.25 7.76
C ASP A 85 -18.98 -2.38 8.69
N CYS A 86 -20.26 -2.72 8.87
CA CYS A 86 -21.12 -1.96 9.79
C CYS A 86 -20.60 -2.01 11.22
N GLU A 87 -20.19 -3.20 11.67
CA GLU A 87 -19.70 -3.38 13.03
C GLU A 87 -18.34 -2.72 13.26
N MET A 88 -17.45 -2.83 12.29
CA MET A 88 -16.10 -2.28 12.42
C MET A 88 -16.08 -0.75 12.47
N TYR A 89 -16.77 -0.13 11.52
CA TYR A 89 -16.69 1.31 11.30
C TYR A 89 -17.92 2.09 11.81
N GLY A 90 -18.96 1.39 12.22
CA GLY A 90 -20.11 2.05 12.81
C GLY A 90 -20.83 2.91 11.79
N LEU A 91 -21.54 3.92 12.28
CA LEU A 91 -22.27 4.82 11.40
C LEU A 91 -21.37 5.95 10.88
N THR A 92 -20.47 5.61 9.97
CA THR A 92 -19.54 6.58 9.39
C THR A 92 -20.15 7.26 8.16
N ASN A 93 -19.68 8.45 7.84
CA ASN A 93 -20.08 9.15 6.62
C ASN A 93 -19.11 8.91 5.46
N ASP A 94 -18.11 8.07 5.71
CA ASP A 94 -17.12 7.71 4.70
C ASP A 94 -17.85 7.24 3.42
N HIS A 95 -17.62 7.95 2.32
CA HIS A 95 -18.30 7.69 1.05
C HIS A 95 -18.08 6.28 0.50
N TYR A 96 -16.88 5.75 0.70
CA TYR A 96 -16.52 4.40 0.26
C TYR A 96 -17.35 3.36 1.02
N SER A 97 -17.44 3.56 2.34
CA SER A 97 -18.20 2.68 3.19
C SER A 97 -19.71 2.73 2.90
N ILE A 98 -20.26 3.93 2.72
CA ILE A 98 -21.69 4.10 2.40
C ILE A 98 -22.01 3.41 1.06
N THR A 99 -21.13 3.59 0.08
CA THR A 99 -21.32 3.04 -1.26
C THR A 99 -21.32 1.51 -1.24
N LEU A 100 -20.33 0.90 -0.60
CA LEU A 100 -20.29 -0.55 -0.52
C LEU A 100 -21.47 -1.12 0.26
N ARG A 101 -21.91 -0.43 1.31
CA ARG A 101 -23.07 -0.88 2.07
C ARG A 101 -24.34 -0.80 1.20
N ARG A 102 -24.44 0.23 0.37
CA ARG A 102 -25.57 0.35 -0.55
C ARG A 102 -25.61 -0.77 -1.59
N TYR A 103 -24.48 -1.01 -2.26
CA TYR A 103 -24.38 -2.07 -3.26
C TYR A 103 -24.66 -3.45 -2.66
N ALA A 104 -24.11 -3.71 -1.48
CA ALA A 104 -24.36 -4.96 -0.78
C ALA A 104 -25.85 -5.13 -0.48
N GLY A 105 -26.49 -4.09 0.06
CA GLY A 105 -27.93 -4.17 0.37
C GLY A 105 -28.81 -4.34 -0.87
N MET A 106 -28.42 -3.70 -1.98
CA MET A 106 -29.12 -3.87 -3.25
C MET A 106 -29.08 -5.34 -3.71
N ALA A 107 -27.89 -5.96 -3.60
CA ALA A 107 -27.74 -7.36 -3.94
C ALA A 107 -28.59 -8.25 -3.02
N LEU A 108 -28.64 -7.91 -1.73
CA LEU A 108 -29.47 -8.66 -0.77
C LEU A 108 -30.97 -8.52 -1.06
N THR A 109 -31.39 -7.32 -1.46
CA THR A 109 -32.77 -7.11 -1.90
C THR A 109 -33.09 -8.01 -3.10
N ASN A 110 -32.19 -8.01 -4.09
CA ASN A 110 -32.36 -8.84 -5.28
C ASN A 110 -32.40 -10.33 -4.96
N LEU A 111 -31.51 -10.76 -4.05
CA LEU A 111 -31.41 -12.17 -3.67
C LEU A 111 -32.54 -12.65 -2.77
N THR A 112 -33.25 -11.73 -2.12
CA THR A 112 -34.40 -12.10 -1.27
C THR A 112 -35.73 -12.03 -2.00
N PHE A 113 -35.77 -11.37 -3.16
CA PHE A 113 -37.00 -11.29 -3.95
C PHE A 113 -37.53 -12.69 -4.29
N GLY A 114 -38.74 -12.99 -3.81
CA GLY A 114 -39.41 -14.27 -4.07
C GLY A 114 -38.64 -15.53 -3.68
N ASP A 115 -37.69 -15.40 -2.77
CA ASP A 115 -36.83 -16.52 -2.40
C ASP A 115 -36.99 -16.88 -0.93
N VAL A 116 -37.75 -17.96 -0.70
CA VAL A 116 -38.10 -18.44 0.65
C VAL A 116 -36.86 -18.71 1.50
N ALA A 117 -35.95 -19.52 0.97
CA ALA A 117 -34.75 -19.93 1.70
C ALA A 117 -33.89 -18.74 2.09
N ASN A 118 -33.66 -17.82 1.15
CA ASN A 118 -32.80 -16.66 1.37
C ASN A 118 -33.36 -15.68 2.42
N LYS A 119 -34.68 -15.46 2.41
CA LYS A 119 -35.31 -14.64 3.44
C LYS A 119 -35.05 -15.24 4.82
N ALA A 120 -35.29 -16.54 4.96
CA ALA A 120 -35.12 -17.22 6.24
C ALA A 120 -33.65 -17.21 6.70
N THR A 121 -32.73 -17.42 5.75
CA THR A 121 -31.30 -17.40 6.03
C THR A 121 -30.86 -16.03 6.54
N LEU A 122 -31.21 -14.97 5.82
CA LEU A 122 -30.82 -13.61 6.21
C LEU A 122 -31.36 -13.25 7.60
N CYS A 123 -32.64 -13.52 7.85
CA CYS A 123 -33.20 -13.28 9.18
C CYS A 123 -32.52 -14.06 10.31
N SER A 124 -32.01 -15.25 9.99
CA SER A 124 -31.34 -16.10 10.99
C SER A 124 -29.93 -15.59 11.35
N MET A 125 -29.41 -14.67 10.53
CA MET A 125 -28.11 -14.07 10.77
C MET A 125 -28.32 -12.84 11.67
N LYS A 126 -28.37 -13.07 12.98
CA LYS A 126 -28.85 -12.06 13.94
C LYS A 126 -27.98 -10.81 13.95
N GLY A 127 -26.66 -11.01 13.98
CA GLY A 127 -25.72 -9.90 13.93
C GLY A 127 -25.91 -9.04 12.68
N CYS A 128 -26.12 -9.69 11.54
CA CYS A 128 -26.39 -8.95 10.31
C CYS A 128 -27.70 -8.17 10.39
N MET A 129 -28.72 -8.79 10.97
CA MET A 129 -30.03 -8.14 11.13
C MET A 129 -29.93 -6.89 12.01
N ARG A 130 -29.17 -6.99 13.10
CA ARG A 130 -28.93 -5.84 13.98
C ARG A 130 -28.22 -4.70 13.23
N ALA A 131 -27.25 -5.06 12.39
CA ALA A 131 -26.50 -4.11 11.58
C ALA A 131 -27.39 -3.41 10.56
N LEU A 132 -28.21 -4.18 9.84
CA LEU A 132 -29.19 -3.61 8.91
C LEU A 132 -30.04 -2.53 9.61
N VAL A 133 -30.64 -2.89 10.75
CA VAL A 133 -31.53 -1.98 11.50
C VAL A 133 -30.80 -0.69 11.94
N ALA A 134 -29.56 -0.80 12.39
CA ALA A 134 -28.76 0.36 12.76
C ALA A 134 -28.52 1.33 11.60
N GLN A 135 -28.44 0.82 10.37
CA GLN A 135 -28.21 1.68 9.19
C GLN A 135 -29.36 2.64 8.93
N LEU A 136 -30.52 2.37 9.51
CA LEU A 136 -31.65 3.30 9.36
C LEU A 136 -31.37 4.67 9.96
N LYS A 137 -30.37 4.75 10.85
CA LYS A 137 -29.95 6.00 11.45
C LYS A 137 -28.77 6.67 10.73
N SER A 138 -28.37 6.09 9.59
CA SER A 138 -27.30 6.68 8.78
C SER A 138 -27.70 8.06 8.29
N GLU A 139 -26.71 8.93 8.18
CA GLU A 139 -26.88 10.24 7.59
C GLU A 139 -27.32 10.10 6.12
N SER A 140 -26.88 9.02 5.47
CA SER A 140 -27.22 8.76 4.08
C SER A 140 -28.65 8.24 3.94
N GLU A 141 -29.55 9.07 3.41
CA GLU A 141 -30.92 8.62 3.15
C GLU A 141 -30.97 7.56 2.04
N ASP A 142 -30.00 7.60 1.11
CA ASP A 142 -29.91 6.57 0.07
C ASP A 142 -29.58 5.20 0.65
N LEU A 143 -28.74 5.17 1.68
CA LEU A 143 -28.47 3.94 2.39
C LEU A 143 -29.71 3.49 3.18
N GLN A 144 -30.38 4.42 3.86
CA GLN A 144 -31.65 4.11 4.54
C GLN A 144 -32.61 3.43 3.55
N GLN A 145 -32.71 4.00 2.35
CA GLN A 145 -33.62 3.52 1.31
C GLN A 145 -33.34 2.05 0.94
N VAL A 146 -32.05 1.73 0.80
CA VAL A 146 -31.61 0.39 0.45
C VAL A 146 -31.92 -0.62 1.56
N ILE A 147 -31.63 -0.22 2.80
CA ILE A 147 -31.84 -1.10 3.94
C ILE A 147 -33.34 -1.37 4.10
N ALA A 148 -34.14 -0.32 4.00
CA ALA A 148 -35.60 -0.50 4.03
C ALA A 148 -36.08 -1.46 2.93
N SER A 149 -35.46 -1.41 1.75
CA SER A 149 -35.78 -2.34 0.67
C SER A 149 -35.54 -3.79 1.09
N VAL A 150 -34.40 -4.06 1.72
CA VAL A 150 -34.10 -5.37 2.25
C VAL A 150 -35.18 -5.81 3.25
N LEU A 151 -35.46 -4.96 4.24
CA LEU A 151 -36.42 -5.28 5.30
C LEU A 151 -37.81 -5.51 4.73
N ARG A 152 -38.15 -4.78 3.68
CA ARG A 152 -39.38 -5.00 2.94
C ARG A 152 -39.52 -6.45 2.44
N ASN A 153 -38.50 -6.92 1.70
CA ASN A 153 -38.48 -8.29 1.20
C ASN A 153 -38.54 -9.33 2.32
N LEU A 154 -37.80 -9.09 3.41
CA LEU A 154 -37.78 -10.01 4.54
C LEU A 154 -39.11 -10.09 5.30
N SER A 155 -39.93 -9.05 5.17
CA SER A 155 -41.20 -9.01 5.90
C SER A 155 -42.39 -9.51 5.07
N TRP A 156 -42.12 -9.89 3.82
CA TRP A 156 -43.12 -10.51 2.96
C TRP A 156 -43.04 -12.03 3.08
N ARG A 157 -44.14 -12.63 3.50
CA ARG A 157 -44.24 -14.07 3.75
C ARG A 157 -43.16 -14.55 4.72
N ALA A 158 -42.93 -13.74 5.76
CA ALA A 158 -41.99 -14.10 6.80
C ALA A 158 -42.49 -15.33 7.55
N ASP A 159 -41.59 -16.28 7.77
CA ASP A 159 -41.93 -17.46 8.58
C ASP A 159 -41.84 -17.09 10.06
N VAL A 160 -42.14 -18.04 10.94
CA VAL A 160 -42.29 -17.77 12.37
C VAL A 160 -41.00 -17.21 12.97
N ASN A 161 -39.88 -17.87 12.67
CA ASN A 161 -38.56 -17.43 13.11
C ASN A 161 -38.24 -16.02 12.59
N SER A 162 -38.53 -15.77 11.31
CA SER A 162 -38.20 -14.50 10.69
C SER A 162 -39.03 -13.36 11.29
N LYS A 163 -40.32 -13.62 11.52
CA LYS A 163 -41.20 -12.62 12.15
C LYS A 163 -40.68 -12.25 13.52
N LYS A 164 -40.37 -13.25 14.33
CA LYS A 164 -39.82 -13.07 15.67
C LYS A 164 -38.52 -12.28 15.65
N THR A 165 -37.61 -12.63 14.74
CA THR A 165 -36.33 -11.92 14.61
C THR A 165 -36.53 -10.45 14.25
N LEU A 166 -37.36 -10.17 13.25
CA LEU A 166 -37.65 -8.82 12.80
C LEU A 166 -38.20 -7.98 13.95
N ARG A 167 -39.00 -8.61 14.80
CA ARG A 167 -39.51 -7.95 15.99
C ARG A 167 -38.42 -7.75 17.06
N GLU A 168 -37.61 -8.78 17.30
CA GLU A 168 -36.60 -8.70 18.35
C GLU A 168 -35.46 -7.71 18.08
N VAL A 169 -35.12 -7.50 16.80
CA VAL A 169 -34.10 -6.51 16.45
C VAL A 169 -34.66 -5.09 16.39
N GLY A 170 -35.93 -4.94 16.79
CA GLY A 170 -36.60 -3.65 16.88
C GLY A 170 -36.79 -2.95 15.54
N SER A 171 -36.98 -3.71 14.48
CA SER A 171 -37.12 -3.12 13.14
C SER A 171 -38.40 -2.27 12.97
N VAL A 172 -39.46 -2.59 13.71
CA VAL A 172 -40.71 -1.82 13.54
C VAL A 172 -40.56 -0.38 14.04
N LYS A 173 -40.16 -0.21 15.30
CA LYS A 173 -39.92 1.14 15.83
C LYS A 173 -38.78 1.86 15.09
N ALA A 174 -37.74 1.13 14.71
CA ALA A 174 -36.65 1.73 13.96
C ALA A 174 -37.14 2.33 12.65
N LEU A 175 -37.95 1.59 11.90
CA LEU A 175 -38.48 2.09 10.64
C LEU A 175 -39.49 3.23 10.80
N MET A 176 -40.30 3.17 11.85
CA MET A 176 -41.31 4.22 12.08
C MET A 176 -40.59 5.52 12.43
N GLU A 177 -39.59 5.41 13.30
CA GLU A 177 -38.79 6.58 13.67
C GLU A 177 -37.97 7.12 12.50
N CYS A 178 -37.44 6.21 11.69
CA CYS A 178 -36.77 6.59 10.46
C CYS A 178 -37.71 7.41 9.57
N ALA A 179 -38.94 6.93 9.38
CA ALA A 179 -39.92 7.61 8.52
C ALA A 179 -40.19 9.06 8.92
N LEU A 180 -40.28 9.31 10.23
CA LEU A 180 -40.51 10.66 10.77
C LEU A 180 -39.39 11.64 10.41
N GLU A 181 -38.22 11.11 10.07
CA GLU A 181 -37.04 11.92 9.78
C GLU A 181 -36.68 12.02 8.31
N VAL A 182 -37.29 11.21 7.45
CA VAL A 182 -36.86 11.19 6.03
C VAL A 182 -37.27 12.47 5.28
N LYS A 183 -36.38 12.91 4.40
CA LYS A 183 -36.65 14.09 3.58
C LYS A 183 -36.99 13.70 2.14
N LYS A 184 -36.37 12.64 1.62
CA LYS A 184 -36.51 12.27 0.21
C LYS A 184 -37.67 11.30 0.00
N GLU A 185 -38.44 11.53 -1.05
CA GLU A 185 -39.56 10.67 -1.40
C GLU A 185 -39.12 9.22 -1.62
N SER A 186 -38.04 9.05 -2.39
CA SER A 186 -37.50 7.72 -2.65
C SER A 186 -37.27 6.93 -1.36
N THR A 187 -36.69 7.59 -0.36
CA THR A 187 -36.43 6.93 0.93
C THR A 187 -37.74 6.58 1.65
N LEU A 188 -38.66 7.54 1.73
CA LEU A 188 -39.95 7.32 2.39
C LEU A 188 -40.73 6.17 1.77
N LYS A 189 -40.66 6.05 0.45
CA LYS A 189 -41.36 4.99 -0.26
C LYS A 189 -40.95 3.59 0.25
N SER A 190 -39.64 3.39 0.31
CA SER A 190 -39.05 2.15 0.74
C SER A 190 -39.31 1.88 2.25
N VAL A 191 -39.15 2.90 3.08
CA VAL A 191 -39.42 2.78 4.51
C VAL A 191 -40.88 2.40 4.79
N LEU A 192 -41.82 3.06 4.11
CA LEU A 192 -43.24 2.75 4.30
C LEU A 192 -43.64 1.39 3.74
N SER A 193 -43.05 0.99 2.61
CA SER A 193 -43.31 -0.35 2.07
C SER A 193 -42.96 -1.45 3.08
N ALA A 194 -41.81 -1.30 3.73
CA ALA A 194 -41.36 -2.25 4.74
C ALA A 194 -42.31 -2.25 5.94
N LEU A 195 -42.67 -1.06 6.41
CA LEU A 195 -43.61 -0.94 7.53
C LEU A 195 -44.99 -1.52 7.20
N TRP A 196 -45.40 -1.37 5.94
CA TRP A 196 -46.67 -1.90 5.47
C TRP A 196 -46.74 -3.42 5.70
N ASN A 197 -45.69 -4.14 5.29
CA ASN A 197 -45.60 -5.59 5.50
C ASN A 197 -45.49 -5.92 6.99
N LEU A 198 -44.63 -5.21 7.70
CA LEU A 198 -44.40 -5.51 9.11
C LEU A 198 -45.62 -5.25 9.99
N SER A 199 -46.42 -4.26 9.62
CA SER A 199 -47.63 -3.91 10.41
C SER A 199 -48.66 -5.03 10.36
N ALA A 200 -48.49 -5.94 9.41
CA ALA A 200 -49.42 -7.06 9.23
C ALA A 200 -49.04 -8.32 10.03
N HIS A 201 -47.82 -8.37 10.57
CA HIS A 201 -47.31 -9.59 11.19
C HIS A 201 -48.03 -10.02 12.46
N CYS A 202 -48.41 -9.06 13.30
CA CYS A 202 -49.02 -9.34 14.60
C CYS A 202 -49.50 -8.06 15.27
N THR A 203 -50.31 -8.21 16.31
CA THR A 203 -50.86 -7.08 17.07
C THR A 203 -49.77 -6.25 17.73
N GLU A 204 -48.77 -6.94 18.27
CA GLU A 204 -47.64 -6.29 18.92
C GLU A 204 -46.94 -5.28 17.98
N ASN A 205 -46.75 -5.66 16.72
CA ASN A 205 -46.17 -4.74 15.73
C ASN A 205 -47.05 -3.51 15.49
N LYS A 206 -48.37 -3.73 15.43
CA LYS A 206 -49.32 -2.63 15.30
C LYS A 206 -49.22 -1.71 16.53
N ALA A 207 -49.14 -2.31 17.72
CA ALA A 207 -49.03 -1.52 18.94
C ALA A 207 -47.75 -0.71 18.99
N ASP A 208 -46.64 -1.30 18.52
CA ASP A 208 -45.35 -0.59 18.47
C ASP A 208 -45.40 0.63 17.56
N ILE A 209 -46.06 0.52 16.42
CA ILE A 209 -46.23 1.65 15.50
C ILE A 209 -47.05 2.76 16.18
N CYS A 210 -48.16 2.37 16.80
CA CYS A 210 -49.04 3.34 17.46
C CYS A 210 -48.39 4.01 18.66
N ALA A 211 -47.41 3.32 19.26
CA ALA A 211 -46.76 3.81 20.48
C ALA A 211 -45.64 4.80 20.19
N VAL A 212 -45.20 4.87 18.93
CA VAL A 212 -44.23 5.90 18.53
C VAL A 212 -44.93 7.26 18.52
N ASP A 213 -44.41 8.18 19.34
CA ASP A 213 -44.95 9.52 19.46
C ASP A 213 -44.96 10.22 18.08
N GLY A 214 -46.14 10.70 17.67
CA GLY A 214 -46.29 11.36 16.38
C GLY A 214 -46.50 10.48 15.15
N ALA A 215 -46.39 9.16 15.31
CA ALA A 215 -46.52 8.23 14.18
C ALA A 215 -47.92 8.24 13.54
N LEU A 216 -48.96 8.19 14.36
CA LEU A 216 -50.32 8.20 13.83
C LEU A 216 -50.63 9.46 13.03
N ALA A 217 -50.31 10.63 13.60
CA ALA A 217 -50.50 11.90 12.89
C ALA A 217 -49.70 11.92 11.58
N PHE A 218 -48.47 11.45 11.63
CA PHE A 218 -47.64 11.35 10.44
C PHE A 218 -48.28 10.46 9.37
N LEU A 219 -48.76 9.30 9.77
CA LEU A 219 -49.39 8.37 8.82
C LEU A 219 -50.66 8.96 8.20
N VAL A 220 -51.47 9.66 8.99
CA VAL A 220 -52.65 10.33 8.42
C VAL A 220 -52.18 11.38 7.43
N GLY A 221 -51.07 12.05 7.75
CA GLY A 221 -50.43 13.01 6.84
C GLY A 221 -50.10 12.41 5.48
N THR A 222 -49.62 11.17 5.44
CA THR A 222 -49.26 10.52 4.17
C THR A 222 -50.45 10.31 3.24
N LEU A 223 -51.66 10.31 3.81
CA LEU A 223 -52.88 10.13 3.02
C LEU A 223 -53.09 11.24 1.98
N THR A 224 -52.54 12.43 2.26
CA THR A 224 -52.65 13.57 1.34
C THR A 224 -51.29 14.03 0.84
N TYR A 225 -50.32 13.11 0.84
CA TYR A 225 -48.98 13.38 0.31
C TYR A 225 -49.08 13.88 -1.12
N ARG A 226 -48.23 14.84 -1.47
CA ARG A 226 -48.20 15.39 -2.82
C ARG A 226 -46.88 14.99 -3.48
N SER A 227 -46.92 13.92 -4.26
CA SER A 227 -45.74 13.38 -4.90
C SER A 227 -45.19 14.33 -5.96
N GLN A 228 -43.88 14.55 -5.92
CA GLN A 228 -43.20 15.38 -6.92
C GLN A 228 -43.08 14.59 -8.24
N THR A 229 -42.94 13.27 -8.11
CA THR A 229 -43.06 12.38 -9.27
C THR A 229 -44.54 12.10 -9.54
N ASN A 230 -44.85 11.36 -10.60
CA ASN A 230 -46.24 11.09 -10.90
C ASN A 230 -46.64 9.72 -10.33
N THR A 231 -46.56 9.62 -9.00
CA THR A 231 -46.66 8.34 -8.31
C THR A 231 -47.64 8.40 -7.13
N LEU A 232 -48.27 7.27 -6.81
CA LEU A 232 -49.19 7.18 -5.67
C LEU A 232 -48.67 6.27 -4.56
N ALA A 233 -47.39 5.89 -4.67
CA ALA A 233 -46.75 4.95 -3.76
C ALA A 233 -46.84 5.33 -2.29
N ILE A 234 -46.64 6.62 -1.97
CA ILE A 234 -46.67 7.08 -0.58
C ILE A 234 -48.07 6.93 0.03
N ILE A 235 -49.09 7.34 -0.73
CA ILE A 235 -50.48 7.25 -0.25
C ILE A 235 -50.89 5.78 -0.08
N GLU A 236 -50.51 4.96 -1.08
CA GLU A 236 -50.74 3.51 -1.01
C GLU A 236 -50.12 2.86 0.22
N SER A 237 -48.83 3.06 0.45
CA SER A 237 -48.16 2.39 1.56
C SER A 237 -48.52 3.00 2.92
N GLY A 238 -48.60 4.32 2.98
CA GLY A 238 -49.03 5.03 4.18
C GLY A 238 -50.44 4.63 4.60
N GLY A 239 -51.35 4.67 3.63
CA GLY A 239 -52.73 4.20 3.82
C GLY A 239 -52.81 2.72 4.16
N GLY A 240 -51.88 1.94 3.63
CA GLY A 240 -51.77 0.52 3.92
C GLY A 240 -51.41 0.25 5.37
N ILE A 241 -50.39 0.94 5.87
CA ILE A 241 -50.02 0.84 7.29
C ILE A 241 -51.23 1.26 8.16
N LEU A 242 -51.84 2.39 7.81
CA LEU A 242 -52.99 2.87 8.58
C LEU A 242 -54.11 1.83 8.60
N ARG A 243 -54.42 1.26 7.45
CA ARG A 243 -55.36 0.15 7.37
C ARG A 243 -55.04 -0.99 8.35
N ASN A 244 -53.81 -1.51 8.29
CA ASN A 244 -53.40 -2.59 9.17
C ASN A 244 -53.48 -2.22 10.64
N VAL A 245 -53.07 -1.01 10.97
CA VAL A 245 -52.99 -0.55 12.35
C VAL A 245 -54.37 -0.10 12.92
N SER A 246 -55.33 0.15 12.03
CA SER A 246 -56.63 0.69 12.44
C SER A 246 -57.45 -0.28 13.29
N SER A 247 -57.13 -1.57 13.21
CA SER A 247 -57.77 -2.58 14.07
C SER A 247 -57.53 -2.28 15.55
N LEU A 248 -56.34 -1.75 15.87
CA LEU A 248 -56.01 -1.35 17.24
C LEU A 248 -56.52 0.04 17.58
N ILE A 249 -56.37 0.98 16.63
CA ILE A 249 -56.86 2.34 16.80
C ILE A 249 -58.36 2.35 17.14
N ALA A 250 -59.12 1.45 16.51
CA ALA A 250 -60.57 1.36 16.70
C ALA A 250 -60.97 1.22 18.17
N THR A 251 -60.10 0.59 18.96
CA THR A 251 -60.41 0.34 20.37
C THR A 251 -59.68 1.32 21.31
N ASN A 252 -59.10 2.36 20.72
CA ASN A 252 -58.34 3.35 21.46
C ASN A 252 -58.88 4.77 21.23
N GLU A 253 -59.55 5.32 22.22
CA GLU A 253 -60.15 6.65 22.12
C GLU A 253 -59.13 7.77 21.85
N ASP A 254 -58.04 7.79 22.60
CA ASP A 254 -56.97 8.75 22.38
C ASP A 254 -56.45 8.73 20.92
N HIS A 255 -56.31 7.53 20.38
CA HIS A 255 -55.79 7.39 19.02
C HIS A 255 -56.79 7.76 17.95
N ARG A 256 -58.07 7.44 18.18
CA ARG A 256 -59.16 7.95 17.34
C ARG A 256 -59.13 9.47 17.30
N GLN A 257 -58.89 10.09 18.46
CA GLN A 257 -58.88 11.54 18.57
C GLN A 257 -57.73 12.19 17.77
N ILE A 258 -56.56 11.55 17.79
CA ILE A 258 -55.46 11.97 16.94
C ILE A 258 -55.88 11.96 15.46
N LEU A 259 -56.57 10.89 15.06
CA LEU A 259 -57.09 10.75 13.70
C LEU A 259 -58.07 11.86 13.34
N ARG A 260 -59.02 12.14 14.23
CA ARG A 260 -59.98 13.23 14.04
C ARG A 260 -59.27 14.59 13.87
N GLU A 261 -58.25 14.85 14.70
CA GLU A 261 -57.49 16.09 14.64
C GLU A 261 -56.82 16.27 13.29
N ASN A 262 -56.58 15.16 12.61
CA ASN A 262 -55.90 15.20 11.33
C ASN A 262 -56.83 14.93 10.14
N ASN A 263 -58.14 15.06 10.40
CA ASN A 263 -59.16 14.90 9.37
C ASN A 263 -59.13 13.56 8.63
N CYS A 264 -58.91 12.47 9.38
CA CYS A 264 -58.72 11.15 8.79
C CYS A 264 -59.95 10.61 8.04
N LEU A 265 -61.10 10.61 8.70
CA LEU A 265 -62.34 10.07 8.11
C LEU A 265 -62.66 10.75 6.77
N GLN A 266 -62.60 12.08 6.78
CA GLN A 266 -62.88 12.89 5.60
C GLN A 266 -61.96 12.54 4.42
N THR A 267 -60.67 12.35 4.71
CA THR A 267 -59.69 11.99 3.69
C THR A 267 -59.95 10.56 3.18
N LEU A 268 -60.32 9.66 4.09
CA LEU A 268 -60.63 8.28 3.70
C LEU A 268 -61.79 8.23 2.70
N LEU A 269 -62.80 9.05 2.93
CA LEU A 269 -63.91 9.17 1.99
C LEU A 269 -63.45 9.65 0.61
N GLN A 270 -62.55 10.63 0.58
CA GLN A 270 -61.98 11.11 -0.67
C GLN A 270 -61.23 9.98 -1.40
N HIS A 271 -60.53 9.15 -0.62
CA HIS A 271 -59.85 7.96 -1.14
C HIS A 271 -60.77 6.97 -1.85
N LEU A 272 -62.05 6.93 -1.47
CA LEU A 272 -63.01 6.04 -2.13
C LEU A 272 -63.22 6.41 -3.60
N LYS A 273 -62.84 7.63 -3.98
CA LYS A 273 -62.99 8.12 -5.35
C LYS A 273 -61.73 7.89 -6.18
N SER A 274 -60.69 7.34 -5.55
CA SER A 274 -59.40 7.15 -6.21
C SER A 274 -59.47 6.20 -7.40
N HIS A 275 -58.59 6.41 -8.36
CA HIS A 275 -58.49 5.50 -9.50
C HIS A 275 -57.63 4.29 -9.14
N SER A 276 -56.81 4.43 -8.09
CA SER A 276 -56.01 3.33 -7.57
C SER A 276 -56.87 2.39 -6.73
N LEU A 277 -56.95 1.13 -7.17
CA LEU A 277 -57.69 0.09 -6.43
C LEU A 277 -57.08 -0.17 -5.06
N THR A 278 -55.75 -0.11 -4.96
CA THR A 278 -55.03 -0.24 -3.71
C THR A 278 -55.47 0.81 -2.68
N ILE A 279 -55.55 2.07 -3.12
CA ILE A 279 -56.00 3.16 -2.27
C ILE A 279 -57.45 2.97 -1.81
N VAL A 280 -58.34 2.64 -2.76
CA VAL A 280 -59.76 2.43 -2.44
C VAL A 280 -59.89 1.28 -1.45
N SER A 281 -59.18 0.19 -1.74
CA SER A 281 -59.18 -1.01 -0.91
C SER A 281 -58.68 -0.73 0.52
N ASN A 282 -57.53 -0.06 0.63
CA ASN A 282 -57.02 0.33 1.95
C ASN A 282 -58.02 1.20 2.72
N ALA A 283 -58.61 2.18 2.04
CA ALA A 283 -59.60 3.07 2.64
C ALA A 283 -60.80 2.30 3.16
N CYS A 284 -61.28 1.32 2.37
CA CYS A 284 -62.43 0.51 2.77
C CYS A 284 -62.16 -0.27 4.06
N GLY A 285 -60.97 -0.85 4.15
CA GLY A 285 -60.53 -1.54 5.36
C GLY A 285 -60.47 -0.65 6.58
N THR A 286 -59.87 0.53 6.42
CA THR A 286 -59.75 1.50 7.51
C THR A 286 -61.15 1.94 7.98
N LEU A 287 -62.02 2.28 7.02
CA LEU A 287 -63.39 2.70 7.32
C LEU A 287 -64.19 1.61 8.02
N TRP A 288 -63.99 0.37 7.58
CA TRP A 288 -64.57 -0.81 8.24
C TRP A 288 -64.24 -0.79 9.74
N ASN A 289 -62.95 -0.72 10.08
CA ASN A 289 -62.53 -0.63 11.48
C ASN A 289 -63.05 0.59 12.24
N LEU A 290 -62.88 1.77 11.65
CA LEU A 290 -63.26 3.02 12.32
C LEU A 290 -64.79 3.22 12.46
N SER A 291 -65.56 2.61 11.57
CA SER A 291 -67.03 2.68 11.66
C SER A 291 -67.58 1.71 12.68
N ALA A 292 -66.74 0.83 13.20
CA ALA A 292 -67.17 -0.20 14.15
C ALA A 292 -67.29 0.35 15.57
N ARG A 293 -68.44 0.09 16.19
CA ARG A 293 -68.66 0.33 17.62
C ARG A 293 -68.19 1.69 18.13
N ASN A 294 -68.53 2.75 17.41
CA ASN A 294 -68.16 4.11 17.81
C ASN A 294 -69.21 5.11 17.34
N PRO A 295 -70.16 5.49 18.24
CA PRO A 295 -71.25 6.39 17.84
C PRO A 295 -70.74 7.68 17.20
N LYS A 296 -69.67 8.25 17.77
CA LYS A 296 -69.11 9.51 17.31
C LYS A 296 -68.63 9.47 15.85
N ASP A 297 -67.81 8.47 15.51
CA ASP A 297 -67.31 8.37 14.14
C ASP A 297 -68.37 7.88 13.16
N GLN A 298 -69.30 7.08 13.66
CA GLN A 298 -70.47 6.69 12.87
C GLN A 298 -71.28 7.91 12.45
N GLU A 299 -71.60 8.78 13.40
CA GLU A 299 -72.33 10.03 13.14
C GLU A 299 -71.56 10.93 12.16
N ALA A 300 -70.26 11.06 12.37
CA ALA A 300 -69.42 11.88 11.50
C ALA A 300 -69.50 11.38 10.05
N LEU A 301 -69.38 10.07 9.86
CA LEU A 301 -69.46 9.45 8.53
C LEU A 301 -70.82 9.65 7.85
N TRP A 302 -71.91 9.49 8.61
CA TRP A 302 -73.24 9.81 8.10
C TRP A 302 -73.31 11.24 7.57
N ASP A 303 -72.92 12.20 8.42
CA ASP A 303 -72.90 13.62 8.10
C ASP A 303 -72.05 13.99 6.88
N MET A 304 -71.00 13.22 6.64
CA MET A 304 -70.12 13.45 5.50
C MET A 304 -70.61 12.76 4.23
N GLY A 305 -71.76 12.09 4.34
CA GLY A 305 -72.34 11.36 3.21
C GLY A 305 -71.62 10.07 2.84
N ALA A 306 -71.06 9.39 3.84
CA ALA A 306 -70.33 8.12 3.61
C ALA A 306 -71.23 7.00 3.09
N VAL A 307 -72.48 6.99 3.54
CA VAL A 307 -73.45 5.95 3.17
C VAL A 307 -73.61 5.78 1.64
N SER A 308 -73.85 6.89 0.94
CA SER A 308 -74.06 6.79 -0.51
C SER A 308 -72.77 6.47 -1.26
N MET A 309 -71.64 6.88 -0.68
CA MET A 309 -70.31 6.60 -1.26
C MET A 309 -69.96 5.13 -1.15
N LEU A 310 -70.26 4.55 0.01
CA LEU A 310 -70.03 3.13 0.24
C LEU A 310 -70.96 2.26 -0.61
N LYS A 311 -72.21 2.70 -0.76
CA LYS A 311 -73.17 2.00 -1.62
C LYS A 311 -72.67 1.84 -3.04
N ASN A 312 -71.97 2.86 -3.56
CA ASN A 312 -71.38 2.83 -4.90
C ASN A 312 -70.29 1.79 -5.07
N LEU A 313 -69.84 1.18 -3.96
CA LEU A 313 -68.73 0.25 -4.02
C LEU A 313 -69.07 -1.21 -3.70
N ILE A 314 -70.24 -1.48 -3.14
CA ILE A 314 -70.55 -2.84 -2.69
C ILE A 314 -70.63 -3.90 -3.81
N HIS A 315 -70.94 -3.47 -5.04
CA HIS A 315 -70.99 -4.39 -6.19
C HIS A 315 -69.67 -4.43 -6.98
N SER A 316 -68.57 -4.11 -6.31
CA SER A 316 -67.25 -4.09 -6.96
C SER A 316 -66.75 -5.50 -7.28
N LYS A 317 -66.02 -5.61 -8.39
CA LYS A 317 -65.40 -6.87 -8.83
C LYS A 317 -64.21 -7.24 -7.95
N HIS A 318 -63.66 -6.24 -7.28
CA HIS A 318 -62.49 -6.39 -6.41
CA HIS A 318 -62.51 -6.47 -6.44
C HIS A 318 -62.95 -6.81 -5.02
N LYS A 319 -62.55 -8.00 -4.58
CA LYS A 319 -63.08 -8.62 -3.35
C LYS A 319 -62.89 -7.79 -2.09
N MET A 320 -61.69 -7.26 -1.90
CA MET A 320 -61.40 -6.40 -0.74
C MET A 320 -62.30 -5.18 -0.70
N ILE A 321 -62.48 -4.53 -1.85
CA ILE A 321 -63.33 -3.35 -1.95
C ILE A 321 -64.78 -3.69 -1.65
N ALA A 322 -65.29 -4.75 -2.29
CA ALA A 322 -66.66 -5.20 -2.09
C ALA A 322 -66.93 -5.56 -0.63
N MET A 323 -66.01 -6.31 -0.02
CA MET A 323 -66.15 -6.73 1.37
C MET A 323 -66.05 -5.55 2.34
N GLY A 324 -64.99 -4.76 2.20
CA GLY A 324 -64.75 -3.59 3.06
C GLY A 324 -65.87 -2.56 3.03
N SER A 325 -66.29 -2.18 1.82
CA SER A 325 -67.39 -1.23 1.65
C SER A 325 -68.67 -1.74 2.30
N ALA A 326 -69.02 -2.99 2.05
CA ALA A 326 -70.24 -3.59 2.62
C ALA A 326 -70.19 -3.64 4.14
N ALA A 327 -69.03 -4.01 4.68
CA ALA A 327 -68.83 -4.07 6.13
C ALA A 327 -68.97 -2.71 6.80
N ALA A 328 -68.33 -1.70 6.22
CA ALA A 328 -68.44 -0.33 6.71
C ALA A 328 -69.87 0.21 6.60
N LEU A 329 -70.50 -0.07 5.45
CA LEU A 329 -71.89 0.35 5.23
C LEU A 329 -72.83 -0.29 6.25
N ARG A 330 -72.62 -1.57 6.52
CA ARG A 330 -73.36 -2.32 7.53
C ARG A 330 -73.30 -1.60 8.89
N ASN A 331 -72.08 -1.25 9.31
CA ASN A 331 -71.86 -0.52 10.56
C ASN A 331 -72.65 0.78 10.65
N LEU A 332 -72.63 1.55 9.57
CA LEU A 332 -73.39 2.79 9.49
C LEU A 332 -74.90 2.55 9.47
N MET A 333 -75.35 1.59 8.65
CA MET A 333 -76.78 1.29 8.51
C MET A 333 -77.40 0.85 9.82
N ALA A 334 -76.64 0.05 10.59
CA ALA A 334 -77.09 -0.45 11.88
C ALA A 334 -77.05 0.62 12.98
N ASN A 335 -76.47 1.78 12.67
CA ASN A 335 -76.30 2.85 13.66
C ASN A 335 -76.66 4.21 13.08
N ARG A 336 -77.90 4.35 12.65
CA ARG A 336 -78.40 5.60 12.08
C ARG A 336 -78.65 6.60 13.21
N PRO A 337 -78.10 7.82 13.07
CA PRO A 337 -78.38 8.93 14.00
C PRO A 337 -79.85 9.33 13.91
N ALA A 338 -80.35 10.05 14.92
CA ALA A 338 -81.74 10.52 14.94
C ALA A 338 -82.19 11.17 13.62
N LYS A 339 -81.21 11.64 12.84
CA LYS A 339 -81.40 12.29 11.54
C LYS A 339 -82.24 13.56 11.63
N HIS B 4 16.74 11.30 -95.97
CA HIS B 4 16.41 10.43 -94.89
C HIS B 4 15.68 11.06 -93.75
N HIS B 5 14.83 10.30 -93.09
CA HIS B 5 13.74 10.82 -92.28
C HIS B 5 14.23 11.74 -91.21
N HIS B 6 15.34 11.37 -90.58
CA HIS B 6 15.89 12.11 -89.47
C HIS B 6 17.10 12.93 -89.83
N HIS B 7 17.18 13.44 -91.05
CA HIS B 7 18.38 14.10 -91.49
C HIS B 7 18.75 15.27 -90.62
N HIS B 8 17.79 16.07 -90.18
CA HIS B 8 18.15 17.19 -89.32
C HIS B 8 18.84 16.76 -88.02
N MET B 9 18.24 15.79 -87.34
CA MET B 9 18.76 15.32 -86.08
C MET B 9 20.13 14.71 -86.27
N LEU B 10 20.24 13.92 -87.30
CA LEU B 10 21.49 13.27 -87.64
C LEU B 10 22.60 14.32 -87.85
N HIS B 11 22.30 15.38 -88.61
CA HIS B 11 23.28 16.46 -88.80
C HIS B 11 23.74 17.06 -87.47
N LEU B 12 22.78 17.40 -86.61
CA LEU B 12 23.08 17.98 -85.30
C LEU B 12 24.01 17.12 -84.47
N LEU B 13 23.72 15.81 -84.41
CA LEU B 13 24.52 14.90 -83.60
C LEU B 13 25.90 14.66 -84.19
N GLU B 14 25.97 14.53 -85.52
CA GLU B 14 27.26 14.40 -86.22
C GLU B 14 28.12 15.64 -86.03
N GLN B 15 27.47 16.81 -86.04
CA GLN B 15 28.15 18.09 -85.83
C GLN B 15 28.84 18.14 -84.45
N ILE B 16 28.13 17.81 -83.39
CA ILE B 16 28.72 17.86 -82.05
C ILE B 16 29.76 16.75 -81.83
N ARG B 17 29.55 15.59 -82.46
CA ARG B 17 30.54 14.52 -82.43
C ARG B 17 31.82 14.91 -83.16
N ALA B 18 31.69 15.50 -84.35
CA ALA B 18 32.86 15.95 -85.10
C ALA B 18 33.63 17.02 -84.29
N TYR B 19 32.91 17.90 -83.62
CA TYR B 19 33.59 18.90 -82.77
C TYR B 19 34.40 18.23 -81.65
N CYS B 20 33.82 17.20 -81.01
CA CYS B 20 34.55 16.46 -79.99
C CYS B 20 35.79 15.76 -80.54
N GLU B 21 35.71 15.27 -81.78
CA GLU B 21 36.89 14.68 -82.44
C GLU B 21 37.97 15.74 -82.64
N THR B 22 37.55 16.93 -83.05
CA THR B 22 38.44 18.06 -83.33
C THR B 22 39.25 18.43 -82.06
N CYS B 23 38.54 18.45 -80.92
CA CYS B 23 39.15 18.71 -79.62
C CYS B 23 40.09 17.58 -79.19
N TRP B 24 39.67 16.33 -79.41
CA TRP B 24 40.51 15.18 -79.14
C TRP B 24 41.80 15.26 -79.96
N GLU B 25 41.67 15.61 -81.22
CA GLU B 25 42.79 15.74 -82.14
C GLU B 25 43.79 16.81 -81.66
N TRP B 26 43.25 17.95 -81.25
CA TRP B 26 44.05 19.02 -80.64
C TRP B 26 44.82 18.50 -79.42
N GLN B 27 44.12 17.80 -78.52
CA GLN B 27 44.73 17.22 -77.32
C GLN B 27 45.85 16.26 -77.69
N GLU B 28 45.66 15.44 -78.72
CA GLU B 28 46.63 14.40 -79.07
C GLU B 28 47.76 14.89 -79.97
N ALA B 29 47.65 16.14 -80.43
CA ALA B 29 48.67 16.75 -81.28
C ALA B 29 49.67 17.66 -80.54
N HIS B 30 49.68 17.60 -79.22
CA HIS B 30 50.67 18.32 -78.40
C HIS B 30 52.02 17.62 -78.45
N GLU B 31 52.77 17.90 -79.50
CA GLU B 31 54.02 17.25 -79.80
C GLU B 31 55.10 18.33 -79.94
N PRO B 32 56.39 17.98 -79.74
CA PRO B 32 57.47 18.95 -79.91
C PRO B 32 57.36 19.74 -81.20
N GLY B 33 57.44 21.07 -81.10
CA GLY B 33 57.35 21.94 -82.27
C GLY B 33 55.93 22.31 -82.69
N MET B 34 54.93 21.69 -82.07
CA MET B 34 53.53 22.04 -82.35
C MET B 34 53.10 23.20 -81.45
N ASP B 35 53.50 24.41 -81.85
CA ASP B 35 53.11 25.62 -81.14
C ASP B 35 51.61 25.86 -81.32
N GLN B 36 51.11 26.97 -80.76
CA GLN B 36 49.68 27.29 -80.81
C GLN B 36 49.17 27.66 -82.22
N ASP B 37 50.07 28.07 -83.12
CA ASP B 37 49.64 28.42 -84.46
C ASP B 37 49.43 27.20 -85.34
N LYS B 38 50.21 26.16 -85.09
CA LYS B 38 50.05 24.91 -85.78
C LYS B 38 48.93 24.04 -85.20
N ASN B 39 48.73 24.14 -83.88
CA ASN B 39 47.79 23.33 -83.13
C ASN B 39 46.92 24.19 -82.21
N PRO B 40 46.05 25.02 -82.92
CA PRO B 40 45.29 25.92 -82.06
C PRO B 40 44.17 25.21 -81.31
N MET B 41 43.91 25.67 -80.11
CA MET B 41 42.85 25.15 -79.28
C MET B 41 41.50 25.46 -79.95
N PRO B 42 40.66 24.44 -80.17
CA PRO B 42 39.37 24.73 -80.82
C PRO B 42 38.45 25.52 -79.90
N ALA B 43 37.61 26.35 -80.51
CA ALA B 43 36.61 27.10 -79.78
C ALA B 43 35.24 26.76 -80.36
N PRO B 44 34.24 26.56 -79.49
CA PRO B 44 32.96 26.04 -79.98
C PRO B 44 32.26 26.94 -81.02
N VAL B 45 32.41 28.26 -80.90
CA VAL B 45 31.91 29.21 -81.91
C VAL B 45 32.35 28.86 -83.34
N GLU B 46 33.54 28.27 -83.48
CA GLU B 46 34.11 27.97 -84.79
C GLU B 46 33.33 26.86 -85.48
N HIS B 47 32.55 26.12 -84.70
CA HIS B 47 31.80 25.00 -85.23
C HIS B 47 30.30 25.10 -84.95
N GLN B 48 29.82 26.32 -84.77
CA GLN B 48 28.38 26.60 -84.61
C GLN B 48 27.74 25.68 -83.55
N ILE B 49 28.43 25.52 -82.43
CA ILE B 49 28.03 24.56 -81.41
C ILE B 49 26.81 25.01 -80.59
N CYS B 50 26.76 26.29 -80.24
CA CYS B 50 25.65 26.80 -79.44
C CYS B 50 24.31 26.67 -80.17
N PRO B 51 24.23 27.06 -81.47
CA PRO B 51 22.99 26.77 -82.20
C PRO B 51 22.64 25.28 -82.25
N ALA B 52 23.65 24.41 -82.39
CA ALA B 52 23.44 22.97 -82.46
C ALA B 52 22.76 22.43 -81.19
N VAL B 53 23.30 22.77 -80.02
CA VAL B 53 22.72 22.28 -78.78
C VAL B 53 21.39 22.98 -78.46
N CYS B 54 21.23 24.21 -78.95
CA CYS B 54 19.97 24.93 -78.82
C CYS B 54 18.85 24.15 -79.49
N VAL B 55 19.09 23.77 -80.76
CA VAL B 55 18.09 23.01 -81.50
C VAL B 55 17.82 21.63 -80.88
N LEU B 56 18.88 20.91 -80.51
CA LEU B 56 18.73 19.63 -79.82
C LEU B 56 17.92 19.78 -78.52
N MET B 57 18.18 20.84 -77.76
CA MET B 57 17.42 21.15 -76.54
C MET B 57 15.93 21.29 -76.89
N LYS B 58 15.63 22.03 -77.95
CA LYS B 58 14.24 22.26 -78.36
C LYS B 58 13.56 20.95 -78.77
N LEU B 59 14.26 20.13 -79.57
CA LEU B 59 13.76 18.84 -80.01
C LEU B 59 13.53 17.87 -78.83
N SER B 60 14.41 17.90 -77.83
CA SER B 60 14.33 16.99 -76.68
C SER B 60 13.04 17.14 -75.83
N PHE B 61 12.31 18.24 -76.00
CA PHE B 61 11.04 18.42 -75.28
C PHE B 61 9.94 17.53 -75.84
N ASP B 62 10.13 17.07 -77.07
CA ASP B 62 9.14 16.22 -77.72
C ASP B 62 9.49 14.73 -77.60
N GLU B 63 8.49 13.95 -77.17
CA GLU B 63 8.63 12.52 -76.94
C GLU B 63 9.10 11.74 -78.16
N GLU B 64 8.49 11.98 -79.31
CA GLU B 64 8.89 11.32 -80.55
C GLU B 64 10.33 11.64 -80.93
N HIS B 65 10.73 12.91 -80.78
CA HIS B 65 12.11 13.31 -81.08
C HIS B 65 13.13 12.70 -80.12
N ARG B 66 12.75 12.55 -78.85
CA ARG B 66 13.61 11.92 -77.85
C ARG B 66 13.89 10.48 -78.24
N HIS B 67 12.85 9.75 -78.63
CA HIS B 67 12.98 8.38 -79.08
C HIS B 67 13.97 8.28 -80.27
N ALA B 68 13.82 9.20 -81.22
CA ALA B 68 14.74 9.29 -82.37
C ALA B 68 16.16 9.63 -81.90
N MET B 69 16.27 10.58 -80.99
CA MET B 69 17.54 11.00 -80.41
C MET B 69 18.26 9.85 -79.72
N ASN B 70 17.49 9.06 -78.96
CA ASN B 70 18.00 7.88 -78.28
C ASN B 70 18.46 6.78 -79.25
N GLU B 71 17.74 6.61 -80.35
CA GLU B 71 18.19 5.67 -81.39
C GLU B 71 19.54 6.06 -81.99
N LEU B 72 19.83 7.36 -82.03
CA LEU B 72 21.05 7.86 -82.65
C LEU B 72 22.19 8.12 -81.65
N GLY B 73 21.99 7.71 -80.40
CA GLY B 73 23.00 7.92 -79.36
C GLY B 73 23.13 9.37 -78.92
N GLY B 74 22.02 10.08 -78.89
CA GLY B 74 22.00 11.50 -78.54
C GLY B 74 22.49 11.84 -77.14
N LEU B 75 22.10 11.06 -76.14
CA LEU B 75 22.50 11.34 -74.76
C LEU B 75 24.03 11.34 -74.63
N GLN B 76 24.66 10.28 -75.13
CA GLN B 76 26.12 10.19 -75.04
C GLN B 76 26.80 11.34 -75.78
N ALA B 77 26.31 11.70 -76.97
CA ALA B 77 26.95 12.76 -77.76
C ALA B 77 26.86 14.11 -77.06
N ILE B 78 25.66 14.47 -76.61
CA ILE B 78 25.43 15.71 -75.87
C ILE B 78 26.25 15.78 -74.57
N ALA B 79 26.35 14.66 -73.87
CA ALA B 79 27.09 14.60 -72.60
C ALA B 79 28.60 14.75 -72.83
N GLU B 80 29.11 14.12 -73.89
CA GLU B 80 30.54 14.22 -74.22
C GLU B 80 30.91 15.63 -74.65
N LEU B 81 30.05 16.27 -75.43
CA LEU B 81 30.24 17.67 -75.82
C LEU B 81 30.27 18.59 -74.58
N LEU B 82 29.33 18.39 -73.66
CA LEU B 82 29.31 19.16 -72.40
C LEU B 82 30.61 18.93 -71.63
N GLN B 83 30.98 17.67 -71.44
CA GLN B 83 32.24 17.31 -70.81
C GLN B 83 33.45 17.99 -71.46
N VAL B 84 33.57 17.85 -72.79
CA VAL B 84 34.71 18.41 -73.53
C VAL B 84 34.87 19.92 -73.26
N ASP B 85 33.78 20.68 -73.39
CA ASP B 85 33.86 22.12 -73.16
C ASP B 85 34.20 22.47 -71.70
N CYS B 86 33.60 21.76 -70.74
CA CYS B 86 33.91 22.00 -69.31
C CYS B 86 35.37 21.74 -68.97
N GLU B 87 35.95 20.67 -69.53
CA GLU B 87 37.34 20.30 -69.28
C GLU B 87 38.33 21.25 -69.98
N MET B 88 38.03 21.64 -71.20
CA MET B 88 38.93 22.51 -71.98
C MET B 88 39.01 23.92 -71.41
N TYR B 89 37.86 24.51 -71.13
CA TYR B 89 37.79 25.92 -70.81
C TYR B 89 37.50 26.21 -69.34
N GLY B 90 37.21 25.17 -68.57
CA GLY B 90 37.02 25.31 -67.13
C GLY B 90 35.81 26.16 -66.80
N LEU B 91 35.83 26.76 -65.63
CA LEU B 91 34.74 27.61 -65.18
C LEU B 91 34.88 29.04 -65.73
N THR B 92 34.63 29.20 -67.04
CA THR B 92 34.68 30.52 -67.71
C THR B 92 33.39 31.29 -67.52
N ASN B 93 33.47 32.61 -67.58
CA ASN B 93 32.31 33.47 -67.68
C ASN B 93 31.87 33.77 -69.13
N ASP B 94 32.60 33.20 -70.08
CA ASP B 94 32.31 33.33 -71.50
C ASP B 94 30.85 32.96 -71.79
N HIS B 95 30.06 33.94 -72.24
CA HIS B 95 28.62 33.76 -72.45
C HIS B 95 28.29 32.66 -73.45
N TYR B 96 29.09 32.57 -74.52
CA TYR B 96 28.93 31.51 -75.50
C TYR B 96 29.03 30.15 -74.81
N SER B 97 30.07 29.99 -73.99
CA SER B 97 30.30 28.73 -73.30
C SER B 97 29.19 28.41 -72.30
N ILE B 98 28.80 29.38 -71.50
CA ILE B 98 27.73 29.18 -70.50
C ILE B 98 26.41 28.79 -71.18
N THR B 99 26.10 29.45 -72.29
CA THR B 99 24.86 29.21 -73.01
C THR B 99 24.83 27.77 -73.55
N LEU B 100 25.92 27.34 -74.20
CA LEU B 100 25.96 26.00 -74.77
C LEU B 100 25.89 24.94 -73.67
N ARG B 101 26.50 25.21 -72.52
CA ARG B 101 26.45 24.29 -71.41
C ARG B 101 25.02 24.20 -70.86
N ARG B 102 24.34 25.33 -70.77
CA ARG B 102 22.93 25.35 -70.36
C ARG B 102 22.05 24.53 -71.30
N TYR B 103 22.16 24.79 -72.60
CA TYR B 103 21.35 24.07 -73.57
C TYR B 103 21.60 22.57 -73.54
N ALA B 104 22.88 22.17 -73.43
CA ALA B 104 23.24 20.76 -73.37
C ALA B 104 22.67 20.10 -72.11
N GLY B 105 22.79 20.79 -70.97
CA GLY B 105 22.22 20.28 -69.71
C GLY B 105 20.71 20.16 -69.75
N MET B 106 20.04 21.12 -70.38
CA MET B 106 18.58 21.05 -70.59
C MET B 106 18.18 19.81 -71.39
N ALA B 107 18.89 19.53 -72.48
CA ALA B 107 18.64 18.33 -73.27
C ALA B 107 18.84 17.07 -72.43
N LEU B 108 19.96 17.01 -71.70
CA LEU B 108 20.24 15.91 -70.79
C LEU B 108 19.14 15.71 -69.74
N THR B 109 18.63 16.81 -69.18
CA THR B 109 17.48 16.71 -68.26
C THR B 109 16.31 16.05 -68.97
N ASN B 110 16.00 16.54 -70.18
CA ASN B 110 14.89 15.99 -70.94
C ASN B 110 15.07 14.52 -71.30
N LEU B 111 16.30 14.14 -71.64
CA LEU B 111 16.61 12.77 -72.04
C LEU B 111 16.69 11.79 -70.87
N THR B 112 16.81 12.31 -69.65
CA THR B 112 16.86 11.43 -68.49
C THR B 112 15.50 11.27 -67.83
N PHE B 113 14.55 12.14 -68.16
CA PHE B 113 13.18 12.05 -67.62
C PHE B 113 12.55 10.69 -67.91
N GLY B 114 12.24 9.97 -66.82
CA GLY B 114 11.57 8.66 -66.91
C GLY B 114 12.32 7.58 -67.67
N ASP B 115 13.61 7.81 -67.92
CA ASP B 115 14.40 6.92 -68.78
C ASP B 115 15.49 6.18 -68.01
N VAL B 116 15.20 4.93 -67.68
CA VAL B 116 16.07 4.06 -66.90
C VAL B 116 17.47 3.95 -67.51
N ALA B 117 17.53 3.61 -68.80
CA ALA B 117 18.81 3.38 -69.47
C ALA B 117 19.66 4.64 -69.54
N ASN B 118 19.04 5.78 -69.87
CA ASN B 118 19.78 7.04 -69.99
C ASN B 118 20.36 7.54 -68.67
N LYS B 119 19.62 7.36 -67.58
CA LYS B 119 20.11 7.72 -66.24
C LYS B 119 21.36 6.91 -65.91
N ALA B 120 21.31 5.60 -66.17
CA ALA B 120 22.43 4.70 -65.92
C ALA B 120 23.63 5.02 -66.81
N THR B 121 23.38 5.30 -68.09
CA THR B 121 24.44 5.66 -69.04
C THR B 121 25.17 6.94 -68.60
N LEU B 122 24.40 7.99 -68.32
CA LEU B 122 24.99 9.27 -67.90
C LEU B 122 25.84 9.15 -66.63
N CYS B 123 25.31 8.48 -65.60
CA CYS B 123 26.11 8.21 -64.40
C CYS B 123 27.39 7.41 -64.65
N SER B 124 27.36 6.49 -65.63
CA SER B 124 28.56 5.71 -65.98
C SER B 124 29.63 6.52 -66.72
N MET B 125 29.28 7.72 -67.17
CA MET B 125 30.24 8.60 -67.82
C MET B 125 30.90 9.49 -66.77
N LYS B 126 31.96 8.94 -66.15
CA LYS B 126 32.55 9.50 -64.92
C LYS B 126 33.11 10.91 -65.11
N GLY B 127 33.86 11.09 -66.19
CA GLY B 127 34.39 12.42 -66.57
C GLY B 127 33.29 13.47 -66.73
N CYS B 128 32.23 13.11 -67.45
CA CYS B 128 31.07 13.99 -67.58
C CYS B 128 30.42 14.29 -66.24
N MET B 129 30.25 13.27 -65.40
CA MET B 129 29.66 13.45 -64.06
C MET B 129 30.49 14.41 -63.21
N ARG B 130 31.82 14.27 -63.27
CA ARG B 130 32.72 15.18 -62.60
C ARG B 130 32.56 16.62 -63.10
N ALA B 131 32.47 16.79 -64.42
CA ALA B 131 32.25 18.10 -65.02
C ALA B 131 30.91 18.72 -64.58
N LEU B 132 29.86 17.92 -64.55
CA LEU B 132 28.55 18.40 -64.11
C LEU B 132 28.62 18.97 -62.69
N VAL B 133 29.21 18.22 -61.76
CA VAL B 133 29.36 18.67 -60.38
C VAL B 133 30.19 19.96 -60.26
N ALA B 134 31.28 20.06 -61.00
CA ALA B 134 32.07 21.29 -61.05
C ALA B 134 31.27 22.54 -61.46
N GLN B 135 30.33 22.41 -62.40
CA GLN B 135 29.51 23.54 -62.85
C GLN B 135 28.66 24.17 -61.74
N LEU B 136 28.46 23.45 -60.63
CA LEU B 136 27.74 24.01 -59.48
C LEU B 136 28.42 25.22 -58.87
N LYS B 137 29.73 25.34 -59.12
CA LYS B 137 30.51 26.49 -58.68
C LYS B 137 30.59 27.62 -59.72
N SER B 138 29.88 27.47 -60.84
CA SER B 138 29.84 28.49 -61.88
C SER B 138 29.26 29.80 -61.35
N GLU B 139 29.79 30.90 -61.84
CA GLU B 139 29.26 32.23 -61.58
C GLU B 139 27.81 32.34 -62.08
N SER B 140 27.48 31.58 -63.12
CA SER B 140 26.12 31.55 -63.67
C SER B 140 25.19 30.69 -62.82
N GLU B 141 24.29 31.33 -62.07
CA GLU B 141 23.25 30.60 -61.34
C GLU B 141 22.26 29.89 -62.27
N ASP B 142 22.05 30.44 -63.47
CA ASP B 142 21.21 29.76 -64.46
C ASP B 142 21.82 28.43 -64.89
N LEU B 143 23.15 28.42 -65.03
CA LEU B 143 23.85 27.17 -65.31
C LEU B 143 23.78 26.22 -64.11
N GLN B 144 23.91 26.75 -62.90
CA GLN B 144 23.75 25.93 -61.68
C GLN B 144 22.38 25.25 -61.68
N GLN B 145 21.35 26.03 -62.02
CA GLN B 145 19.97 25.57 -62.00
C GLN B 145 19.78 24.38 -62.95
N VAL B 146 20.39 24.48 -64.13
CA VAL B 146 20.33 23.44 -65.16
C VAL B 146 21.04 22.16 -64.71
N ILE B 147 22.26 22.30 -64.21
CA ILE B 147 23.03 21.15 -63.74
C ILE B 147 22.30 20.43 -62.60
N ALA B 148 21.77 21.20 -61.65
CA ALA B 148 20.96 20.63 -60.56
C ALA B 148 19.74 19.86 -61.11
N SER B 149 19.13 20.36 -62.20
CA SER B 149 18.03 19.67 -62.85
C SER B 149 18.44 18.29 -63.38
N VAL B 150 19.64 18.21 -63.96
CA VAL B 150 20.19 16.92 -64.37
C VAL B 150 20.40 16.00 -63.17
N LEU B 151 21.02 16.50 -62.11
CA LEU B 151 21.30 15.67 -60.92
C LEU B 151 20.02 15.21 -60.22
N ARG B 152 18.98 16.05 -60.24
CA ARG B 152 17.64 15.65 -59.81
C ARG B 152 17.16 14.38 -60.54
N ASN B 153 17.19 14.41 -61.88
CA ASN B 153 16.73 13.27 -62.66
C ASN B 153 17.57 12.03 -62.39
N LEU B 154 18.90 12.21 -62.34
CA LEU B 154 19.80 11.08 -62.08
C LEU B 154 19.63 10.44 -60.70
N SER B 155 19.11 11.19 -59.73
CA SER B 155 18.98 10.66 -58.38
C SER B 155 17.61 10.07 -58.09
N TRP B 156 16.70 10.16 -59.07
CA TRP B 156 15.41 9.51 -58.98
C TRP B 156 15.53 8.09 -59.52
N ARG B 157 15.21 7.12 -58.67
CA ARG B 157 15.29 5.70 -59.01
C ARG B 157 16.68 5.28 -59.51
N ALA B 158 17.70 5.80 -58.84
CA ALA B 158 19.07 5.50 -59.19
C ALA B 158 19.38 4.04 -58.86
N ASP B 159 20.00 3.33 -59.80
CA ASP B 159 20.47 1.97 -59.53
C ASP B 159 21.72 2.04 -58.65
N VAL B 160 22.28 0.91 -58.25
CA VAL B 160 23.38 0.96 -57.26
C VAL B 160 24.66 1.56 -57.85
N ASN B 161 24.93 1.31 -59.12
CA ASN B 161 26.07 1.91 -59.81
C ASN B 161 25.96 3.43 -59.80
N SER B 162 24.75 3.91 -60.09
CA SER B 162 24.49 5.33 -60.20
C SER B 162 24.52 6.01 -58.82
N LYS B 163 23.94 5.36 -57.81
CA LYS B 163 23.98 5.89 -56.44
C LYS B 163 25.43 6.04 -55.98
N LYS B 164 26.23 5.01 -56.23
CA LYS B 164 27.65 5.01 -55.92
C LYS B 164 28.38 6.15 -56.61
N THR B 165 28.18 6.30 -57.93
CA THR B 165 28.86 7.35 -58.69
C THR B 165 28.48 8.74 -58.20
N LEU B 166 27.19 8.97 -57.98
CA LEU B 166 26.69 10.24 -57.43
C LEU B 166 27.37 10.60 -56.10
N ARG B 167 27.61 9.59 -55.27
CA ARG B 167 28.38 9.79 -54.04
C ARG B 167 29.85 10.09 -54.30
N GLU B 168 30.48 9.27 -55.13
CA GLU B 168 31.91 9.36 -55.38
C GLU B 168 32.35 10.66 -56.06
N VAL B 169 31.49 11.25 -56.88
CA VAL B 169 31.80 12.55 -57.51
C VAL B 169 31.48 13.74 -56.58
N GLY B 170 31.02 13.43 -55.38
CA GLY B 170 30.78 14.44 -54.34
C GLY B 170 29.59 15.34 -54.57
N SER B 171 28.58 14.85 -55.28
CA SER B 171 27.41 15.65 -55.64
C SER B 171 26.60 16.16 -54.43
N VAL B 172 26.60 15.41 -53.33
CA VAL B 172 25.76 15.79 -52.18
C VAL B 172 26.30 17.05 -51.50
N LYS B 173 27.58 17.03 -51.14
CA LYS B 173 28.24 18.19 -50.57
C LYS B 173 28.30 19.35 -51.56
N ALA B 174 28.58 19.02 -52.83
CA ALA B 174 28.59 20.05 -53.85
C ALA B 174 27.25 20.77 -53.93
N LEU B 175 26.15 20.04 -53.88
CA LEU B 175 24.82 20.66 -53.95
C LEU B 175 24.42 21.42 -52.69
N MET B 176 24.77 20.87 -51.52
CA MET B 176 24.48 21.55 -50.25
C MET B 176 25.27 22.85 -50.14
N GLU B 177 26.58 22.79 -50.45
CA GLU B 177 27.42 24.00 -50.52
C GLU B 177 26.87 24.99 -51.55
N CYS B 178 26.42 24.48 -52.69
CA CYS B 178 25.78 25.32 -53.71
C CYS B 178 24.56 26.05 -53.16
N ALA B 179 23.68 25.32 -52.48
CA ALA B 179 22.43 25.88 -51.95
C ALA B 179 22.68 27.07 -51.04
N LEU B 180 23.74 27.01 -50.25
CA LEU B 180 24.07 28.05 -49.27
C LEU B 180 24.47 29.37 -49.94
N GLU B 181 24.94 29.29 -51.18
CA GLU B 181 25.38 30.45 -51.95
C GLU B 181 24.36 31.00 -52.95
N VAL B 182 23.26 30.28 -53.20
CA VAL B 182 22.34 30.72 -54.29
C VAL B 182 21.53 31.95 -53.90
N LYS B 183 21.35 32.83 -54.89
CA LYS B 183 20.52 34.05 -54.70
C LYS B 183 19.13 33.90 -55.34
N LYS B 184 19.05 33.23 -56.49
CA LYS B 184 17.80 33.12 -57.25
C LYS B 184 16.93 31.95 -56.79
N GLU B 185 15.64 32.21 -56.59
CA GLU B 185 14.67 31.18 -56.22
C GLU B 185 14.70 30.00 -57.19
N SER B 186 14.66 30.30 -58.49
CA SER B 186 14.67 29.27 -59.52
C SER B 186 15.85 28.32 -59.33
N THR B 187 17.02 28.88 -59.06
CA THR B 187 18.20 28.05 -58.83
C THR B 187 18.03 27.19 -57.57
N LEU B 188 17.54 27.80 -56.48
CA LEU B 188 17.36 27.08 -55.22
C LEU B 188 16.38 25.90 -55.36
N LYS B 189 15.29 26.10 -56.11
CA LYS B 189 14.30 25.06 -56.35
C LYS B 189 14.93 23.79 -56.93
N SER B 190 15.73 23.97 -57.94
CA SER B 190 16.32 22.87 -58.66
C SER B 190 17.42 22.20 -57.79
N VAL B 191 18.22 23.01 -57.12
CA VAL B 191 19.25 22.50 -56.20
C VAL B 191 18.65 21.67 -55.04
N LEU B 192 17.59 22.18 -54.40
CA LEU B 192 16.96 21.45 -53.29
C LEU B 192 16.24 20.19 -53.75
N SER B 193 15.61 20.25 -54.93
CA SER B 193 14.95 19.07 -55.48
C SER B 193 15.93 17.93 -55.69
N ALA B 194 17.13 18.28 -56.18
CA ALA B 194 18.19 17.28 -56.38
C ALA B 194 18.62 16.72 -55.03
N LEU B 195 18.78 17.59 -54.03
CA LEU B 195 19.20 17.14 -52.70
C LEU B 195 18.13 16.28 -52.03
N TRP B 196 16.88 16.59 -52.30
CA TRP B 196 15.75 15.86 -51.77
C TRP B 196 15.85 14.38 -52.14
N ASN B 197 16.08 14.11 -53.43
CA ASN B 197 16.26 12.74 -53.93
C ASN B 197 17.51 12.11 -53.34
N LEU B 198 18.63 12.84 -53.36
CA LEU B 198 19.91 12.29 -52.92
C LEU B 198 19.95 11.96 -51.43
N SER B 199 19.23 12.74 -50.63
CA SER B 199 19.20 12.56 -49.18
C SER B 199 18.52 11.24 -48.81
N ALA B 200 17.82 10.66 -49.77
CA ALA B 200 17.10 9.41 -49.57
C ALA B 200 17.93 8.16 -49.89
N HIS B 201 19.05 8.34 -50.60
CA HIS B 201 19.82 7.21 -51.12
C HIS B 201 20.43 6.29 -50.06
N CYS B 202 20.98 6.87 -49.00
CA CYS B 202 21.66 6.10 -47.96
C CYS B 202 21.91 7.01 -46.76
N THR B 203 22.27 6.41 -45.63
CA THR B 203 22.54 7.20 -44.44
C THR B 203 23.80 8.07 -44.60
N GLU B 204 24.79 7.57 -45.33
CA GLU B 204 26.01 8.33 -45.63
C GLU B 204 25.73 9.68 -46.30
N ASN B 205 24.78 9.69 -47.24
CA ASN B 205 24.33 10.94 -47.87
C ASN B 205 23.66 11.90 -46.88
N LYS B 206 22.86 11.36 -45.96
CA LYS B 206 22.24 12.17 -44.91
C LYS B 206 23.32 12.78 -44.02
N ALA B 207 24.33 11.97 -43.70
CA ALA B 207 25.45 12.39 -42.87
C ALA B 207 26.25 13.51 -43.53
N ASP B 208 26.48 13.39 -44.83
CA ASP B 208 27.24 14.40 -45.59
C ASP B 208 26.52 15.75 -45.58
N ILE B 209 25.19 15.72 -45.72
CA ILE B 209 24.36 16.91 -45.62
C ILE B 209 24.50 17.55 -44.22
N CYS B 210 24.31 16.75 -43.18
CA CYS B 210 24.41 17.25 -41.81
C CYS B 210 25.81 17.77 -41.47
N ALA B 211 26.83 17.26 -42.16
CA ALA B 211 28.22 17.63 -41.88
C ALA B 211 28.65 18.93 -42.57
N VAL B 212 27.83 19.44 -43.50
CA VAL B 212 28.11 20.74 -44.11
C VAL B 212 27.80 21.85 -43.09
N ASP B 213 28.80 22.67 -42.79
CA ASP B 213 28.67 23.73 -41.77
C ASP B 213 27.54 24.68 -42.17
N GLY B 214 26.56 24.84 -41.29
CA GLY B 214 25.43 25.74 -41.53
C GLY B 214 24.26 25.18 -42.32
N ALA B 215 24.40 23.96 -42.84
CA ALA B 215 23.36 23.36 -43.68
C ALA B 215 22.03 23.13 -42.94
N LEU B 216 22.12 22.60 -41.71
CA LEU B 216 20.89 22.31 -40.97
C LEU B 216 20.12 23.59 -40.66
N ALA B 217 20.83 24.62 -40.21
CA ALA B 217 20.21 25.93 -39.97
C ALA B 217 19.57 26.48 -41.25
N PHE B 218 20.27 26.34 -42.37
CA PHE B 218 19.74 26.76 -43.66
C PHE B 218 18.45 26.01 -44.00
N LEU B 219 18.47 24.69 -43.83
CA LEU B 219 17.32 23.87 -44.14
C LEU B 219 16.11 24.23 -43.28
N VAL B 220 16.33 24.46 -41.98
CA VAL B 220 15.22 24.91 -41.13
C VAL B 220 14.69 26.25 -41.64
N GLY B 221 15.60 27.13 -42.03
CA GLY B 221 15.25 28.38 -42.68
C GLY B 221 14.29 28.24 -43.85
N THR B 222 14.54 27.26 -44.74
CA THR B 222 13.68 27.04 -45.92
C THR B 222 12.23 26.74 -45.55
N LEU B 223 12.00 26.25 -44.34
CA LEU B 223 10.63 25.95 -43.88
C LEU B 223 9.72 27.17 -43.81
N THR B 224 10.30 28.36 -43.71
CA THR B 224 9.53 29.60 -43.67
C THR B 224 9.93 30.55 -44.80
N TYR B 225 10.47 29.98 -45.88
CA TYR B 225 10.79 30.73 -47.08
C TYR B 225 9.56 31.47 -47.59
N ARG B 226 9.79 32.67 -48.10
CA ARG B 226 8.71 33.51 -48.61
C ARG B 226 8.91 33.67 -50.12
N SER B 227 8.18 32.85 -50.88
CA SER B 227 8.33 32.82 -52.33
C SER B 227 7.72 34.06 -52.97
N GLN B 228 8.53 34.78 -53.74
CA GLN B 228 8.01 35.92 -54.53
C GLN B 228 7.21 35.44 -55.75
N THR B 229 7.37 34.15 -56.06
CA THR B 229 6.71 33.57 -57.23
C THR B 229 5.41 32.80 -56.85
N ASN B 230 4.95 33.01 -55.62
CA ASN B 230 3.75 32.35 -55.08
C ASN B 230 3.66 30.84 -55.32
N THR B 231 4.76 30.14 -55.07
CA THR B 231 4.77 28.67 -55.09
C THR B 231 5.25 28.14 -53.73
N LEU B 232 5.05 26.85 -53.49
CA LEU B 232 5.48 26.23 -52.24
C LEU B 232 6.68 25.28 -52.45
N ALA B 233 7.25 25.32 -53.65
CA ALA B 233 8.34 24.44 -54.05
C ALA B 233 9.52 24.39 -53.08
N ILE B 234 9.98 25.57 -52.64
CA ILE B 234 11.11 25.66 -51.69
C ILE B 234 10.79 25.02 -50.33
N ILE B 235 9.60 25.31 -49.79
CA ILE B 235 9.22 24.71 -48.51
C ILE B 235 9.07 23.18 -48.63
N GLU B 236 8.51 22.74 -49.76
CA GLU B 236 8.33 21.32 -50.01
C GLU B 236 9.65 20.56 -50.09
N SER B 237 10.59 21.06 -50.89
CA SER B 237 11.85 20.35 -51.09
C SER B 237 12.79 20.54 -49.89
N GLY B 238 12.77 21.72 -49.30
CA GLY B 238 13.55 21.98 -48.09
C GLY B 238 13.07 21.13 -46.92
N GLY B 239 11.76 21.12 -46.72
CA GLY B 239 11.15 20.26 -45.70
C GLY B 239 11.31 18.78 -46.02
N GLY B 240 11.42 18.46 -47.31
CA GLY B 240 11.64 17.08 -47.74
C GLY B 240 13.03 16.57 -47.37
N ILE B 241 14.05 17.38 -47.64
CA ILE B 241 15.42 17.05 -47.23
C ILE B 241 15.50 16.89 -45.71
N LEU B 242 14.85 17.82 -45.00
CA LEU B 242 14.88 17.81 -43.54
C LEU B 242 14.25 16.52 -43.03
N ARG B 243 13.08 16.20 -43.55
CA ARG B 243 12.40 14.95 -43.22
C ARG B 243 13.33 13.74 -43.40
N ASN B 244 13.98 13.66 -44.56
CA ASN B 244 14.92 12.56 -44.82
C ASN B 244 16.11 12.50 -43.87
N VAL B 245 16.78 13.62 -43.62
CA VAL B 245 17.96 13.58 -42.74
C VAL B 245 17.61 13.57 -41.24
N SER B 246 16.34 13.82 -40.91
CA SER B 246 15.91 13.88 -39.49
C SER B 246 16.08 12.55 -38.78
N SER B 247 16.14 11.46 -39.55
CA SER B 247 16.43 10.14 -39.00
C SER B 247 17.80 10.12 -38.32
N LEU B 248 18.76 10.86 -38.88
CA LEU B 248 20.09 11.03 -38.29
C LEU B 248 20.12 12.11 -37.20
N ILE B 249 19.47 13.23 -37.47
CA ILE B 249 19.37 14.32 -36.49
C ILE B 249 18.81 13.81 -35.15
N ALA B 250 17.81 12.93 -35.21
CA ALA B 250 17.14 12.42 -34.00
C ALA B 250 18.09 11.84 -32.96
N THR B 251 19.21 11.28 -33.42
CA THR B 251 20.17 10.65 -32.52
C THR B 251 21.40 11.53 -32.27
N ASN B 252 21.33 12.78 -32.72
CA ASN B 252 22.42 13.74 -32.56
C ASN B 252 21.96 14.96 -31.76
N GLU B 253 22.39 15.04 -30.51
CA GLU B 253 21.98 16.12 -29.60
C GLU B 253 22.37 17.52 -30.09
N ASP B 254 23.62 17.67 -30.54
CA ASP B 254 24.11 18.92 -31.10
C ASP B 254 23.25 19.39 -32.28
N HIS B 255 22.85 18.46 -33.14
CA HIS B 255 22.03 18.80 -34.30
C HIS B 255 20.58 19.12 -33.92
N ARG B 256 20.06 18.41 -32.91
CA ARG B 256 18.75 18.74 -32.35
C ARG B 256 18.74 20.17 -31.83
N GLN B 257 19.84 20.57 -31.18
CA GLN B 257 19.97 21.90 -30.61
C GLN B 257 20.05 22.99 -31.69
N ILE B 258 20.66 22.67 -32.83
CA ILE B 258 20.65 23.59 -33.98
C ILE B 258 19.21 23.84 -34.45
N LEU B 259 18.41 22.77 -34.49
CA LEU B 259 17.00 22.88 -34.85
C LEU B 259 16.19 23.71 -33.86
N ARG B 260 16.41 23.51 -32.57
CA ARG B 260 15.74 24.30 -31.54
C ARG B 260 16.05 25.81 -31.65
N GLU B 261 17.33 26.13 -31.87
CA GLU B 261 17.76 27.51 -32.09
C GLU B 261 17.00 28.17 -33.23
N ASN B 262 16.58 27.36 -34.20
CA ASN B 262 15.89 27.86 -35.39
C ASN B 262 14.38 27.62 -35.37
N ASN B 263 13.86 27.33 -34.18
CA ASN B 263 12.42 27.11 -33.96
C ASN B 263 11.79 26.01 -34.85
N CYS B 264 12.53 24.92 -35.07
CA CYS B 264 12.09 23.88 -36.00
C CYS B 264 10.74 23.24 -35.64
N LEU B 265 10.62 22.80 -34.39
CA LEU B 265 9.41 22.09 -33.93
C LEU B 265 8.13 22.92 -34.12
N GLN B 266 8.14 24.18 -33.71
CA GLN B 266 6.95 25.02 -33.81
C GLN B 266 6.56 25.30 -35.26
N THR B 267 7.55 25.44 -36.13
CA THR B 267 7.31 25.60 -37.57
C THR B 267 6.70 24.32 -38.18
N LEU B 268 7.23 23.17 -37.78
CA LEU B 268 6.68 21.88 -38.23
C LEU B 268 5.20 21.72 -37.83
N LEU B 269 4.86 22.20 -36.63
CA LEU B 269 3.47 22.17 -36.20
C LEU B 269 2.60 23.08 -37.08
N GLN B 270 3.13 24.23 -37.47
CA GLN B 270 2.44 25.13 -38.40
C GLN B 270 2.26 24.48 -39.77
N HIS B 271 3.27 23.72 -40.19
CA HIS B 271 3.21 22.95 -41.43
C HIS B 271 2.04 21.96 -41.47
N LEU B 272 1.64 21.45 -40.31
CA LEU B 272 0.52 20.51 -40.23
C LEU B 272 -0.80 21.12 -40.69
N LYS B 273 -0.86 22.44 -40.73
CA LYS B 273 -2.06 23.17 -41.16
C LYS B 273 -2.02 23.51 -42.66
N SER B 274 -0.91 23.20 -43.32
CA SER B 274 -0.74 23.50 -44.75
C SER B 274 -1.81 22.83 -45.62
N HIS B 275 -2.10 23.46 -46.76
CA HIS B 275 -3.02 22.89 -47.73
C HIS B 275 -2.25 22.02 -48.72
N SER B 276 -0.93 22.10 -48.66
CA SER B 276 -0.07 21.23 -49.44
C SER B 276 0.08 19.90 -48.70
N LEU B 277 -0.37 18.82 -49.35
CA LEU B 277 -0.23 17.49 -48.78
C LEU B 277 1.23 17.08 -48.63
N THR B 278 2.08 17.54 -49.54
CA THR B 278 3.53 17.31 -49.47
C THR B 278 4.16 17.92 -48.21
N ILE B 279 3.79 19.15 -47.90
CA ILE B 279 4.26 19.83 -46.70
C ILE B 279 3.79 19.11 -45.42
N VAL B 280 2.52 18.77 -45.34
CA VAL B 280 1.97 18.07 -44.17
C VAL B 280 2.67 16.74 -43.96
N SER B 281 2.75 15.97 -45.05
CA SER B 281 3.41 14.67 -45.05
C SER B 281 4.87 14.77 -44.62
N ASN B 282 5.64 15.68 -45.22
CA ASN B 282 7.03 15.92 -44.80
C ASN B 282 7.12 16.26 -43.30
N ALA B 283 6.23 17.13 -42.85
CA ALA B 283 6.21 17.55 -41.45
C ALA B 283 5.93 16.36 -40.52
N CYS B 284 4.96 15.53 -40.90
CA CYS B 284 4.63 14.33 -40.12
C CYS B 284 5.83 13.40 -39.96
N GLY B 285 6.55 13.17 -41.05
CA GLY B 285 7.74 12.34 -41.01
C GLY B 285 8.81 12.91 -40.12
N THR B 286 9.07 14.22 -40.25
CA THR B 286 10.06 14.89 -39.42
C THR B 286 9.70 14.83 -37.94
N LEU B 287 8.43 15.08 -37.62
CA LEU B 287 7.93 15.05 -36.25
C LEU B 287 7.99 13.64 -35.67
N TRP B 288 7.73 12.65 -36.52
CA TRP B 288 7.87 11.25 -36.14
C TRP B 288 9.28 11.00 -35.58
N ASN B 289 10.31 11.33 -36.36
CA ASN B 289 11.70 11.20 -35.93
C ASN B 289 12.05 12.02 -34.69
N LEU B 290 11.70 13.31 -34.70
CA LEU B 290 12.07 14.20 -33.60
C LEU B 290 11.33 13.90 -32.29
N SER B 291 10.10 13.40 -32.38
CA SER B 291 9.33 13.03 -31.19
C SER B 291 9.83 11.73 -30.57
N ALA B 292 10.71 11.03 -31.28
CA ALA B 292 11.23 9.74 -30.83
C ALA B 292 12.35 9.87 -29.78
N ARG B 293 12.17 9.17 -28.66
CA ARG B 293 13.24 8.95 -27.67
C ARG B 293 14.00 10.21 -27.26
N ASN B 294 13.28 11.27 -26.92
CA ASN B 294 13.88 12.55 -26.55
C ASN B 294 12.91 13.32 -25.67
N PRO B 295 13.05 13.20 -24.33
CA PRO B 295 12.09 13.82 -23.41
C PRO B 295 11.96 15.34 -23.61
N LYS B 296 13.07 16.00 -23.91
CA LYS B 296 13.07 17.44 -24.11
C LYS B 296 12.14 17.86 -25.26
N ASP B 297 12.31 17.26 -26.43
CA ASP B 297 11.47 17.62 -27.56
C ASP B 297 10.04 17.10 -27.44
N GLN B 298 9.86 15.98 -26.74
CA GLN B 298 8.53 15.46 -26.42
C GLN B 298 7.75 16.45 -25.56
N GLU B 299 8.42 16.98 -24.53
CA GLU B 299 7.82 17.97 -23.64
C GLU B 299 7.49 19.29 -24.35
N ALA B 300 8.40 19.74 -25.22
CA ALA B 300 8.17 20.93 -26.02
C ALA B 300 6.92 20.78 -26.90
N LEU B 301 6.78 19.63 -27.55
CA LEU B 301 5.63 19.34 -28.43
C LEU B 301 4.32 19.29 -27.65
N TRP B 302 4.33 18.67 -26.47
CA TRP B 302 3.17 18.73 -25.57
C TRP B 302 2.77 20.17 -25.28
N ASP B 303 3.74 20.98 -24.86
CA ASP B 303 3.51 22.38 -24.47
C ASP B 303 3.00 23.25 -25.62
N MET B 304 3.37 22.89 -26.86
CA MET B 304 2.95 23.62 -28.04
C MET B 304 1.60 23.15 -28.58
N GLY B 305 0.98 22.19 -27.89
CA GLY B 305 -0.28 21.61 -28.31
C GLY B 305 -0.22 20.69 -29.53
N ALA B 306 0.86 19.92 -29.66
CA ALA B 306 1.03 19.00 -30.78
C ALA B 306 0.08 17.81 -30.76
N VAL B 307 -0.27 17.37 -29.55
CA VAL B 307 -1.16 16.22 -29.37
C VAL B 307 -2.48 16.36 -30.15
N SER B 308 -3.25 17.41 -29.86
CA SER B 308 -4.56 17.58 -30.51
C SER B 308 -4.41 17.86 -32.01
N MET B 309 -3.32 18.51 -32.39
CA MET B 309 -3.04 18.76 -33.81
C MET B 309 -2.78 17.46 -34.57
N LEU B 310 -2.01 16.56 -33.96
CA LEU B 310 -1.70 15.28 -34.59
C LEU B 310 -2.93 14.39 -34.62
N LYS B 311 -3.75 14.48 -33.57
CA LYS B 311 -5.02 13.75 -33.50
C LYS B 311 -5.93 14.04 -34.69
N ASN B 312 -5.90 15.28 -35.18
CA ASN B 312 -6.73 15.70 -36.32
C ASN B 312 -6.29 15.12 -37.65
N LEU B 313 -5.15 14.45 -37.67
CA LEU B 313 -4.57 13.92 -38.91
C LEU B 313 -4.56 12.40 -39.03
N ILE B 314 -4.74 11.69 -37.92
CA ILE B 314 -4.60 10.23 -37.93
C ILE B 314 -5.57 9.50 -38.86
N HIS B 315 -6.74 10.10 -39.12
CA HIS B 315 -7.73 9.52 -40.02
C HIS B 315 -7.63 10.00 -41.46
N SER B 316 -6.47 10.54 -41.84
CA SER B 316 -6.25 11.03 -43.20
C SER B 316 -6.32 9.90 -44.23
N LYS B 317 -6.67 10.25 -45.46
CA LYS B 317 -6.67 9.30 -46.58
C LYS B 317 -5.30 9.19 -47.20
N HIS B 318 -4.44 10.14 -46.87
CA HIS B 318 -3.06 10.14 -47.34
C HIS B 318 -2.26 9.17 -46.47
N LYS B 319 -1.61 8.22 -47.13
CA LYS B 319 -0.85 7.13 -46.50
C LYS B 319 0.16 7.66 -45.48
N MET B 320 1.09 8.49 -45.95
CA MET B 320 2.17 9.02 -45.13
C MET B 320 1.68 9.92 -43.99
N ILE B 321 0.63 10.70 -44.26
CA ILE B 321 0.08 11.60 -43.24
C ILE B 321 -0.54 10.82 -42.08
N ALA B 322 -1.37 9.83 -42.39
CA ALA B 322 -2.01 9.00 -41.36
C ALA B 322 -0.96 8.23 -40.55
N MET B 323 0.02 7.67 -41.24
CA MET B 323 1.09 6.88 -40.62
C MET B 323 1.97 7.75 -39.72
N GLY B 324 2.52 8.82 -40.31
CA GLY B 324 3.42 9.74 -39.61
C GLY B 324 2.79 10.44 -38.42
N SER B 325 1.57 10.94 -38.60
CA SER B 325 0.86 11.60 -37.50
C SER B 325 0.63 10.63 -36.34
N ALA B 326 0.17 9.42 -36.64
CA ALA B 326 -0.10 8.41 -35.60
C ALA B 326 1.18 8.02 -34.84
N ALA B 327 2.26 7.82 -35.59
CA ALA B 327 3.56 7.48 -35.03
C ALA B 327 4.07 8.56 -34.05
N ALA B 328 4.10 9.80 -34.51
CA ALA B 328 4.47 10.94 -33.66
C ALA B 328 3.53 11.04 -32.46
N LEU B 329 2.24 10.92 -32.69
CA LEU B 329 1.27 10.94 -31.59
C LEU B 329 1.55 9.84 -30.56
N ARG B 330 1.90 8.65 -31.03
CA ARG B 330 2.21 7.56 -30.12
C ARG B 330 3.40 7.89 -29.25
N ASN B 331 4.43 8.46 -29.85
CA ASN B 331 5.62 8.93 -29.13
C ASN B 331 5.28 9.92 -28.03
N LEU B 332 4.39 10.86 -28.33
CA LEU B 332 3.98 11.82 -27.31
C LEU B 332 3.11 11.17 -26.24
N MET B 333 2.12 10.39 -26.67
CA MET B 333 1.18 9.74 -25.73
C MET B 333 1.91 8.83 -24.75
N ALA B 334 2.91 8.11 -25.24
CA ALA B 334 3.74 7.23 -24.42
C ALA B 334 4.66 7.99 -23.46
N ASN B 335 4.86 9.28 -23.71
CA ASN B 335 5.77 10.09 -22.89
C ASN B 335 5.10 11.37 -22.38
N ARG B 336 3.99 11.20 -21.68
CA ARG B 336 3.26 12.31 -21.09
C ARG B 336 4.07 12.89 -19.93
N PRO B 337 4.43 14.19 -20.00
CA PRO B 337 5.23 14.84 -18.96
C PRO B 337 4.48 14.92 -17.64
N ALA B 338 5.23 15.03 -16.55
CA ALA B 338 4.66 15.10 -15.19
C ALA B 338 3.61 16.20 -15.05
N LYS B 339 3.78 17.30 -15.78
CA LYS B 339 2.81 18.40 -15.82
C LYS B 339 1.43 17.89 -16.22
N TYR B 340 1.39 17.09 -17.29
CA TYR B 340 0.13 16.59 -17.85
C TYR B 340 -0.27 15.25 -17.23
N HIS C 3 73.92 -33.13 59.29
CA HIS C 3 72.83 -32.18 59.10
C HIS C 3 71.67 -32.82 58.42
N HIS C 4 70.46 -32.53 58.89
CA HIS C 4 69.26 -32.86 58.16
C HIS C 4 69.20 -32.08 56.89
N HIS C 5 68.72 -32.72 55.85
CA HIS C 5 68.69 -32.20 54.50
C HIS C 5 68.31 -30.73 54.35
N HIS C 6 67.22 -30.34 55.00
CA HIS C 6 66.69 -28.99 54.92
C HIS C 6 67.04 -28.11 56.08
N HIS C 7 68.25 -28.28 56.58
CA HIS C 7 68.65 -27.58 57.80
C HIS C 7 68.60 -26.06 57.68
N HIS C 8 69.02 -25.52 56.54
CA HIS C 8 68.93 -24.06 56.30
C HIS C 8 67.49 -23.56 56.34
N MET C 9 66.61 -24.21 55.57
CA MET C 9 65.21 -23.78 55.50
C MET C 9 64.53 -23.89 56.86
N LEU C 10 64.80 -24.98 57.57
CA LEU C 10 64.25 -25.19 58.90
C LEU C 10 64.68 -24.07 59.86
N HIS C 11 65.95 -23.69 59.82
CA HIS C 11 66.46 -22.57 60.63
C HIS C 11 65.74 -21.25 60.34
N LEU C 12 65.59 -20.93 59.06
CA LEU C 12 64.95 -19.69 58.66
C LEU C 12 63.51 -19.63 59.15
N LEU C 13 62.79 -20.74 59.00
CA LEU C 13 61.39 -20.79 59.42
C LEU C 13 61.23 -20.77 60.93
N GLU C 14 62.11 -21.47 61.64
CA GLU C 14 62.10 -21.46 63.12
C GLU C 14 62.44 -20.07 63.65
N GLN C 15 63.37 -19.40 62.97
CA GLN C 15 63.75 -18.03 63.32
C GLN C 15 62.57 -17.03 63.26
N ILE C 16 61.82 -17.03 62.16
CA ILE C 16 60.67 -16.10 62.04
C ILE C 16 59.52 -16.49 62.98
N ARG C 17 59.32 -17.78 63.16
CA ARG C 17 58.34 -18.28 64.12
C ARG C 17 58.67 -17.86 65.53
N ALA C 18 59.93 -18.02 65.93
CA ALA C 18 60.38 -17.66 67.28
C ALA C 18 60.21 -16.16 67.50
N TYR C 19 60.50 -15.37 66.46
CA TYR C 19 60.26 -13.94 66.52
C TYR C 19 58.78 -13.60 66.74
N CYS C 20 57.87 -14.31 66.06
CA CYS C 20 56.45 -14.08 66.29
C CYS C 20 56.04 -14.45 67.71
N GLU C 21 56.68 -15.48 68.27
CA GLU C 21 56.44 -15.87 69.67
C GLU C 21 56.91 -14.76 70.62
N THR C 22 58.07 -14.18 70.32
CA THR C 22 58.65 -13.09 71.10
C THR C 22 57.70 -11.87 71.16
N CYS C 23 57.08 -11.58 70.03
CA CYS C 23 56.10 -10.49 69.91
C CYS C 23 54.81 -10.81 70.65
N TRP C 24 54.34 -12.05 70.52
CA TRP C 24 53.16 -12.51 71.26
C TRP C 24 53.39 -12.41 72.77
N GLU C 25 54.59 -12.80 73.21
CA GLU C 25 54.98 -12.73 74.62
C GLU C 25 54.96 -11.28 75.12
N TRP C 26 55.55 -10.37 74.35
CA TRP C 26 55.48 -8.94 74.64
C TRP C 26 54.04 -8.45 74.82
N GLN C 27 53.18 -8.79 73.85
CA GLN C 27 51.76 -8.42 73.90
C GLN C 27 51.11 -8.94 75.17
N GLU C 28 51.39 -10.20 75.51
CA GLU C 28 50.73 -10.85 76.62
C GLU C 28 51.31 -10.50 77.98
N ALA C 29 52.45 -9.81 77.99
CA ALA C 29 53.08 -9.38 79.24
C ALA C 29 52.74 -7.95 79.67
N HIS C 30 51.72 -7.36 79.07
CA HIS C 30 51.26 -6.03 79.49
C HIS C 30 50.46 -6.10 80.78
N GLU C 31 51.18 -6.17 81.90
CA GLU C 31 50.59 -6.27 83.23
C GLU C 31 50.97 -5.08 84.09
N PRO C 32 50.20 -4.80 85.18
CA PRO C 32 50.54 -3.71 86.09
C PRO C 32 52.00 -3.75 86.55
N GLY C 33 52.74 -2.69 86.24
CA GLY C 33 54.15 -2.60 86.65
C GLY C 33 55.11 -3.01 85.54
N MET C 34 54.61 -3.63 84.49
CA MET C 34 55.48 -4.00 83.38
C MET C 34 55.71 -2.80 82.45
N ASP C 35 56.60 -1.92 82.88
CA ASP C 35 56.95 -0.73 82.10
C ASP C 35 57.71 -1.17 80.84
N GLN C 36 58.07 -0.21 80.00
CA GLN C 36 58.76 -0.47 78.74
C GLN C 36 60.19 -1.01 78.93
N ASP C 37 60.77 -0.85 80.11
CA ASP C 37 62.10 -1.39 80.39
C ASP C 37 62.06 -2.87 80.76
N LYS C 38 60.98 -3.28 81.43
CA LYS C 38 60.79 -4.70 81.77
C LYS C 38 60.24 -5.48 80.58
N ASN C 39 59.40 -4.82 79.79
CA ASN C 39 58.73 -5.43 78.66
C ASN C 39 58.95 -4.63 77.36
N PRO C 40 60.19 -4.56 76.86
CA PRO C 40 60.41 -3.77 75.64
C PRO C 40 59.72 -4.37 74.42
N MET C 41 59.17 -3.50 73.58
CA MET C 41 58.58 -3.90 72.32
C MET C 41 59.69 -4.48 71.42
N PRO C 42 59.52 -5.71 70.93
CA PRO C 42 60.53 -6.28 70.05
C PRO C 42 60.67 -5.52 68.74
N ALA C 43 61.88 -5.45 68.23
CA ALA C 43 62.13 -4.87 66.91
C ALA C 43 62.80 -5.93 66.03
N PRO C 44 62.38 -6.03 64.76
CA PRO C 44 62.83 -7.16 63.95
C PRO C 44 64.36 -7.19 63.68
N VAL C 45 65.01 -6.03 63.68
CA VAL C 45 66.47 -5.97 63.54
C VAL C 45 67.17 -6.77 64.65
N GLU C 46 66.52 -6.89 65.81
CA GLU C 46 67.10 -7.57 66.97
C GLU C 46 67.14 -9.08 66.77
N HIS C 47 66.40 -9.57 65.77
CA HIS C 47 66.35 -10.99 65.48
C HIS C 47 66.67 -11.31 64.02
N GLN C 48 67.41 -10.42 63.36
CA GLN C 48 67.92 -10.66 62.00
C GLN C 48 66.81 -11.08 61.02
N ILE C 49 65.65 -10.42 61.14
CA ILE C 49 64.46 -10.81 60.38
C ILE C 49 64.55 -10.46 58.89
N CYS C 50 65.09 -9.30 58.57
CA CYS C 50 65.17 -8.89 57.17
C CYS C 50 66.03 -9.86 56.32
N PRO C 51 67.25 -10.22 56.79
CA PRO C 51 68.00 -11.31 56.12
C PRO C 51 67.25 -12.65 56.04
N ALA C 52 66.54 -13.03 57.10
CA ALA C 52 65.76 -14.28 57.08
C ALA C 52 64.73 -14.32 55.94
N VAL C 53 63.90 -13.28 55.84
CA VAL C 53 62.90 -13.26 54.78
C VAL C 53 63.52 -13.00 53.40
N CYS C 54 64.66 -12.31 53.36
CA CYS C 54 65.41 -12.16 52.12
C CYS C 54 65.80 -13.53 51.57
N VAL C 55 66.35 -14.39 52.43
CA VAL C 55 66.80 -15.71 52.00
C VAL C 55 65.61 -16.61 51.64
N LEU C 56 64.57 -16.56 52.46
CA LEU C 56 63.32 -17.26 52.14
C LEU C 56 62.76 -16.81 50.77
N MET C 57 62.76 -15.50 50.53
CA MET C 57 62.37 -14.94 49.23
C MET C 57 63.16 -15.58 48.08
N LYS C 58 64.48 -15.66 48.24
CA LYS C 58 65.33 -16.19 47.18
C LYS C 58 65.05 -17.66 46.90
N LEU C 59 64.94 -18.44 47.98
CA LEU C 59 64.66 -19.88 47.89
C LEU C 59 63.32 -20.13 47.21
N SER C 60 62.33 -19.29 47.52
CA SER C 60 60.98 -19.47 47.01
C SER C 60 60.84 -19.37 45.48
N PHE C 61 61.85 -18.82 44.80
CA PHE C 61 61.85 -18.79 43.32
C PHE C 61 62.05 -20.18 42.71
N ASP C 62 62.55 -21.11 43.50
CA ASP C 62 62.85 -22.45 43.00
C ASP C 62 61.74 -23.44 43.39
N GLU C 63 61.30 -24.24 42.42
CA GLU C 63 60.18 -25.17 42.62
C GLU C 63 60.42 -26.21 43.72
N GLU C 64 61.58 -26.86 43.71
CA GLU C 64 61.88 -27.85 44.76
C GLU C 64 62.01 -27.25 46.15
N HIS C 65 62.54 -26.02 46.27
CA HIS C 65 62.59 -25.34 47.57
C HIS C 65 61.20 -24.97 48.06
N ARG C 66 60.32 -24.58 47.13
CA ARG C 66 58.92 -24.29 47.45
C ARG C 66 58.24 -25.50 48.04
N HIS C 67 58.49 -26.66 47.42
CA HIS C 67 57.97 -27.93 47.90
C HIS C 67 58.42 -28.22 49.34
N ALA C 68 59.69 -28.02 49.63
CA ALA C 68 60.21 -28.22 50.98
C ALA C 68 59.61 -27.19 51.93
N MET C 69 59.54 -25.94 51.47
CA MET C 69 59.00 -24.83 52.24
C MET C 69 57.54 -25.10 52.63
N ASN C 70 56.77 -25.64 51.69
CA ASN C 70 55.39 -26.04 51.94
C ASN C 70 55.24 -27.19 52.93
N GLU C 71 56.15 -28.17 52.85
CA GLU C 71 56.15 -29.27 53.81
C GLU C 71 56.41 -28.77 55.23
N LEU C 72 57.16 -27.67 55.36
CA LEU C 72 57.50 -27.11 56.67
C LEU C 72 56.55 -26.01 57.16
N GLY C 73 55.46 -25.76 56.42
CA GLY C 73 54.51 -24.70 56.79
C GLY C 73 55.03 -23.29 56.54
N GLY C 74 55.83 -23.12 55.49
CA GLY C 74 56.47 -21.83 55.16
C GLY C 74 55.50 -20.67 54.95
N LEU C 75 54.47 -20.91 54.14
CA LEU C 75 53.49 -19.87 53.84
C LEU C 75 52.88 -19.28 55.11
N GLN C 76 52.36 -20.12 56.00
CA GLN C 76 51.77 -19.64 57.23
C GLN C 76 52.78 -18.85 58.08
N ALA C 77 54.01 -19.36 58.18
CA ALA C 77 55.03 -18.72 59.00
C ALA C 77 55.41 -17.35 58.43
N ILE C 78 55.58 -17.28 57.12
CA ILE C 78 55.91 -16.02 56.47
C ILE C 78 54.74 -15.03 56.54
N ALA C 79 53.52 -15.52 56.37
CA ALA C 79 52.34 -14.68 56.42
C ALA C 79 52.14 -14.11 57.84
N GLU C 80 52.33 -14.95 58.85
CA GLU C 80 52.22 -14.49 60.24
C GLU C 80 53.27 -13.45 60.59
N LEU C 81 54.50 -13.66 60.11
CA LEU C 81 55.57 -12.70 60.32
C LEU C 81 55.20 -11.34 59.75
N LEU C 82 54.71 -11.35 58.51
CA LEU C 82 54.25 -10.13 57.85
C LEU C 82 53.12 -9.48 58.65
N GLN C 83 52.15 -10.27 59.07
CA GLN C 83 51.02 -9.74 59.82
C GLN C 83 51.50 -9.07 61.11
N VAL C 84 52.36 -9.78 61.85
CA VAL C 84 52.87 -9.30 63.13
C VAL C 84 53.56 -7.93 63.01
N ASP C 85 54.47 -7.80 62.05
CA ASP C 85 55.15 -6.52 61.85
C ASP C 85 54.20 -5.40 61.45
N CYS C 86 53.27 -5.71 60.54
CA CYS C 86 52.27 -4.73 60.12
C CYS C 86 51.41 -4.24 61.29
N GLU C 87 50.97 -5.16 62.14
CA GLU C 87 50.09 -4.77 63.25
C GLU C 87 50.85 -4.01 64.32
N MET C 88 52.11 -4.38 64.55
CA MET C 88 52.91 -3.78 65.62
C MET C 88 53.32 -2.35 65.30
N TYR C 89 53.79 -2.14 64.07
CA TYR C 89 54.42 -0.88 63.71
C TYR C 89 53.60 -0.01 62.75
N GLY C 90 52.49 -0.56 62.25
CA GLY C 90 51.60 0.18 61.37
C GLY C 90 52.30 0.58 60.10
N LEU C 91 51.80 1.64 59.47
CA LEU C 91 52.36 2.12 58.22
C LEU C 91 53.56 3.03 58.46
N THR C 92 54.66 2.44 58.89
CA THR C 92 55.89 3.14 59.15
C THR C 92 56.73 3.29 57.88
N ASN C 93 57.55 4.32 57.83
CA ASN C 93 58.49 4.50 56.72
C ASN C 93 59.87 3.94 57.02
N ASP C 94 60.00 3.28 58.17
CA ASP C 94 61.22 2.60 58.57
C ASP C 94 61.68 1.65 57.45
N HIS C 95 62.84 1.93 56.87
CA HIS C 95 63.37 1.15 55.72
C HIS C 95 63.52 -0.35 56.02
N TYR C 96 63.92 -0.67 57.25
CA TYR C 96 64.05 -2.07 57.66
C TYR C 96 62.69 -2.79 57.59
N SER C 97 61.68 -2.15 58.17
CA SER C 97 60.32 -2.68 58.16
C SER C 97 59.78 -2.82 56.72
N ILE C 98 59.95 -1.79 55.90
CA ILE C 98 59.50 -1.82 54.51
C ILE C 98 60.14 -2.98 53.74
N THR C 99 61.46 -3.14 53.91
CA THR C 99 62.23 -4.17 53.19
C THR C 99 61.76 -5.58 53.58
N LEU C 100 61.64 -5.85 54.87
CA LEU C 100 61.21 -7.17 55.32
C LEU C 100 59.79 -7.47 54.85
N ARG C 101 58.93 -6.46 54.86
CA ARG C 101 57.56 -6.63 54.34
C ARG C 101 57.60 -6.96 52.85
N ARG C 102 58.46 -6.26 52.10
CA ARG C 102 58.60 -6.54 50.67
C ARG C 102 59.05 -7.96 50.40
N TYR C 103 60.11 -8.40 51.08
CA TYR C 103 60.64 -9.75 50.91
C TYR C 103 59.66 -10.83 51.33
N ALA C 104 58.97 -10.62 52.45
CA ALA C 104 57.94 -11.55 52.91
C ALA C 104 56.83 -11.67 51.86
N GLY C 105 56.42 -10.52 51.30
CA GLY C 105 55.39 -10.48 50.28
C GLY C 105 55.80 -11.15 48.97
N MET C 106 57.08 -11.04 48.60
CA MET C 106 57.58 -11.67 47.37
C MET C 106 57.55 -13.20 47.52
N ALA C 107 57.93 -13.69 48.70
CA ALA C 107 57.87 -15.11 49.01
C ALA C 107 56.42 -15.60 48.99
N LEU C 108 55.51 -14.80 49.56
CA LEU C 108 54.08 -15.14 49.50
C LEU C 108 53.57 -15.20 48.05
N THR C 109 54.02 -14.28 47.21
CA THR C 109 53.68 -14.32 45.78
C THR C 109 54.16 -15.65 45.15
N ASN C 110 55.43 -15.97 45.33
CA ASN C 110 55.99 -17.22 44.79
C ASN C 110 55.29 -18.49 45.29
N LEU C 111 54.93 -18.50 46.57
CA LEU C 111 54.29 -19.64 47.20
C LEU C 111 52.80 -19.77 46.84
N THR C 112 52.21 -18.71 46.29
CA THR C 112 50.80 -18.79 45.87
C THR C 112 50.66 -19.11 44.39
N PHE C 113 51.74 -18.94 43.63
CA PHE C 113 51.72 -19.23 42.19
C PHE C 113 51.32 -20.67 41.94
N GLY C 114 50.20 -20.84 41.22
CA GLY C 114 49.69 -22.17 40.83
C GLY C 114 49.36 -23.10 41.99
N ASP C 115 49.23 -22.56 43.19
CA ASP C 115 49.06 -23.40 44.37
C ASP C 115 47.69 -23.21 45.02
N VAL C 116 46.80 -24.16 44.74
CA VAL C 116 45.42 -24.14 45.22
C VAL C 116 45.35 -23.99 46.75
N ALA C 117 46.04 -24.88 47.46
CA ALA C 117 45.98 -24.93 48.92
C ALA C 117 46.49 -23.65 49.57
N ASN C 118 47.63 -23.13 49.07
CA ASN C 118 48.24 -21.93 49.61
C ASN C 118 47.40 -20.66 49.41
N LYS C 119 46.78 -20.54 48.24
CA LYS C 119 45.84 -19.44 48.00
C LYS C 119 44.71 -19.49 49.02
N ALA C 120 44.12 -20.66 49.20
CA ALA C 120 43.02 -20.82 50.14
C ALA C 120 43.46 -20.56 51.59
N THR C 121 44.67 -21.01 51.94
CA THR C 121 45.23 -20.82 53.28
C THR C 121 45.48 -19.35 53.59
N LEU C 122 46.16 -18.65 52.67
CA LEU C 122 46.43 -17.24 52.87
C LEU C 122 45.14 -16.40 53.02
N CYS C 123 44.17 -16.61 52.12
CA CYS C 123 42.88 -15.93 52.26
C CYS C 123 42.14 -16.23 53.58
N SER C 124 42.33 -17.43 54.13
CA SER C 124 41.70 -17.81 55.40
C SER C 124 42.33 -17.11 56.62
N MET C 125 43.53 -16.55 56.44
CA MET C 125 44.20 -15.83 57.52
C MET C 125 43.74 -14.37 57.48
N LYS C 126 42.64 -14.09 58.19
CA LYS C 126 41.91 -12.82 58.04
C LYS C 126 42.72 -11.60 58.44
N GLY C 127 43.34 -11.68 59.61
CA GLY C 127 44.23 -10.62 60.10
C GLY C 127 45.36 -10.31 59.14
N CYS C 128 45.92 -11.36 58.53
CA CYS C 128 46.99 -11.16 57.55
C CYS C 128 46.40 -10.49 56.31
N MET C 129 45.20 -10.92 55.91
CA MET C 129 44.54 -10.32 54.76
C MET C 129 44.28 -8.82 54.97
N ARG C 130 43.82 -8.46 56.17
CA ARG C 130 43.61 -7.04 56.50
C ARG C 130 44.94 -6.27 56.45
N ALA C 131 45.99 -6.86 57.01
CA ALA C 131 47.31 -6.23 57.00
C ALA C 131 47.81 -6.01 55.57
N LEU C 132 47.66 -6.99 54.69
CA LEU C 132 48.08 -6.86 53.29
C LEU C 132 47.38 -5.69 52.61
N VAL C 133 46.06 -5.62 52.76
CA VAL C 133 45.26 -4.55 52.16
C VAL C 133 45.71 -3.18 52.68
N ALA C 134 45.96 -3.07 53.98
CA ALA C 134 46.44 -1.83 54.56
C ALA C 134 47.75 -1.31 53.96
N GLN C 135 48.63 -2.22 53.55
CA GLN C 135 49.94 -1.85 52.96
C GLN C 135 49.80 -1.12 51.63
N LEU C 136 48.61 -1.17 51.04
CA LEU C 136 48.38 -0.45 49.78
C LEU C 136 48.47 1.07 49.97
N LYS C 137 48.34 1.51 51.22
CA LYS C 137 48.48 2.92 51.58
C LYS C 137 49.89 3.32 52.04
N SER C 138 50.85 2.41 51.98
CA SER C 138 52.24 2.71 52.35
C SER C 138 52.80 3.76 51.39
N GLU C 139 53.66 4.64 51.88
CA GLU C 139 54.29 5.58 50.95
C GLU C 139 55.34 4.89 50.07
N SER C 140 55.68 3.64 50.42
CA SER C 140 56.55 2.84 49.56
C SER C 140 55.74 2.25 48.42
N GLU C 141 55.91 2.77 47.22
CA GLU C 141 55.26 2.19 46.05
C GLU C 141 55.78 0.80 45.72
N ASP C 142 57.05 0.52 46.06
CA ASP C 142 57.60 -0.82 45.83
C ASP C 142 56.92 -1.86 46.74
N LEU C 143 56.58 -1.47 47.96
CA LEU C 143 55.77 -2.32 48.84
C LEU C 143 54.35 -2.49 48.27
N GLN C 144 53.76 -1.41 47.76
CA GLN C 144 52.44 -1.50 47.13
C GLN C 144 52.49 -2.52 45.98
N GLN C 145 53.53 -2.41 45.17
CA GLN C 145 53.74 -3.29 44.03
C GLN C 145 53.76 -4.77 44.44
N VAL C 146 54.43 -5.06 45.55
CA VAL C 146 54.56 -6.41 46.08
C VAL C 146 53.23 -6.94 46.62
N ILE C 147 52.53 -6.13 47.41
CA ILE C 147 51.24 -6.53 47.98
C ILE C 147 50.25 -6.80 46.86
N ALA C 148 50.20 -5.92 45.87
CA ALA C 148 49.34 -6.13 44.70
C ALA C 148 49.68 -7.45 43.97
N SER C 149 50.96 -7.83 43.97
CA SER C 149 51.36 -9.09 43.34
C SER C 149 50.78 -10.29 44.08
N VAL C 150 50.70 -10.19 45.41
CA VAL C 150 50.09 -11.23 46.23
C VAL C 150 48.59 -11.30 45.95
N LEU C 151 47.91 -10.14 46.01
CA LEU C 151 46.46 -10.10 45.77
C LEU C 151 46.09 -10.61 44.36
N ARG C 152 46.94 -10.32 43.38
CA ARG C 152 46.78 -10.89 42.05
C ARG C 152 46.70 -12.42 42.06
N ASN C 153 47.70 -13.08 42.65
CA ASN C 153 47.70 -14.54 42.73
C ASN C 153 46.50 -15.07 43.50
N LEU C 154 46.12 -14.39 44.58
CA LEU C 154 44.98 -14.82 45.40
C LEU C 154 43.65 -14.70 44.65
N SER C 155 43.57 -13.80 43.69
CA SER C 155 42.32 -13.59 42.96
C SER C 155 42.22 -14.43 41.67
N TRP C 156 43.25 -15.21 41.39
CA TRP C 156 43.21 -16.16 40.27
C TRP C 156 42.74 -17.52 40.76
N ARG C 157 41.61 -17.96 40.25
CA ARG C 157 40.95 -19.18 40.65
C ARG C 157 40.64 -19.25 42.14
N ALA C 158 40.15 -18.17 42.63
CA ALA C 158 39.77 -18.10 44.02
C ALA C 158 38.52 -18.94 44.25
N ASP C 159 38.55 -19.77 45.30
CA ASP C 159 37.36 -20.50 45.69
C ASP C 159 36.35 -19.55 46.35
N VAL C 160 35.20 -20.05 46.78
CA VAL C 160 34.15 -19.13 47.24
C VAL C 160 34.52 -18.41 48.54
N ASN C 161 35.17 -19.13 49.46
CA ASN C 161 35.65 -18.53 50.69
C ASN C 161 36.64 -17.42 50.40
N SER C 162 37.55 -17.68 49.46
CA SER C 162 38.59 -16.73 49.10
C SER C 162 38.01 -15.48 48.44
N LYS C 163 37.09 -15.67 47.50
CA LYS C 163 36.39 -14.56 46.84
C LYS C 163 35.68 -13.68 47.87
N LYS C 164 34.97 -14.33 48.80
CA LYS C 164 34.27 -13.62 49.86
C LYS C 164 35.21 -12.84 50.76
N THR C 165 36.33 -13.46 51.16
CA THR C 165 37.31 -12.79 52.00
C THR C 165 37.94 -11.59 51.28
N LEU C 166 38.35 -11.78 50.02
CA LEU C 166 38.94 -10.70 49.23
C LEU C 166 38.00 -9.50 49.16
N ARG C 167 36.71 -9.78 49.04
CA ARG C 167 35.69 -8.75 49.03
C ARG C 167 35.49 -8.10 50.40
N GLU C 168 35.41 -8.93 51.45
CA GLU C 168 35.16 -8.41 52.81
C GLU C 168 36.27 -7.55 53.40
N VAL C 169 37.54 -7.81 53.01
CA VAL C 169 38.64 -6.97 53.47
C VAL C 169 38.82 -5.70 52.62
N GLY C 170 37.91 -5.50 51.68
CA GLY C 170 37.88 -4.29 50.85
C GLY C 170 39.01 -4.18 49.86
N SER C 171 39.52 -5.31 49.38
CA SER C 171 40.66 -5.29 48.45
C SER C 171 40.38 -4.56 47.13
N VAL C 172 39.13 -4.59 46.66
CA VAL C 172 38.79 -4.01 45.34
C VAL C 172 38.88 -2.48 45.36
N LYS C 173 38.12 -1.85 46.25
CA LYS C 173 38.22 -0.40 46.42
C LYS C 173 39.64 0.03 46.85
N ALA C 174 40.25 -0.74 47.74
CA ALA C 174 41.62 -0.43 48.16
C ALA C 174 42.57 -0.40 46.96
N LEU C 175 42.47 -1.40 46.10
CA LEU C 175 43.31 -1.43 44.90
C LEU C 175 43.01 -0.35 43.89
N MET C 176 41.73 -0.02 43.74
CA MET C 176 41.31 1.00 42.76
C MET C 176 41.75 2.39 43.25
N GLU C 177 41.56 2.65 44.56
CA GLU C 177 42.05 3.89 45.18
C GLU C 177 43.56 3.96 45.08
N CYS C 178 44.24 2.84 45.31
CA CYS C 178 45.69 2.77 45.17
C CYS C 178 46.13 3.15 43.74
N ALA C 179 45.50 2.56 42.73
CA ALA C 179 45.85 2.82 41.32
C ALA C 179 45.84 4.31 40.94
N LEU C 180 44.85 5.03 41.47
CA LEU C 180 44.69 6.45 41.20
C LEU C 180 45.86 7.29 41.70
N GLU C 181 46.55 6.77 42.72
CA GLU C 181 47.65 7.46 43.36
C GLU C 181 49.05 7.02 42.91
N VAL C 182 49.17 5.88 42.20
CA VAL C 182 50.51 5.37 41.87
C VAL C 182 51.24 6.28 40.88
N LYS C 183 52.55 6.44 41.09
CA LYS C 183 53.40 7.21 40.16
C LYS C 183 54.22 6.30 39.26
N LYS C 184 54.61 5.13 39.75
CA LYS C 184 55.52 4.25 39.03
C LYS C 184 54.81 3.19 38.19
N GLU C 185 55.30 2.99 36.97
CA GLU C 185 54.73 2.00 36.07
C GLU C 185 54.72 0.59 36.68
N SER C 186 55.86 0.16 37.23
CA SER C 186 55.97 -1.14 37.87
C SER C 186 54.87 -1.37 38.90
N THR C 187 54.60 -0.36 39.72
CA THR C 187 53.53 -0.45 40.71
C THR C 187 52.16 -0.55 40.03
N LEU C 188 51.93 0.28 39.03
CA LEU C 188 50.64 0.28 38.33
C LEU C 188 50.35 -1.09 37.69
N LYS C 189 51.40 -1.73 37.13
CA LYS C 189 51.28 -3.05 36.52
C LYS C 189 50.65 -4.08 37.44
N SER C 190 51.20 -4.25 38.65
CA SER C 190 50.69 -5.28 39.55
C SER C 190 49.35 -4.89 40.15
N VAL C 191 49.14 -3.62 40.44
CA VAL C 191 47.84 -3.12 40.93
C VAL C 191 46.72 -3.44 39.93
N LEU C 192 46.92 -3.09 38.66
CA LEU C 192 45.91 -3.34 37.64
C LEU C 192 45.73 -4.83 37.35
N SER C 193 46.83 -5.60 37.40
CA SER C 193 46.75 -7.06 37.20
C SER C 193 45.88 -7.71 38.27
N ALA C 194 46.01 -7.23 39.50
CA ALA C 194 45.20 -7.73 40.60
C ALA C 194 43.74 -7.33 40.39
N LEU C 195 43.51 -6.09 39.99
CA LEU C 195 42.15 -5.60 39.72
C LEU C 195 41.51 -6.34 38.56
N TRP C 196 42.32 -6.67 37.56
CA TRP C 196 41.85 -7.43 36.40
C TRP C 196 41.21 -8.75 36.85
N ASN C 197 41.91 -9.52 37.69
CA ASN C 197 41.34 -10.77 38.24
C ASN C 197 40.11 -10.51 39.11
N LEU C 198 40.20 -9.55 40.02
CA LEU C 198 39.12 -9.28 40.98
C LEU C 198 37.81 -8.79 40.35
N SER C 199 37.94 -8.02 39.27
CA SER C 199 36.80 -7.47 38.53
C SER C 199 35.95 -8.59 37.92
N ALA C 200 36.55 -9.77 37.77
CA ALA C 200 35.86 -10.92 37.19
C ALA C 200 35.10 -11.78 38.20
N HIS C 201 35.30 -11.55 39.50
CA HIS C 201 34.74 -12.42 40.53
C HIS C 201 33.22 -12.38 40.65
N CYS C 202 32.64 -11.20 40.51
CA CYS C 202 31.20 -11.04 40.68
C CYS C 202 30.79 -9.63 40.27
N THR C 203 29.48 -9.41 40.11
CA THR C 203 29.02 -8.10 39.67
C THR C 203 29.24 -7.03 40.74
N GLU C 204 29.13 -7.40 42.02
CA GLU C 204 29.40 -6.41 43.07
C GLU C 204 30.85 -5.89 43.09
N ASN C 205 31.81 -6.72 42.69
CA ASN C 205 33.18 -6.24 42.53
C ASN C 205 33.28 -5.22 41.40
N LYS C 206 32.52 -5.46 40.33
CA LYS C 206 32.45 -4.54 39.19
C LYS C 206 31.82 -3.21 39.62
N ALA C 207 30.74 -3.29 40.40
CA ALA C 207 30.06 -2.10 40.89
C ALA C 207 30.96 -1.28 41.80
N ASP C 208 31.75 -1.95 42.65
CA ASP C 208 32.69 -1.25 43.54
C ASP C 208 33.73 -0.46 42.76
N ILE C 209 34.25 -1.05 41.68
CA ILE C 209 35.20 -0.35 40.81
C ILE C 209 34.54 0.89 40.19
N CYS C 210 33.36 0.70 39.60
CA CYS C 210 32.61 1.79 38.99
C CYS C 210 32.17 2.87 40.00
N ALA C 211 32.08 2.52 41.28
CA ALA C 211 31.64 3.46 42.31
C ALA C 211 32.76 4.35 42.85
N VAL C 212 34.01 3.95 42.63
CA VAL C 212 35.16 4.78 43.03
C VAL C 212 35.21 6.00 42.12
N ASP C 213 35.14 7.20 42.72
CA ASP C 213 35.13 8.45 41.97
C ASP C 213 36.41 8.60 41.14
N GLY C 214 36.25 8.85 39.84
CA GLY C 214 37.39 9.00 38.94
C GLY C 214 37.95 7.72 38.32
N ALA C 215 37.50 6.57 38.80
CA ALA C 215 38.04 5.27 38.36
C ALA C 215 37.79 4.97 36.87
N LEU C 216 36.55 5.17 36.41
CA LEU C 216 36.23 4.89 35.01
C LEU C 216 37.03 5.77 34.04
N ALA C 217 37.11 7.07 34.35
CA ALA C 217 37.93 7.99 33.56
C ALA C 217 39.40 7.57 33.56
N PHE C 218 39.90 7.16 34.74
CA PHE C 218 41.27 6.65 34.86
C PHE C 218 41.52 5.39 34.03
N LEU C 219 40.58 4.44 34.08
CA LEU C 219 40.72 3.23 33.30
C LEU C 219 40.69 3.48 31.79
N VAL C 220 39.83 4.40 31.35
CA VAL C 220 39.84 4.77 29.93
C VAL C 220 41.19 5.40 29.57
N GLY C 221 41.74 6.16 30.52
CA GLY C 221 43.09 6.72 30.40
C GLY C 221 44.16 5.68 30.12
N THR C 222 44.13 4.56 30.85
CA THR C 222 45.14 3.50 30.69
C THR C 222 45.17 2.91 29.28
N LEU C 223 44.08 3.09 28.53
CA LEU C 223 43.98 2.55 27.17
C LEU C 223 44.97 3.20 26.20
N THR C 224 45.42 4.42 26.53
CA THR C 224 46.42 5.12 25.71
C THR C 224 47.69 5.40 26.51
N TYR C 225 47.92 4.62 27.56
CA TYR C 225 49.15 4.70 28.35
C TYR C 225 50.39 4.63 27.47
N ARG C 226 51.37 5.47 27.78
CA ARG C 226 52.61 5.53 27.02
C ARG C 226 53.72 4.96 27.90
N SER C 227 54.07 3.70 27.65
CA SER C 227 55.03 2.98 28.49
C SER C 227 56.46 3.41 28.20
N GLN C 228 57.19 3.75 29.26
CA GLN C 228 58.61 4.06 29.17
C GLN C 228 59.41 2.80 28.85
N THR C 229 58.92 1.68 29.37
CA THR C 229 59.63 0.39 29.31
C THR C 229 59.29 -0.48 28.09
N ASN C 230 58.67 0.14 27.08
CA ASN C 230 58.27 -0.54 25.84
C ASN C 230 57.51 -1.86 26.02
N THR C 231 56.59 -1.88 26.98
CA THR C 231 55.68 -3.02 27.19
C THR C 231 54.23 -2.58 27.02
N LEU C 232 53.32 -3.55 26.91
CA LEU C 232 51.88 -3.25 26.73
C LEU C 232 51.05 -3.68 27.94
N ALA C 233 51.74 -4.04 29.02
CA ALA C 233 51.11 -4.54 30.25
C ALA C 233 49.98 -3.65 30.77
N ILE C 234 50.22 -2.34 30.83
CA ILE C 234 49.23 -1.39 31.35
C ILE C 234 47.96 -1.33 30.48
N ILE C 235 48.14 -1.24 29.17
CA ILE C 235 47.00 -1.22 28.25
C ILE C 235 46.21 -2.53 28.34
N GLU C 236 46.93 -3.66 28.42
CA GLU C 236 46.31 -4.97 28.56
C GLU C 236 45.48 -5.09 29.84
N SER C 237 46.07 -4.75 30.98
CA SER C 237 45.41 -4.96 32.26
C SER C 237 44.32 -3.91 32.49
N GLY C 238 44.60 -2.67 32.09
CA GLY C 238 43.62 -1.60 32.14
C GLY C 238 42.44 -1.85 31.23
N GLY C 239 42.73 -2.27 29.99
CA GLY C 239 41.70 -2.68 29.04
C GLY C 239 40.94 -3.92 29.48
N GLY C 240 41.62 -4.80 30.23
CA GLY C 240 41.00 -6.00 30.79
C GLY C 240 39.97 -5.69 31.87
N ILE C 241 40.33 -4.80 32.79
CA ILE C 241 39.39 -4.34 33.82
C ILE C 241 38.16 -3.70 33.18
N LEU C 242 38.40 -2.83 32.20
CA LEU C 242 37.32 -2.13 31.51
C LEU C 242 36.38 -3.12 30.83
N ARG C 243 36.96 -4.06 30.10
CA ARG C 243 36.21 -5.16 29.52
C ARG C 243 35.31 -5.83 30.57
N ASN C 244 35.88 -6.20 31.72
CA ASN C 244 35.09 -6.89 32.74
C ASN C 244 33.96 -6.03 33.32
N VAL C 245 34.22 -4.75 33.59
CA VAL C 245 33.20 -3.91 34.22
C VAL C 245 32.22 -3.32 33.19
N SER C 246 32.56 -3.42 31.90
CA SER C 246 31.72 -2.85 30.84
C SER C 246 30.34 -3.50 30.75
N SER C 247 30.19 -4.70 31.32
CA SER C 247 28.89 -5.35 31.44
C SER C 247 27.92 -4.52 32.29
N LEU C 248 28.46 -3.88 33.33
CA LEU C 248 27.68 -2.95 34.17
C LEU C 248 27.54 -1.57 33.57
N ILE C 249 28.65 -1.04 33.04
CA ILE C 249 28.63 0.26 32.37
C ILE C 249 27.55 0.35 31.30
N ALA C 250 27.37 -0.74 30.55
CA ALA C 250 26.43 -0.78 29.42
C ALA C 250 25.01 -0.39 29.82
N THR C 251 24.64 -0.68 31.07
CA THR C 251 23.28 -0.38 31.52
C THR C 251 23.23 0.90 32.37
N ASN C 252 24.34 1.61 32.42
CA ASN C 252 24.44 2.85 33.20
C ASN C 252 24.77 4.03 32.29
N GLU C 253 23.79 4.92 32.13
CA GLU C 253 23.90 6.05 31.22
C GLU C 253 24.99 7.06 31.62
N ASP C 254 25.00 7.44 32.89
CA ASP C 254 26.04 8.33 33.44
C ASP C 254 27.46 7.77 33.17
N HIS C 255 27.61 6.46 33.30
CA HIS C 255 28.92 5.86 33.12
C HIS C 255 29.34 5.78 31.67
N ARG C 256 28.36 5.54 30.78
CA ARG C 256 28.61 5.59 29.33
C ARG C 256 29.10 6.98 28.94
N GLN C 257 28.51 8.00 29.55
CA GLN C 257 28.87 9.39 29.28
C GLN C 257 30.30 9.73 29.74
N ILE C 258 30.70 9.23 30.91
CA ILE C 258 32.10 9.33 31.34
C ILE C 258 33.03 8.73 30.26
N LEU C 259 32.68 7.55 29.77
CA LEU C 259 33.43 6.92 28.68
C LEU C 259 33.51 7.77 27.41
N ARG C 260 32.38 8.36 27.00
CA ARG C 260 32.35 9.22 25.82
C ARG C 260 33.24 10.46 26.00
N GLU C 261 33.22 11.02 27.20
CA GLU C 261 34.02 12.17 27.57
C GLU C 261 35.50 11.88 27.37
N ASN C 262 35.85 10.63 27.51
CA ASN C 262 37.24 10.20 27.46
C ASN C 262 37.57 9.47 26.16
N ASN C 263 36.68 9.59 25.17
CA ASN C 263 36.90 9.02 23.83
C ASN C 263 37.08 7.50 23.83
N CYS C 264 36.33 6.81 24.68
CA CYS C 264 36.54 5.37 24.84
C CYS C 264 36.34 4.56 23.55
N LEU C 265 35.21 4.76 22.87
CA LEU C 265 34.87 3.99 21.68
C LEU C 265 35.90 4.09 20.56
N GLN C 266 36.38 5.30 20.26
CA GLN C 266 37.37 5.47 19.19
C GLN C 266 38.71 4.82 19.53
N THR C 267 39.08 4.84 20.80
CA THR C 267 40.30 4.17 21.27
C THR C 267 40.15 2.65 21.14
N LEU C 268 38.99 2.13 21.55
CA LEU C 268 38.72 0.69 21.42
C LEU C 268 38.81 0.23 19.97
N LEU C 269 38.36 1.08 19.04
CA LEU C 269 38.49 0.79 17.62
C LEU C 269 39.96 0.73 17.21
N GLN C 270 40.77 1.64 17.74
CA GLN C 270 42.21 1.63 17.50
C GLN C 270 42.87 0.37 18.03
N HIS C 271 42.38 -0.10 19.18
CA HIS C 271 42.83 -1.34 19.80
C HIS C 271 42.64 -2.58 18.92
N LEU C 272 41.61 -2.57 18.07
CA LEU C 272 41.38 -3.67 17.14
C LEU C 272 42.52 -3.85 16.13
N LYS C 273 43.33 -2.81 15.98
CA LYS C 273 44.49 -2.86 15.07
C LYS C 273 45.76 -3.34 15.76
N SER C 274 45.67 -3.59 17.07
CA SER C 274 46.83 -3.97 17.88
C SER C 274 47.44 -5.32 17.47
N HIS C 275 48.73 -5.47 17.71
CA HIS C 275 49.41 -6.74 17.47
C HIS C 275 49.29 -7.67 18.69
N SER C 276 48.92 -7.10 19.84
CA SER C 276 48.64 -7.88 21.03
C SER C 276 47.24 -8.49 20.93
N LEU C 277 47.17 -9.81 20.97
CA LEU C 277 45.89 -10.52 20.91
C LEU C 277 45.04 -10.24 22.14
N THR C 278 45.71 -10.03 23.28
CA THR C 278 45.04 -9.67 24.53
C THR C 278 44.29 -8.34 24.40
N ILE C 279 44.97 -7.34 23.83
CA ILE C 279 44.38 -6.02 23.61
C ILE C 279 43.17 -6.10 22.69
N VAL C 280 43.34 -6.77 21.55
CA VAL C 280 42.26 -6.96 20.58
C VAL C 280 41.06 -7.68 21.22
N SER C 281 41.35 -8.76 21.94
CA SER C 281 40.32 -9.53 22.61
C SER C 281 39.55 -8.71 23.64
N ASN C 282 40.27 -8.04 24.53
CA ASN C 282 39.65 -7.13 25.51
C ASN C 282 38.74 -6.10 24.84
N ALA C 283 39.24 -5.48 23.77
CA ALA C 283 38.49 -4.48 23.02
C ALA C 283 37.21 -5.03 22.43
N CYS C 284 37.30 -6.22 21.82
CA CYS C 284 36.13 -6.90 21.25
C CYS C 284 35.07 -7.12 22.33
N GLY C 285 35.51 -7.56 23.51
CA GLY C 285 34.62 -7.75 24.64
C GLY C 285 33.95 -6.47 25.09
N THR C 286 34.74 -5.39 25.21
CA THR C 286 34.20 -4.09 25.61
C THR C 286 33.21 -3.57 24.57
N LEU C 287 33.57 -3.70 23.30
CA LEU C 287 32.72 -3.25 22.20
C LEU C 287 31.41 -4.02 22.13
N TRP C 288 31.47 -5.33 22.34
CA TRP C 288 30.30 -6.20 22.45
C TRP C 288 29.29 -5.61 23.44
N ASN C 289 29.73 -5.33 24.66
CA ASN C 289 28.86 -4.73 25.68
C ASN C 289 28.37 -3.32 25.35
N LEU C 290 29.27 -2.46 24.89
CA LEU C 290 28.92 -1.07 24.62
C LEU C 290 28.04 -0.93 23.38
N SER C 291 28.18 -1.86 22.43
CA SER C 291 27.34 -1.84 21.22
C SER C 291 25.93 -2.37 21.47
N ALA C 292 25.71 -2.97 22.64
CA ALA C 292 24.40 -3.56 22.95
C ALA C 292 23.40 -2.51 23.41
N ARG C 293 22.21 -2.54 22.80
CA ARG C 293 21.02 -1.82 23.28
C ARG C 293 21.25 -0.35 23.64
N ASN C 294 21.93 0.37 22.75
CA ASN C 294 22.23 1.79 22.97
C ASN C 294 22.38 2.49 21.62
N PRO C 295 21.31 3.15 21.16
CA PRO C 295 21.30 3.74 19.82
C PRO C 295 22.42 4.76 19.61
N LYS C 296 22.73 5.51 20.66
CA LYS C 296 23.73 6.57 20.60
C LYS C 296 25.14 6.02 20.29
N ASP C 297 25.55 5.00 21.03
CA ASP C 297 26.88 4.43 20.83
C ASP C 297 26.93 3.54 19.58
N GLN C 298 25.78 2.98 19.21
CA GLN C 298 25.65 2.25 17.95
C GLN C 298 25.90 3.17 16.75
N GLU C 299 25.27 4.35 16.76
CA GLU C 299 25.47 5.37 15.71
C GLU C 299 26.92 5.84 15.63
N ALA C 300 27.48 6.15 16.80
CA ALA C 300 28.88 6.57 16.90
C ALA C 300 29.83 5.56 16.26
N LEU C 301 29.65 4.28 16.63
CA LEU C 301 30.45 3.20 16.07
C LEU C 301 30.32 3.07 14.55
N TRP C 302 29.09 3.14 14.05
CA TRP C 302 28.84 3.19 12.60
C TRP C 302 29.63 4.33 11.95
N ASP C 303 29.49 5.53 12.51
CA ASP C 303 30.15 6.75 12.01
C ASP C 303 31.67 6.66 12.03
N MET C 304 32.20 5.90 12.97
CA MET C 304 33.66 5.74 13.10
C MET C 304 34.20 4.61 12.23
N GLY C 305 33.32 3.97 11.48
CA GLY C 305 33.72 2.87 10.60
C GLY C 305 33.99 1.55 11.31
N ALA C 306 33.33 1.32 12.44
CA ALA C 306 33.52 0.10 13.23
C ALA C 306 33.10 -1.18 12.49
N VAL C 307 32.08 -1.08 11.65
CA VAL C 307 31.51 -2.21 10.92
C VAL C 307 32.56 -2.98 10.11
N SER C 308 33.28 -2.30 9.22
CA SER C 308 34.26 -2.97 8.38
C SER C 308 35.47 -3.44 9.20
N MET C 309 35.79 -2.71 10.27
CA MET C 309 36.87 -3.13 11.18
C MET C 309 36.56 -4.44 11.90
N LEU C 310 35.32 -4.58 12.39
CA LEU C 310 34.89 -5.79 13.07
C LEU C 310 34.75 -6.96 12.09
N LYS C 311 34.35 -6.66 10.86
CA LYS C 311 34.26 -7.66 9.79
C LYS C 311 35.61 -8.35 9.54
N ASN C 312 36.69 -7.60 9.65
CA ASN C 312 38.04 -8.15 9.47
C ASN C 312 38.50 -9.07 10.59
N LEU C 313 37.68 -9.20 11.63
CA LEU C 313 38.06 -10.01 12.79
C LEU C 313 37.20 -11.27 13.02
N ILE C 314 36.07 -11.37 12.35
CA ILE C 314 35.14 -12.47 12.61
C ILE C 314 35.70 -13.86 12.23
N HIS C 315 36.67 -13.89 11.32
CA HIS C 315 37.31 -15.15 10.91
C HIS C 315 38.64 -15.40 11.64
N SER C 316 38.80 -14.82 12.83
CA SER C 316 40.00 -15.01 13.64
C SER C 316 40.09 -16.45 14.19
N LYS C 317 41.31 -16.90 14.44
CA LYS C 317 41.57 -18.21 15.04
C LYS C 317 41.41 -18.13 16.55
N HIS C 318 41.61 -16.92 17.09
CA HIS C 318 41.43 -16.64 18.51
C HIS C 318 39.94 -16.65 18.80
N LYS C 319 39.54 -17.51 19.74
CA LYS C 319 38.13 -17.75 20.05
C LYS C 319 37.39 -16.51 20.55
N MET C 320 38.00 -15.79 21.48
CA MET C 320 37.39 -14.58 22.06
C MET C 320 37.29 -13.43 21.06
N ILE C 321 38.30 -13.31 20.19
CA ILE C 321 38.30 -12.29 19.13
C ILE C 321 37.19 -12.56 18.12
N ALA C 322 37.09 -13.81 17.67
CA ALA C 322 36.07 -14.21 16.71
C ALA C 322 34.66 -14.02 17.28
N MET C 323 34.48 -14.41 18.54
CA MET C 323 33.18 -14.33 19.21
C MET C 323 32.77 -12.88 19.49
N GLY C 324 33.69 -12.12 20.08
CA GLY C 324 33.44 -10.72 20.43
C GLY C 324 33.21 -9.83 19.24
N SER C 325 34.04 -9.96 18.21
CA SER C 325 33.89 -9.15 17.01
C SER C 325 32.54 -9.40 16.34
N ALA C 326 32.15 -10.68 16.23
CA ALA C 326 30.88 -11.04 15.61
C ALA C 326 29.67 -10.54 16.42
N ALA C 327 29.76 -10.62 17.75
CA ALA C 327 28.69 -10.15 18.63
C ALA C 327 28.50 -8.64 18.54
N ALA C 328 29.60 -7.88 18.58
CA ALA C 328 29.54 -6.44 18.37
C ALA C 328 29.01 -6.10 16.97
N LEU C 329 29.50 -6.81 15.96
CA LEU C 329 29.05 -6.57 14.58
C LEU C 329 27.54 -6.82 14.42
N ARG C 330 27.05 -7.90 15.04
CA ARG C 330 25.61 -8.20 15.04
C ARG C 330 24.80 -7.07 15.65
N ASN C 331 25.27 -6.52 16.75
CA ASN C 331 24.64 -5.36 17.38
C ASN C 331 24.57 -4.14 16.47
N LEU C 332 25.62 -3.90 15.71
CA LEU C 332 25.63 -2.79 14.75
C LEU C 332 24.74 -3.07 13.54
N MET C 333 24.83 -4.29 13.00
CA MET C 333 24.05 -4.67 11.80
C MET C 333 22.54 -4.69 12.07
N ALA C 334 22.16 -5.09 13.28
CA ALA C 334 20.75 -5.12 13.70
C ALA C 334 20.19 -3.72 13.97
N ASN C 335 21.07 -2.72 14.00
CA ASN C 335 20.68 -1.35 14.34
C ASN C 335 21.33 -0.34 13.41
N ARG C 336 21.05 -0.47 12.11
CA ARG C 336 21.59 0.43 11.10
C ARG C 336 20.90 1.79 11.16
N PRO C 337 21.71 2.88 11.27
CA PRO C 337 21.18 4.24 11.22
C PRO C 337 20.73 4.61 9.80
N ALA C 338 19.87 5.63 9.70
CA ALA C 338 19.25 6.03 8.44
C ALA C 338 20.24 6.48 7.35
N LYS C 339 21.43 6.88 7.76
CA LYS C 339 22.47 7.34 6.84
C LYS C 339 22.98 6.23 5.93
N TYR C 340 23.13 5.03 6.49
CA TYR C 340 23.76 3.90 5.80
C TYR C 340 22.73 2.92 5.27
N HIS D 3 -18.23 -22.09 3.95
CA HIS D 3 -18.41 -22.20 5.38
C HIS D 3 -18.11 -23.59 5.85
N HIS D 4 -17.05 -24.13 5.27
CA HIS D 4 -16.43 -25.33 5.76
C HIS D 4 -16.00 -25.07 7.14
N HIS D 5 -16.13 -26.07 8.00
CA HIS D 5 -15.94 -25.87 9.42
C HIS D 5 -14.68 -25.23 9.93
N HIS D 6 -13.52 -25.55 9.33
CA HIS D 6 -12.28 -24.93 9.72
C HIS D 6 -11.85 -23.82 8.77
N HIS D 7 -12.80 -23.00 8.34
CA HIS D 7 -12.52 -21.93 7.40
C HIS D 7 -11.57 -20.93 7.92
N HIS D 8 -11.69 -20.57 9.18
CA HIS D 8 -10.71 -19.67 9.79
C HIS D 8 -9.29 -20.24 9.74
N MET D 9 -9.13 -21.46 10.24
CA MET D 9 -7.80 -22.09 10.28
C MET D 9 -7.22 -22.23 8.86
N LEU D 10 -8.06 -22.65 7.93
CA LEU D 10 -7.64 -22.80 6.53
C LEU D 10 -7.15 -21.46 5.94
N HIS D 11 -7.87 -20.37 6.21
CA HIS D 11 -7.44 -19.03 5.77
C HIS D 11 -6.07 -18.65 6.31
N LEU D 12 -5.89 -18.85 7.62
CA LEU D 12 -4.63 -18.53 8.28
C LEU D 12 -3.45 -19.28 7.67
N LEU D 13 -3.62 -20.57 7.45
CA LEU D 13 -2.55 -21.41 6.91
C LEU D 13 -2.25 -21.12 5.44
N GLU D 14 -3.30 -20.88 4.64
CA GLU D 14 -3.14 -20.48 3.24
C GLU D 14 -2.48 -19.10 3.13
N GLN D 15 -2.82 -18.20 4.05
CA GLN D 15 -2.21 -16.87 4.12
C GLN D 15 -0.68 -16.93 4.30
N ILE D 16 -0.21 -17.70 5.29
CA ILE D 16 1.24 -17.78 5.53
C ILE D 16 1.95 -18.58 4.43
N ARG D 17 1.27 -19.58 3.87
CA ARG D 17 1.83 -20.31 2.74
C ARG D 17 1.96 -19.42 1.50
N ALA D 18 0.93 -18.63 1.21
CA ALA D 18 0.97 -17.73 0.05
C ALA D 18 2.11 -16.72 0.22
N TYR D 19 2.32 -16.25 1.45
CA TYR D 19 3.43 -15.35 1.74
C TYR D 19 4.79 -16.01 1.46
N CYS D 20 4.95 -17.27 1.85
CA CYS D 20 6.18 -17.99 1.56
C CYS D 20 6.38 -18.15 0.06
N GLU D 21 5.28 -18.31 -0.69
CA GLU D 21 5.34 -18.40 -2.15
C GLU D 21 5.80 -17.06 -2.74
N THR D 22 5.23 -15.96 -2.21
CA THR D 22 5.60 -14.60 -2.59
C THR D 22 7.11 -14.32 -2.40
N CYS D 23 7.67 -14.80 -1.30
CA CYS D 23 9.10 -14.69 -1.00
C CYS D 23 9.95 -15.58 -1.91
N TRP D 24 9.50 -16.81 -2.16
CA TRP D 24 10.17 -17.70 -3.11
C TRP D 24 10.22 -17.07 -4.51
N GLU D 25 9.10 -16.47 -4.90
CA GLU D 25 8.98 -15.82 -6.19
C GLU D 25 9.98 -14.65 -6.33
N TRP D 26 10.06 -13.83 -5.28
CA TRP D 26 11.06 -12.76 -5.21
C TRP D 26 12.49 -13.31 -5.36
N GLN D 27 12.80 -14.36 -4.61
CA GLN D 27 14.11 -15.01 -4.69
C GLN D 27 14.40 -15.48 -6.12
N GLU D 28 13.40 -16.08 -6.77
CA GLU D 28 13.60 -16.69 -8.08
C GLU D 28 13.53 -15.70 -9.23
N ALA D 29 13.16 -14.46 -8.93
CA ALA D 29 13.05 -13.40 -9.95
C ALA D 29 14.27 -12.47 -10.05
N HIS D 30 15.37 -12.84 -9.39
CA HIS D 30 16.63 -12.10 -9.49
C HIS D 30 17.33 -12.34 -10.81
N GLU D 31 16.83 -11.68 -11.86
CA GLU D 31 17.37 -11.78 -13.21
C GLU D 31 17.90 -10.43 -13.70
N PRO D 32 18.75 -10.43 -14.75
CA PRO D 32 19.29 -9.16 -15.27
C PRO D 32 18.20 -8.14 -15.59
N GLY D 33 18.33 -6.95 -15.01
CA GLY D 33 17.35 -5.89 -15.24
C GLY D 33 16.26 -5.81 -14.17
N MET D 34 16.10 -6.87 -13.40
CA MET D 34 15.09 -6.89 -12.34
C MET D 34 15.59 -6.16 -11.10
N ASP D 35 15.54 -4.84 -11.16
CA ASP D 35 15.97 -4.00 -10.04
C ASP D 35 14.98 -4.13 -8.88
N GLN D 36 15.23 -3.41 -7.81
CA GLN D 36 14.41 -3.46 -6.59
C GLN D 36 12.99 -2.89 -6.76
N ASP D 37 12.78 -2.11 -7.81
CA ASP D 37 11.45 -1.56 -8.09
C ASP D 37 10.56 -2.58 -8.81
N LYS D 38 11.17 -3.36 -9.71
CA LYS D 38 10.43 -4.42 -10.40
C LYS D 38 10.28 -5.66 -9.53
N ASN D 39 11.28 -5.94 -8.70
CA ASN D 39 11.29 -7.10 -7.83
C ASN D 39 11.52 -6.72 -6.35
N PRO D 40 10.55 -6.02 -5.73
CA PRO D 40 10.79 -5.61 -4.34
C PRO D 40 10.80 -6.78 -3.36
N MET D 41 11.70 -6.72 -2.39
CA MET D 41 11.75 -7.70 -1.32
C MET D 41 10.43 -7.63 -0.53
N PRO D 42 9.72 -8.77 -0.41
CA PRO D 42 8.48 -8.75 0.38
C PRO D 42 8.75 -8.47 1.85
N ALA D 43 7.82 -7.76 2.49
CA ALA D 43 7.88 -7.53 3.93
C ALA D 43 6.61 -8.08 4.57
N PRO D 44 6.75 -8.77 5.72
CA PRO D 44 5.60 -9.52 6.25
C PRO D 44 4.37 -8.66 6.62
N VAL D 45 4.61 -7.40 7.01
CA VAL D 45 3.52 -6.44 7.29
C VAL D 45 2.60 -6.27 6.07
N GLU D 46 3.14 -6.45 4.87
CA GLU D 46 2.39 -6.28 3.63
C GLU D 46 1.33 -7.36 3.49
N HIS D 47 1.49 -8.43 4.25
CA HIS D 47 0.62 -9.59 4.14
C HIS D 47 0.01 -10.01 5.47
N GLN D 48 -0.04 -9.07 6.42
CA GLN D 48 -0.74 -9.27 7.69
C GLN D 48 -0.28 -10.54 8.42
N ILE D 49 1.03 -10.76 8.36
CA ILE D 49 1.63 -11.99 8.87
C ILE D 49 1.64 -12.05 10.41
N CYS D 50 1.93 -10.94 11.07
CA CYS D 50 2.01 -10.97 12.54
C CYS D 50 0.65 -11.35 13.18
N PRO D 51 -0.46 -10.71 12.74
CA PRO D 51 -1.78 -11.18 13.20
C PRO D 51 -2.08 -12.64 12.85
N ALA D 52 -1.66 -13.09 11.66
CA ALA D 52 -1.86 -14.49 11.27
C ALA D 52 -1.25 -15.49 12.25
N VAL D 53 0.04 -15.30 12.58
CA VAL D 53 0.71 -16.20 13.50
C VAL D 53 0.24 -15.97 14.96
N CYS D 54 -0.15 -14.74 15.29
CA CYS D 54 -0.75 -14.47 16.59
C CYS D 54 -1.98 -15.37 16.81
N VAL D 55 -2.91 -15.35 15.85
CA VAL D 55 -4.13 -16.15 15.96
C VAL D 55 -3.83 -17.65 15.91
N LEU D 56 -2.93 -18.07 15.02
CA LEU D 56 -2.49 -19.47 15.01
C LEU D 56 -1.90 -19.91 16.36
N MET D 57 -1.07 -19.04 16.95
CA MET D 57 -0.54 -19.26 18.31
C MET D 57 -1.68 -19.48 19.31
N LYS D 58 -2.69 -18.63 19.26
CA LYS D 58 -3.78 -18.70 20.24
C LYS D 58 -4.56 -20.00 20.10
N LEU D 59 -4.84 -20.39 18.84
CA LEU D 59 -5.57 -21.61 18.53
C LEU D 59 -4.81 -22.85 18.96
N SER D 60 -3.48 -22.80 18.82
CA SER D 60 -2.62 -23.94 19.10
C SER D 60 -2.61 -24.38 20.57
N PHE D 61 -3.13 -23.56 21.47
CA PHE D 61 -3.24 -23.94 22.89
C PHE D 61 -4.33 -24.96 23.13
N ASP D 62 -5.29 -25.03 22.21
CA ASP D 62 -6.40 -25.94 22.32
C ASP D 62 -6.12 -27.27 21.59
N GLU D 63 -6.39 -28.37 22.27
CA GLU D 63 -6.12 -29.72 21.75
C GLU D 63 -6.90 -30.02 20.45
N GLU D 64 -8.19 -29.68 20.42
CA GLU D 64 -9.00 -29.88 19.22
C GLU D 64 -8.48 -29.06 18.03
N HIS D 65 -8.11 -27.80 18.27
CA HIS D 65 -7.57 -26.97 17.20
C HIS D 65 -6.23 -27.50 16.69
N ARG D 66 -5.40 -28.01 17.59
CA ARG D 66 -4.12 -28.61 17.21
C ARG D 66 -4.35 -29.77 16.25
N HIS D 67 -5.34 -30.60 16.57
CA HIS D 67 -5.71 -31.74 15.74
C HIS D 67 -6.11 -31.28 14.33
N ALA D 68 -6.94 -30.23 14.24
CA ALA D 68 -7.31 -29.65 12.95
C ALA D 68 -6.09 -29.03 12.25
N MET D 69 -5.23 -28.39 13.03
CA MET D 69 -4.02 -27.76 12.50
C MET D 69 -3.08 -28.80 11.89
N ASN D 70 -2.96 -29.94 12.57
CA ASN D 70 -2.17 -31.06 12.08
C ASN D 70 -2.71 -31.71 10.81
N GLU D 71 -4.04 -31.85 10.71
CA GLU D 71 -4.67 -32.36 9.50
C GLU D 71 -4.37 -31.45 8.30
N LEU D 72 -4.23 -30.17 8.58
CA LEU D 72 -4.04 -29.16 7.54
C LEU D 72 -2.58 -28.83 7.26
N GLY D 73 -1.65 -29.56 7.89
CA GLY D 73 -0.21 -29.33 7.70
C GLY D 73 0.30 -28.06 8.35
N GLY D 74 -0.28 -27.69 9.49
CA GLY D 74 0.06 -26.45 10.19
C GLY D 74 1.52 -26.32 10.62
N LEU D 75 2.07 -27.38 11.21
CA LEU D 75 3.45 -27.34 11.70
C LEU D 75 4.41 -26.95 10.58
N GLN D 76 4.35 -27.68 9.47
CA GLN D 76 5.23 -27.39 8.35
C GLN D 76 5.05 -25.95 7.87
N ALA D 77 3.80 -25.50 7.73
CA ALA D 77 3.53 -24.16 7.21
C ALA D 77 4.09 -23.08 8.14
N ILE D 78 3.87 -23.25 9.44
CA ILE D 78 4.35 -22.29 10.42
C ILE D 78 5.89 -22.30 10.50
N ALA D 79 6.48 -23.49 10.41
CA ALA D 79 7.93 -23.61 10.46
C ALA D 79 8.58 -22.98 9.23
N GLU D 80 7.97 -23.15 8.06
CA GLU D 80 8.51 -22.56 6.83
C GLU D 80 8.43 -21.05 6.86
N LEU D 81 7.33 -20.52 7.40
CA LEU D 81 7.17 -19.08 7.57
C LEU D 81 8.28 -18.51 8.45
N LEU D 82 8.49 -19.15 9.60
CA LEU D 82 9.58 -18.76 10.49
C LEU D 82 10.93 -18.81 9.78
N GLN D 83 11.21 -19.92 9.11
CA GLN D 83 12.46 -20.08 8.39
C GLN D 83 12.66 -18.96 7.36
N VAL D 84 11.64 -18.72 6.53
CA VAL D 84 11.66 -17.71 5.49
C VAL D 84 12.02 -16.32 6.05
N ASP D 85 11.31 -15.88 7.10
CA ASP D 85 11.61 -14.57 7.67
C ASP D 85 13.01 -14.49 8.26
N CYS D 86 13.43 -15.55 8.96
CA CYS D 86 14.78 -15.61 9.52
C CYS D 86 15.87 -15.52 8.45
N GLU D 87 15.68 -16.21 7.33
CA GLU D 87 16.70 -16.22 6.29
C GLU D 87 16.73 -14.90 5.52
N MET D 88 15.56 -14.30 5.33
CA MET D 88 15.46 -13.09 4.52
C MET D 88 16.03 -11.89 5.25
N TYR D 89 15.70 -11.76 6.53
CA TYR D 89 16.00 -10.56 7.29
C TYR D 89 17.10 -10.71 8.35
N GLY D 90 17.54 -11.94 8.57
CA GLY D 90 18.62 -12.19 9.52
C GLY D 90 18.23 -11.79 10.92
N LEU D 91 19.23 -11.56 11.76
CA LEU D 91 18.99 -11.16 13.14
C LEU D 91 18.69 -9.68 13.22
N THR D 92 17.45 -9.33 12.94
CA THR D 92 17.01 -7.95 12.92
C THR D 92 16.38 -7.56 14.26
N ASN D 93 16.42 -6.27 14.58
CA ASN D 93 15.73 -5.77 15.77
C ASN D 93 14.32 -5.27 15.48
N ASP D 94 13.92 -5.36 14.22
CA ASP D 94 12.59 -4.96 13.78
C ASP D 94 11.53 -5.64 14.65
N HIS D 95 10.80 -4.83 15.42
CA HIS D 95 9.76 -5.33 16.34
C HIS D 95 8.71 -6.24 15.68
N TYR D 96 8.29 -5.88 14.47
CA TYR D 96 7.35 -6.71 13.72
C TYR D 96 7.90 -8.11 13.48
N SER D 97 9.13 -8.17 12.97
CA SER D 97 9.79 -9.45 12.73
C SER D 97 9.98 -10.26 14.01
N ILE D 98 10.42 -9.59 15.08
CA ILE D 98 10.63 -10.30 16.35
C ILE D 98 9.31 -10.88 16.87
N THR D 99 8.25 -10.09 16.82
CA THR D 99 6.93 -10.53 17.29
C THR D 99 6.42 -11.75 16.51
N LEU D 100 6.49 -11.69 15.18
CA LEU D 100 5.98 -12.79 14.39
C LEU D 100 6.79 -14.07 14.62
N ARG D 101 8.10 -13.91 14.81
CA ARG D 101 8.96 -15.06 15.09
C ARG D 101 8.60 -15.69 16.44
N ARG D 102 8.32 -14.84 17.43
CA ARG D 102 7.88 -15.31 18.74
C ARG D 102 6.57 -16.09 18.65
N TYR D 103 5.57 -15.52 17.98
CA TYR D 103 4.26 -16.18 17.84
C TYR D 103 4.36 -17.50 17.09
N ALA D 104 5.10 -17.50 15.99
CA ALA D 104 5.37 -18.71 15.23
C ALA D 104 6.03 -19.77 16.12
N GLY D 105 7.06 -19.36 16.86
CA GLY D 105 7.76 -20.27 17.76
C GLY D 105 6.87 -20.83 18.87
N MET D 106 5.97 -20.01 19.40
CA MET D 106 5.02 -20.46 20.42
C MET D 106 4.08 -21.54 19.88
N ALA D 107 3.62 -21.35 18.64
CA ALA D 107 2.77 -22.33 17.99
C ALA D 107 3.54 -23.63 17.79
N LEU D 108 4.79 -23.52 17.32
CA LEU D 108 5.66 -24.69 17.16
C LEU D 108 5.85 -25.44 18.49
N THR D 109 5.99 -24.70 19.59
CA THR D 109 6.10 -25.32 20.90
C THR D 109 4.82 -26.10 21.22
N ASN D 110 3.67 -25.47 21.06
CA ASN D 110 2.38 -26.13 21.30
C ASN D 110 2.15 -27.36 20.43
N LEU D 111 2.56 -27.27 19.15
CA LEU D 111 2.38 -28.36 18.21
C LEU D 111 3.35 -29.53 18.40
N THR D 112 4.44 -29.31 19.10
CA THR D 112 5.39 -30.38 19.35
C THR D 112 5.17 -31.07 20.70
N PHE D 113 4.38 -30.44 21.58
CA PHE D 113 4.08 -31.02 22.88
C PHE D 113 3.42 -32.39 22.73
N GLY D 114 4.09 -33.42 23.27
CA GLY D 114 3.56 -34.80 23.25
C GLY D 114 3.31 -35.39 21.87
N ASP D 115 3.89 -34.79 20.84
CA ASP D 115 3.60 -35.21 19.46
C ASP D 115 4.81 -35.77 18.73
N VAL D 116 4.86 -37.09 18.66
CA VAL D 116 5.95 -37.84 18.06
C VAL D 116 6.26 -37.39 16.62
N ALA D 117 5.23 -37.36 15.78
CA ALA D 117 5.39 -37.08 14.36
C ALA D 117 5.87 -35.65 14.12
N ASN D 118 5.32 -34.70 14.87
CA ASN D 118 5.68 -33.28 14.74
C ASN D 118 7.10 -32.98 15.17
N LYS D 119 7.55 -33.60 16.26
CA LYS D 119 8.95 -33.46 16.68
C LYS D 119 9.87 -33.95 15.57
N ALA D 120 9.58 -35.13 15.03
CA ALA D 120 10.40 -35.71 13.97
C ALA D 120 10.40 -34.86 12.68
N THR D 121 9.22 -34.34 12.34
CA THR D 121 9.06 -33.53 11.13
C THR D 121 9.83 -32.22 11.24
N LEU D 122 9.68 -31.51 12.37
CA LEU D 122 10.40 -30.28 12.59
C LEU D 122 11.93 -30.44 12.54
N CYS D 123 12.46 -31.46 13.23
CA CYS D 123 13.90 -31.74 13.15
C CYS D 123 14.38 -32.11 11.74
N SER D 124 13.50 -32.69 10.94
CA SER D 124 13.84 -33.06 9.55
C SER D 124 13.95 -31.83 8.63
N MET D 125 13.38 -30.70 9.07
CA MET D 125 13.45 -29.45 8.31
C MET D 125 14.74 -28.73 8.70
N LYS D 126 15.83 -29.07 8.02
CA LYS D 126 17.17 -28.68 8.46
C LYS D 126 17.42 -27.17 8.40
N GLY D 127 16.97 -26.53 7.32
CA GLY D 127 17.04 -25.08 7.20
C GLY D 127 16.28 -24.35 8.30
N CYS D 128 15.10 -24.86 8.67
CA CYS D 128 14.35 -24.29 9.78
C CYS D 128 15.09 -24.50 11.11
N MET D 129 15.69 -25.66 11.26
CA MET D 129 16.47 -25.98 12.46
C MET D 129 17.65 -25.01 12.62
N ARG D 130 18.36 -24.77 11.52
CA ARG D 130 19.44 -23.77 11.53
C ARG D 130 18.94 -22.37 11.92
N ALA D 131 17.78 -21.99 11.39
CA ALA D 131 17.19 -20.69 11.67
C ALA D 131 16.84 -20.56 13.15
N LEU D 132 16.25 -21.61 13.72
CA LEU D 132 15.91 -21.63 15.14
C LEU D 132 17.14 -21.39 16.00
N VAL D 133 18.20 -22.17 15.74
CA VAL D 133 19.44 -22.07 16.53
C VAL D 133 20.06 -20.67 16.43
N ALA D 134 20.07 -20.09 15.23
CA ALA D 134 20.54 -18.72 15.04
C ALA D 134 19.80 -17.67 15.90
N GLN D 135 18.50 -17.87 16.14
CA GLN D 135 17.70 -16.91 16.93
C GLN D 135 18.13 -16.82 18.39
N LEU D 136 18.93 -17.78 18.84
CA LEU D 136 19.47 -17.74 20.20
C LEU D 136 20.40 -16.55 20.41
N LYS D 137 20.90 -16.00 19.30
CA LYS D 137 21.76 -14.80 19.35
C LYS D 137 20.99 -13.49 19.17
N SER D 138 19.66 -13.55 19.08
CA SER D 138 18.85 -12.35 18.94
C SER D 138 19.02 -11.45 20.16
N GLU D 139 18.96 -10.16 19.91
CA GLU D 139 18.90 -9.15 20.96
C GLU D 139 17.68 -9.35 21.85
N SER D 140 16.61 -9.91 21.29
CA SER D 140 15.40 -10.14 22.04
C SER D 140 15.50 -11.40 22.90
N GLU D 141 15.55 -11.23 24.23
CA GLU D 141 15.56 -12.38 25.13
C GLU D 141 14.25 -13.16 25.11
N ASP D 142 13.13 -12.45 24.94
CA ASP D 142 11.83 -13.11 24.82
C ASP D 142 11.78 -14.05 23.61
N LEU D 143 12.40 -13.64 22.51
CA LEU D 143 12.55 -14.55 21.36
C LEU D 143 13.47 -15.73 21.69
N GLN D 144 14.58 -15.47 22.37
CA GLN D 144 15.47 -16.56 22.82
C GLN D 144 14.67 -17.57 23.67
N GLN D 145 13.86 -17.03 24.59
CA GLN D 145 13.04 -17.84 25.47
C GLN D 145 12.07 -18.73 24.69
N VAL D 146 11.51 -18.19 23.61
CA VAL D 146 10.59 -18.95 22.78
C VAL D 146 11.32 -20.05 22.00
N ILE D 147 12.43 -19.72 21.38
CA ILE D 147 13.20 -20.70 20.61
C ILE D 147 13.66 -21.86 21.51
N ALA D 148 14.16 -21.51 22.70
CA ALA D 148 14.55 -22.53 23.68
C ALA D 148 13.39 -23.46 24.05
N SER D 149 12.17 -22.89 24.12
CA SER D 149 10.98 -23.69 24.39
C SER D 149 10.74 -24.74 23.30
N VAL D 150 10.96 -24.35 22.03
CA VAL D 150 10.88 -25.28 20.91
C VAL D 150 11.93 -26.38 21.04
N LEU D 151 13.18 -25.99 21.23
CA LEU D 151 14.28 -26.96 21.34
C LEU D 151 14.09 -27.93 22.51
N ARG D 152 13.52 -27.45 23.62
CA ARG D 152 13.12 -28.29 24.75
C ARG D 152 12.20 -29.43 24.34
N ASN D 153 11.08 -29.12 23.68
CA ASN D 153 10.15 -30.13 23.22
C ASN D 153 10.79 -31.08 22.23
N LEU D 154 11.61 -30.54 21.33
CA LEU D 154 12.30 -31.36 20.32
C LEU D 154 13.32 -32.31 20.93
N SER D 155 13.83 -31.98 22.12
CA SER D 155 14.88 -32.81 22.72
C SER D 155 14.33 -33.85 23.71
N TRP D 156 13.01 -33.86 23.88
CA TRP D 156 12.33 -34.86 24.70
C TRP D 156 11.82 -36.00 23.81
N ARG D 157 12.29 -37.20 24.14
CA ARG D 157 12.00 -38.42 23.38
C ARG D 157 12.34 -38.26 21.89
N ALA D 158 13.50 -37.68 21.64
CA ALA D 158 13.97 -37.48 20.27
C ALA D 158 14.41 -38.82 19.69
N ASP D 159 13.97 -39.10 18.47
CA ASP D 159 14.41 -40.31 17.78
C ASP D 159 15.86 -40.10 17.30
N VAL D 160 16.47 -41.10 16.67
CA VAL D 160 17.89 -41.00 16.37
C VAL D 160 18.20 -39.93 15.32
N ASN D 161 17.32 -39.77 14.33
CA ASN D 161 17.44 -38.71 13.33
C ASN D 161 17.40 -37.35 13.99
N SER D 162 16.44 -37.14 14.89
CA SER D 162 16.28 -35.87 15.60
C SER D 162 17.47 -35.55 16.51
N LYS D 163 17.94 -36.56 17.27
CA LYS D 163 19.12 -36.40 18.11
C LYS D 163 20.34 -35.97 17.29
N LYS D 164 20.53 -36.62 16.14
CA LYS D 164 21.63 -36.29 15.25
C LYS D 164 21.53 -34.86 14.70
N THR D 165 20.35 -34.47 14.21
CA THR D 165 20.14 -33.14 13.68
C THR D 165 20.35 -32.06 14.76
N LEU D 166 19.78 -32.28 15.94
CA LEU D 166 19.94 -31.35 17.06
C LEU D 166 21.42 -31.13 17.39
N ARG D 167 22.20 -32.19 17.26
CA ARG D 167 23.63 -32.09 17.46
C ARG D 167 24.34 -31.42 16.26
N GLU D 168 23.95 -31.77 15.04
CA GLU D 168 24.61 -31.23 13.85
C GLU D 168 24.40 -29.72 13.62
N VAL D 169 23.26 -29.19 14.07
CA VAL D 169 23.00 -27.76 13.97
C VAL D 169 23.59 -26.96 15.14
N GLY D 170 24.35 -27.64 15.99
CA GLY D 170 25.07 -27.01 17.10
C GLY D 170 24.19 -26.46 18.20
N SER D 171 23.02 -27.05 18.41
CA SER D 171 22.10 -26.55 19.44
C SER D 171 22.66 -26.59 20.88
N VAL D 172 23.51 -27.55 21.19
CA VAL D 172 24.00 -27.71 22.58
C VAL D 172 24.91 -26.55 22.98
N LYS D 173 25.98 -26.36 22.22
CA LYS D 173 26.88 -25.24 22.39
C LYS D 173 26.16 -23.89 22.25
N ALA D 174 25.25 -23.79 21.28
CA ALA D 174 24.48 -22.56 21.08
C ALA D 174 23.64 -22.21 22.30
N LEU D 175 22.99 -23.21 22.88
CA LEU D 175 22.20 -23.00 24.09
C LEU D 175 23.04 -22.69 25.33
N MET D 176 24.21 -23.33 25.44
CA MET D 176 25.09 -23.10 26.58
C MET D 176 25.70 -21.70 26.51
N GLU D 177 26.15 -21.28 25.31
CA GLU D 177 26.62 -19.91 25.10
C GLU D 177 25.51 -18.91 25.42
N CYS D 178 24.30 -19.21 24.94
CA CYS D 178 23.13 -18.38 25.21
C CYS D 178 22.89 -18.19 26.72
N ALA D 179 22.88 -19.29 27.47
CA ALA D 179 22.66 -19.25 28.93
C ALA D 179 23.59 -18.30 29.67
N LEU D 180 24.85 -18.27 29.24
CA LEU D 180 25.88 -17.43 29.85
C LEU D 180 25.58 -15.94 29.70
N GLU D 181 24.81 -15.59 28.66
CA GLU D 181 24.49 -14.21 28.33
C GLU D 181 23.13 -13.73 28.83
N VAL D 182 22.24 -14.65 29.24
CA VAL D 182 20.86 -14.25 29.54
C VAL D 182 20.77 -13.41 30.82
N LYS D 183 19.88 -12.43 30.81
CA LYS D 183 19.65 -11.58 31.99
C LYS D 183 18.31 -11.90 32.65
N LYS D 184 17.31 -12.30 31.87
CA LYS D 184 15.98 -12.55 32.41
C LYS D 184 15.79 -14.00 32.88
N GLU D 185 15.22 -14.15 34.07
CA GLU D 185 14.94 -15.48 34.63
C GLU D 185 14.11 -16.33 33.67
N SER D 186 13.03 -15.74 33.14
CA SER D 186 12.14 -16.44 32.21
C SER D 186 12.93 -17.06 31.07
N THR D 187 13.85 -16.29 30.48
CA THR D 187 14.69 -16.80 29.40
C THR D 187 15.58 -17.95 29.88
N LEU D 188 16.20 -17.77 31.04
CA LEU D 188 17.11 -18.79 31.57
C LEU D 188 16.38 -20.11 31.82
N LYS D 189 15.12 -20.04 32.28
CA LYS D 189 14.29 -21.22 32.50
C LYS D 189 14.18 -22.13 31.28
N SER D 190 13.80 -21.54 30.14
CA SER D 190 13.65 -22.29 28.89
C SER D 190 14.97 -22.80 28.39
N VAL D 191 16.00 -21.95 28.44
CA VAL D 191 17.32 -22.32 27.96
C VAL D 191 17.86 -23.53 28.73
N LEU D 192 17.78 -23.49 30.06
CA LEU D 192 18.26 -24.61 30.89
C LEU D 192 17.41 -25.87 30.74
N SER D 193 16.09 -25.71 30.61
CA SER D 193 15.19 -26.85 30.39
C SER D 193 15.54 -27.57 29.10
N ALA D 194 15.88 -26.81 28.05
CA ALA D 194 16.29 -27.41 26.78
C ALA D 194 17.63 -28.13 26.94
N LEU D 195 18.58 -27.49 27.63
CA LEU D 195 19.89 -28.10 27.86
C LEU D 195 19.79 -29.36 28.72
N TRP D 196 18.86 -29.34 29.68
CA TRP D 196 18.62 -30.48 30.54
C TRP D 196 18.30 -31.73 29.71
N ASN D 197 17.36 -31.61 28.76
CA ASN D 197 17.03 -32.72 27.86
C ASN D 197 18.19 -33.10 26.96
N LEU D 198 18.83 -32.12 26.32
CA LEU D 198 19.92 -32.38 25.38
C LEU D 198 21.15 -33.03 26.02
N SER D 199 21.42 -32.67 27.28
CA SER D 199 22.57 -33.22 28.03
C SER D 199 22.42 -34.72 28.26
N ALA D 200 21.19 -35.22 28.11
CA ALA D 200 20.93 -36.65 28.31
C ALA D 200 21.09 -37.49 27.03
N HIS D 201 21.21 -36.84 25.87
CA HIS D 201 21.18 -37.56 24.60
C HIS D 201 22.35 -38.49 24.38
N CYS D 202 23.54 -38.04 24.70
CA CYS D 202 24.75 -38.83 24.44
C CYS D 202 25.93 -38.21 25.17
N THR D 203 27.05 -38.93 25.25
CA THR D 203 28.21 -38.40 25.95
C THR D 203 28.82 -37.20 25.22
N GLU D 204 28.74 -37.21 23.89
CA GLU D 204 29.22 -36.09 23.09
C GLU D 204 28.54 -34.76 23.44
N ASN D 205 27.23 -34.77 23.69
CA ASN D 205 26.51 -33.58 24.16
C ASN D 205 27.00 -33.13 25.54
N LYS D 206 27.31 -34.09 26.41
CA LYS D 206 27.83 -33.76 27.73
C LYS D 206 29.21 -33.11 27.61
N ALA D 207 30.04 -33.64 26.70
CA ALA D 207 31.38 -33.10 26.48
C ALA D 207 31.33 -31.69 25.89
N ASP D 208 30.36 -31.44 25.01
CA ASP D 208 30.20 -30.12 24.40
C ASP D 208 29.86 -29.06 25.44
N ILE D 209 28.98 -29.41 26.38
CA ILE D 209 28.65 -28.53 27.50
C ILE D 209 29.90 -28.24 28.34
N CYS D 210 30.60 -29.29 28.74
CA CYS D 210 31.80 -29.16 29.56
C CYS D 210 32.92 -28.36 28.85
N ALA D 211 32.93 -28.38 27.52
CA ALA D 211 33.98 -27.71 26.75
C ALA D 211 33.73 -26.23 26.50
N VAL D 212 32.52 -25.76 26.83
CA VAL D 212 32.22 -24.33 26.77
C VAL D 212 32.88 -23.64 27.97
N ASP D 213 33.71 -22.64 27.69
CA ASP D 213 34.43 -21.91 28.73
C ASP D 213 33.46 -21.23 29.69
N GLY D 214 33.62 -21.49 30.98
CA GLY D 214 32.78 -20.90 32.02
C GLY D 214 31.48 -21.65 32.31
N ALA D 215 31.15 -22.62 31.47
CA ALA D 215 29.88 -23.34 31.60
C ALA D 215 29.73 -24.10 32.93
N LEU D 216 30.77 -24.84 33.32
CA LEU D 216 30.70 -25.62 34.54
C LEU D 216 30.56 -24.73 35.78
N ALA D 217 31.34 -23.65 35.83
CA ALA D 217 31.24 -22.66 36.91
C ALA D 217 29.83 -22.05 36.94
N PHE D 218 29.32 -21.69 35.76
CA PHE D 218 27.96 -21.18 35.62
C PHE D 218 26.90 -22.16 36.15
N LEU D 219 27.00 -23.43 35.74
CA LEU D 219 26.04 -24.43 36.18
C LEU D 219 26.05 -24.63 37.71
N VAL D 220 27.24 -24.65 38.31
CA VAL D 220 27.34 -24.72 39.77
C VAL D 220 26.69 -23.50 40.42
N GLY D 221 26.88 -22.33 39.83
CA GLY D 221 26.19 -21.12 40.28
C GLY D 221 24.67 -21.22 40.29
N THR D 222 24.10 -21.86 39.27
CA THR D 222 22.64 -22.03 39.21
C THR D 222 22.08 -22.83 40.40
N LEU D 223 22.97 -23.55 41.09
CA LEU D 223 22.56 -24.36 42.25
C LEU D 223 22.13 -23.49 43.43
N THR D 224 22.60 -22.25 43.48
CA THR D 224 22.21 -21.31 44.53
C THR D 224 21.49 -20.08 43.96
N TYR D 225 20.90 -20.24 42.78
CA TYR D 225 20.10 -19.19 42.18
C TYR D 225 19.03 -18.71 43.15
N ARG D 226 18.88 -17.39 43.22
CA ARG D 226 17.89 -16.77 44.07
C ARG D 226 16.77 -16.21 43.19
N SER D 227 15.67 -16.96 43.10
CA SER D 227 14.55 -16.61 42.22
C SER D 227 13.71 -15.48 42.80
N GLN D 228 13.47 -14.47 41.98
CA GLN D 228 12.58 -13.38 42.36
C GLN D 228 11.12 -13.81 42.25
N THR D 229 10.85 -14.77 41.36
CA THR D 229 9.50 -15.28 41.13
C THR D 229 9.09 -16.44 42.06
N ASN D 230 9.87 -16.65 43.12
CA ASN D 230 9.67 -17.71 44.12
C ASN D 230 9.41 -19.12 43.56
N THR D 231 10.08 -19.47 42.46
CA THR D 231 10.05 -20.82 41.92
C THR D 231 11.43 -21.48 42.08
N LEU D 232 11.50 -22.78 41.82
CA LEU D 232 12.75 -23.54 41.93
C LEU D 232 13.24 -24.08 40.58
N ALA D 233 12.59 -23.62 39.51
CA ALA D 233 12.87 -24.11 38.15
C ALA D 233 14.35 -24.04 37.76
N ILE D 234 15.00 -22.92 38.03
CA ILE D 234 16.41 -22.71 37.68
C ILE D 234 17.33 -23.70 38.41
N ILE D 235 17.11 -23.88 39.71
CA ILE D 235 17.90 -24.83 40.50
C ILE D 235 17.66 -26.26 40.00
N GLU D 236 16.40 -26.57 39.72
CA GLU D 236 16.02 -27.89 39.20
C GLU D 236 16.66 -28.20 37.85
N SER D 237 16.60 -27.25 36.93
CA SER D 237 17.10 -27.48 35.57
C SER D 237 18.62 -27.35 35.51
N GLY D 238 19.15 -26.39 36.25
CA GLY D 238 20.60 -26.24 36.39
C GLY D 238 21.22 -27.45 37.05
N GLY D 239 20.62 -27.89 38.16
CA GLY D 239 21.03 -29.12 38.83
C GLY D 239 20.86 -30.37 38.00
N GLY D 240 19.85 -30.37 37.13
CA GLY D 240 19.59 -31.50 36.24
C GLY D 240 20.67 -31.67 35.19
N ILE D 241 21.05 -30.56 34.55
CA ILE D 241 22.17 -30.55 33.60
C ILE D 241 23.46 -31.04 34.28
N LEU D 242 23.75 -30.48 35.45
CA LEU D 242 24.95 -30.86 36.21
C LEU D 242 24.96 -32.36 36.50
N ARG D 243 23.86 -32.86 36.98
CA ARG D 243 23.68 -34.28 37.17
C ARG D 243 24.01 -35.08 35.92
N ASN D 244 23.41 -34.72 34.80
CA ASN D 244 23.67 -35.44 33.55
C ASN D 244 25.13 -35.40 33.13
N VAL D 245 25.77 -34.22 33.19
CA VAL D 245 27.17 -34.12 32.75
C VAL D 245 28.20 -34.60 33.79
N SER D 246 27.75 -34.78 35.04
CA SER D 246 28.65 -35.21 36.13
C SER D 246 29.31 -36.57 35.88
N SER D 247 28.69 -37.39 35.02
CA SER D 247 29.29 -38.65 34.60
C SER D 247 30.63 -38.43 33.89
N LEU D 248 30.72 -37.37 33.09
CA LEU D 248 31.97 -36.95 32.48
C LEU D 248 32.90 -36.22 33.42
N ILE D 249 32.35 -35.27 34.19
CA ILE D 249 33.13 -34.53 35.18
C ILE D 249 33.90 -35.46 36.12
N ALA D 250 33.28 -36.56 36.52
CA ALA D 250 33.87 -37.49 37.49
C ALA D 250 35.25 -38.01 37.08
N THR D 251 35.49 -38.13 35.77
CA THR D 251 36.78 -38.67 35.29
C THR D 251 37.69 -37.56 34.76
N ASN D 252 37.33 -36.31 35.05
CA ASN D 252 38.11 -35.14 34.63
C ASN D 252 38.52 -34.33 35.86
N GLU D 253 39.80 -34.40 36.20
CA GLU D 253 40.34 -33.75 37.40
C GLU D 253 40.22 -32.22 37.33
N ASP D 254 40.59 -31.63 36.19
CA ASP D 254 40.46 -30.20 35.99
C ASP D 254 39.00 -29.73 36.21
N HIS D 255 38.04 -30.51 35.74
CA HIS D 255 36.62 -30.15 35.91
C HIS D 255 36.13 -30.34 37.34
N ARG D 256 36.59 -31.39 38.01
CA ARG D 256 36.33 -31.54 39.45
C ARG D 256 36.82 -30.31 40.23
N GLN D 257 37.98 -29.79 39.83
CA GLN D 257 38.59 -28.65 40.52
C GLN D 257 37.77 -27.36 40.34
N ILE D 258 37.22 -27.17 39.14
CA ILE D 258 36.28 -26.07 38.90
C ILE D 258 35.08 -26.19 39.84
N LEU D 259 34.54 -27.38 39.96
CA LEU D 259 33.45 -27.64 40.91
C LEU D 259 33.81 -27.33 42.36
N ARG D 260 35.00 -27.75 42.77
CA ARG D 260 35.51 -27.45 44.12
C ARG D 260 35.65 -25.93 44.37
N GLU D 261 36.19 -25.22 43.39
CA GLU D 261 36.31 -23.75 43.45
C GLU D 261 34.97 -23.09 43.69
N ASN D 262 33.90 -23.75 43.23
CA ASN D 262 32.56 -23.19 43.31
C ASN D 262 31.70 -23.84 44.39
N ASN D 263 32.35 -24.55 45.30
CA ASN D 263 31.69 -25.18 46.45
C ASN D 263 30.56 -26.14 46.07
N CYS D 264 30.77 -26.92 45.01
CA CYS D 264 29.71 -27.77 44.47
C CYS D 264 29.23 -28.84 45.46
N LEU D 265 30.16 -29.58 46.06
CA LEU D 265 29.81 -30.68 46.97
C LEU D 265 28.97 -30.21 48.16
N GLN D 266 29.39 -29.11 48.78
CA GLN D 266 28.70 -28.52 49.92
C GLN D 266 27.26 -28.12 49.59
N THR D 267 27.07 -27.54 48.41
CA THR D 267 25.75 -27.12 47.95
C THR D 267 24.87 -28.34 47.65
N LEU D 268 25.45 -29.37 47.03
CA LEU D 268 24.73 -30.61 46.76
C LEU D 268 24.20 -31.25 48.03
N LEU D 269 25.00 -31.21 49.10
CA LEU D 269 24.56 -31.70 50.40
C LEU D 269 23.36 -30.91 50.93
N GLN D 270 23.38 -29.58 50.76
CA GLN D 270 22.25 -28.73 51.16
C GLN D 270 21.00 -29.08 50.36
N HIS D 271 21.20 -29.41 49.08
CA HIS D 271 20.12 -29.84 48.20
C HIS D 271 19.37 -31.08 48.68
N LEU D 272 20.07 -31.95 49.41
CA LEU D 272 19.45 -33.14 49.99
C LEU D 272 18.37 -32.80 51.03
N LYS D 273 18.39 -31.56 51.51
CA LYS D 273 17.40 -31.09 52.48
C LYS D 273 16.18 -30.44 51.82
N SER D 274 16.24 -30.31 50.50
CA SER D 274 15.18 -29.65 49.73
C SER D 274 13.83 -30.35 49.84
N HIS D 275 12.77 -29.57 49.69
CA HIS D 275 11.41 -30.11 49.67
C HIS D 275 11.01 -30.50 48.26
N SER D 276 11.78 -30.04 47.27
CA SER D 276 11.61 -30.46 45.89
C SER D 276 12.28 -31.82 45.66
N LEU D 277 11.48 -32.81 45.28
CA LEU D 277 11.98 -34.15 45.00
C LEU D 277 12.93 -34.17 43.79
N THR D 278 12.67 -33.30 42.82
CA THR D 278 13.55 -33.12 41.66
C THR D 278 14.97 -32.66 42.06
N ILE D 279 15.04 -31.70 42.97
CA ILE D 279 16.32 -31.18 43.46
C ILE D 279 17.10 -32.27 44.21
N VAL D 280 16.43 -32.92 45.17
CA VAL D 280 17.03 -34.01 45.94
C VAL D 280 17.53 -35.12 45.01
N SER D 281 16.67 -35.51 44.08
CA SER D 281 16.97 -36.56 43.11
C SER D 281 18.20 -36.22 42.27
N ASN D 282 18.20 -35.03 41.66
CA ASN D 282 19.36 -34.56 40.91
C ASN D 282 20.64 -34.57 41.76
N ALA D 283 20.55 -34.06 42.99
CA ALA D 283 21.69 -34.03 43.90
C ALA D 283 22.27 -35.42 44.16
N CYS D 284 21.39 -36.38 44.45
CA CYS D 284 21.80 -37.77 44.65
C CYS D 284 22.55 -38.31 43.44
N GLY D 285 22.03 -38.04 42.24
CA GLY D 285 22.70 -38.43 41.00
C GLY D 285 24.09 -37.87 40.88
N THR D 286 24.24 -36.56 41.13
CA THR D 286 25.53 -35.89 41.02
C THR D 286 26.51 -36.43 42.06
N LEU D 287 26.04 -36.56 43.31
CA LEU D 287 26.85 -37.08 44.39
C LEU D 287 27.31 -38.51 44.11
N TRP D 288 26.42 -39.33 43.56
CA TRP D 288 26.75 -40.68 43.11
C TRP D 288 28.00 -40.65 42.22
N ASN D 289 27.97 -39.84 41.16
CA ASN D 289 29.13 -39.71 40.26
C ASN D 289 30.37 -39.12 40.92
N LEU D 290 30.19 -38.03 41.65
CA LEU D 290 31.33 -37.33 42.26
C LEU D 290 31.99 -38.12 43.39
N SER D 291 31.20 -38.95 44.08
CA SER D 291 31.74 -39.77 45.16
C SER D 291 32.48 -41.01 44.64
N ALA D 292 32.34 -41.29 43.35
CA ALA D 292 32.96 -42.48 42.75
C ALA D 292 34.45 -42.26 42.49
N ARG D 293 35.26 -43.21 42.97
CA ARG D 293 36.67 -43.34 42.58
C ARG D 293 37.48 -42.04 42.66
N ASN D 294 37.34 -41.32 43.78
CA ASN D 294 38.05 -40.06 43.98
C ASN D 294 38.25 -39.80 45.46
N PRO D 295 39.45 -40.14 45.99
CA PRO D 295 39.72 -40.04 47.43
C PRO D 295 39.51 -38.63 47.98
N LYS D 296 39.92 -37.62 47.22
CA LYS D 296 39.80 -36.23 47.66
C LYS D 296 38.34 -35.79 47.91
N ASP D 297 37.46 -36.09 46.95
CA ASP D 297 36.05 -35.73 47.11
C ASP D 297 35.31 -36.63 48.09
N GLN D 298 35.74 -37.89 48.16
CA GLN D 298 35.22 -38.82 49.16
C GLN D 298 35.53 -38.33 50.57
N GLU D 299 36.78 -37.90 50.80
CA GLU D 299 37.20 -37.37 52.10
C GLU D 299 36.46 -36.09 52.46
N ALA D 300 36.30 -35.20 51.47
CA ALA D 300 35.56 -33.96 51.66
C ALA D 300 34.11 -34.22 52.08
N LEU D 301 33.45 -35.15 51.41
CA LEU D 301 32.08 -35.53 51.74
C LEU D 301 31.96 -36.11 53.15
N TRP D 302 32.89 -36.97 53.53
CA TRP D 302 32.98 -37.48 54.90
C TRP D 302 33.06 -36.32 55.91
N ASP D 303 33.97 -35.38 55.65
CA ASP D 303 34.20 -34.22 56.51
C ASP D 303 32.99 -33.29 56.63
N MET D 304 32.18 -33.22 55.57
CA MET D 304 30.99 -32.37 55.58
C MET D 304 29.78 -33.09 56.19
N GLY D 305 29.99 -34.33 56.63
CA GLY D 305 28.93 -35.14 57.22
C GLY D 305 27.92 -35.70 56.22
N ALA D 306 28.38 -36.02 55.01
CA ALA D 306 27.53 -36.56 53.94
C ALA D 306 26.94 -37.93 54.28
N VAL D 307 27.72 -38.75 54.99
CA VAL D 307 27.32 -40.12 55.32
C VAL D 307 25.97 -40.17 56.03
N SER D 308 25.84 -39.40 57.10
CA SER D 308 24.61 -39.37 57.88
C SER D 308 23.43 -38.83 57.08
N MET D 309 23.69 -37.83 56.24
CA MET D 309 22.65 -37.22 55.39
C MET D 309 22.14 -38.18 54.32
N LEU D 310 23.06 -38.92 53.70
CA LEU D 310 22.68 -39.91 52.68
C LEU D 310 21.91 -41.07 53.29
N LYS D 311 22.31 -41.48 54.50
CA LYS D 311 21.60 -42.53 55.24
C LYS D 311 20.11 -42.22 55.45
N ASN D 312 19.79 -40.93 55.63
CA ASN D 312 18.40 -40.51 55.84
C ASN D 312 17.52 -40.64 54.60
N LEU D 313 18.13 -40.93 53.45
CA LEU D 313 17.41 -40.96 52.18
C LEU D 313 17.29 -42.35 51.55
N ILE D 314 18.05 -43.32 52.04
CA ILE D 314 18.05 -44.64 51.42
C ILE D 314 16.71 -45.40 51.49
N HIS D 315 15.86 -45.05 52.46
CA HIS D 315 14.53 -45.66 52.57
C HIS D 315 13.43 -44.84 51.89
N SER D 316 13.81 -43.91 51.02
CA SER D 316 12.85 -43.09 50.30
C SER D 316 11.96 -43.92 49.39
N LYS D 317 10.75 -43.41 49.14
CA LYS D 317 9.79 -44.05 48.22
C LYS D 317 10.07 -43.64 46.78
N HIS D 318 10.79 -42.54 46.61
CA HIS D 318 11.20 -42.06 45.31
C HIS D 318 12.35 -42.93 44.82
N LYS D 319 12.14 -43.54 43.64
CA LYS D 319 13.08 -44.51 43.04
C LYS D 319 14.51 -44.00 42.93
N MET D 320 14.67 -42.85 42.30
CA MET D 320 15.99 -42.27 42.02
C MET D 320 16.68 -41.77 43.29
N ILE D 321 15.89 -41.20 44.20
CA ILE D 321 16.42 -40.76 45.50
C ILE D 321 16.96 -41.95 46.30
N ALA D 322 16.16 -43.02 46.36
CA ALA D 322 16.56 -44.23 47.07
C ALA D 322 17.83 -44.83 46.46
N MET D 323 17.84 -44.93 45.14
CA MET D 323 18.98 -45.53 44.41
C MET D 323 20.24 -44.67 44.51
N GLY D 324 20.11 -43.39 44.15
CA GLY D 324 21.24 -42.46 44.16
C GLY D 324 21.90 -42.29 45.52
N SER D 325 21.08 -42.08 46.55
CA SER D 325 21.60 -41.91 47.91
C SER D 325 22.39 -43.14 48.37
N ALA D 326 21.83 -44.33 48.11
CA ALA D 326 22.50 -45.59 48.50
C ALA D 326 23.79 -45.81 47.73
N ALA D 327 23.79 -45.47 46.43
CA ALA D 327 25.00 -45.60 45.60
C ALA D 327 26.13 -44.68 46.08
N ALA D 328 25.79 -43.41 46.36
CA ALA D 328 26.74 -42.47 46.94
C ALA D 328 27.22 -42.92 48.33
N LEU D 329 26.28 -43.37 49.16
CA LEU D 329 26.63 -43.84 50.50
C LEU D 329 27.58 -45.03 50.43
N ARG D 330 27.30 -45.92 49.50
CA ARG D 330 28.14 -47.09 49.22
C ARG D 330 29.57 -46.67 48.88
N ASN D 331 29.70 -45.69 47.98
CA ASN D 331 31.01 -45.12 47.63
C ASN D 331 31.79 -44.55 48.81
N LEU D 332 31.09 -43.85 49.70
CA LEU D 332 31.74 -43.32 50.90
C LEU D 332 32.10 -44.40 51.92
N MET D 333 31.18 -45.34 52.14
CA MET D 333 31.40 -46.40 53.13
C MET D 333 32.57 -47.30 52.76
N ALA D 334 32.75 -47.54 51.45
CA ALA D 334 33.84 -48.34 50.91
C ALA D 334 35.19 -47.60 50.95
N ASN D 335 35.15 -46.30 51.24
CA ASN D 335 36.35 -45.48 51.22
C ASN D 335 36.42 -44.58 52.46
N ARG D 336 36.34 -45.22 53.63
CA ARG D 336 36.49 -44.52 54.90
C ARG D 336 37.93 -44.06 55.04
N PRO D 337 38.14 -42.74 55.25
CA PRO D 337 39.49 -42.19 55.39
C PRO D 337 40.08 -42.58 56.74
N ALA D 338 41.41 -42.75 56.77
CA ALA D 338 42.14 -43.12 57.99
C ALA D 338 41.76 -42.25 59.18
N LYS D 339 41.55 -40.96 58.92
CA LYS D 339 41.10 -39.97 59.90
C LYS D 339 39.93 -40.48 60.77
N TYR D 340 39.02 -41.23 60.15
CA TYR D 340 37.85 -41.75 60.85
C TYR D 340 38.14 -43.13 61.45
N LYS D 341 38.12 -44.17 60.60
CA LYS D 341 38.52 -45.51 61.03
C LYS D 341 38.86 -46.39 59.82
N HIS E 3 -86.24 30.08 41.72
CA HIS E 3 -85.20 30.34 40.74
C HIS E 3 -84.75 29.07 40.09
N HIS E 4 -84.54 29.14 38.77
CA HIS E 4 -83.86 28.09 38.02
C HIS E 4 -82.46 28.03 38.52
N HIS E 5 -81.89 26.82 38.59
CA HIS E 5 -80.65 26.60 39.32
C HIS E 5 -79.54 27.50 38.85
N HIS E 6 -79.43 27.71 37.54
CA HIS E 6 -78.39 28.52 36.96
C HIS E 6 -78.84 29.92 36.62
N HIS E 7 -79.69 30.49 37.46
CA HIS E 7 -80.27 31.80 37.16
C HIS E 7 -79.23 32.93 37.00
N HIS E 8 -78.20 32.94 37.85
CA HIS E 8 -77.14 33.95 37.73
C HIS E 8 -76.37 33.83 36.41
N MET E 9 -75.93 32.63 36.07
CA MET E 9 -75.15 32.45 34.85
C MET E 9 -76.01 32.77 33.62
N LEU E 10 -77.28 32.32 33.65
CA LEU E 10 -78.22 32.65 32.59
C LEU E 10 -78.37 34.16 32.43
N HIS E 11 -78.56 34.87 33.54
CA HIS E 11 -78.62 36.34 33.48
C HIS E 11 -77.40 36.95 32.82
N LEU E 12 -76.20 36.54 33.25
CA LEU E 12 -74.98 37.08 32.69
C LEU E 12 -74.87 36.84 31.19
N LEU E 13 -75.18 35.63 30.74
CA LEU E 13 -75.06 35.30 29.32
C LEU E 13 -76.10 36.02 28.47
N GLU E 14 -77.34 36.09 28.97
CA GLU E 14 -78.40 36.83 28.29
C GLU E 14 -78.05 38.33 28.19
N GLN E 15 -77.44 38.86 29.25
CA GLN E 15 -77.03 40.28 29.29
C GLN E 15 -76.02 40.61 28.16
N ILE E 16 -74.96 39.82 28.04
CA ILE E 16 -73.97 40.09 27.00
C ILE E 16 -74.51 39.81 25.59
N ARG E 17 -75.41 38.82 25.49
CA ARG E 17 -76.09 38.54 24.23
C ARG E 17 -76.98 39.70 23.82
N ALA E 18 -77.74 40.22 24.78
CA ALA E 18 -78.61 41.36 24.50
C ALA E 18 -77.79 42.58 24.07
N TYR E 19 -76.65 42.82 24.72
CA TYR E 19 -75.76 43.91 24.31
C TYR E 19 -75.26 43.72 22.87
N CYS E 20 -74.94 42.49 22.49
CA CYS E 20 -74.52 42.22 21.13
C CYS E 20 -75.64 42.49 20.13
N GLU E 21 -76.88 42.17 20.51
CA GLU E 21 -78.03 42.51 19.69
C GLU E 21 -78.17 44.02 19.51
N THR E 22 -78.00 44.75 20.62
CA THR E 22 -78.08 46.20 20.65
C THR E 22 -77.08 46.86 19.66
N CYS E 23 -75.86 46.34 19.63
CA CYS E 23 -74.81 46.79 18.72
C CYS E 23 -75.13 46.44 17.27
N TRP E 24 -75.64 45.22 17.04
CA TRP E 24 -76.09 44.80 15.73
C TRP E 24 -77.21 45.71 15.22
N GLU E 25 -78.14 46.05 16.11
CA GLU E 25 -79.26 46.93 15.78
C GLU E 25 -78.75 48.32 15.34
N TRP E 26 -77.82 48.87 16.12
CA TRP E 26 -77.15 50.13 15.77
C TRP E 26 -76.52 50.04 14.37
N GLN E 27 -75.78 48.97 14.13
CA GLN E 27 -75.10 48.78 12.86
C GLN E 27 -76.10 48.77 11.71
N GLU E 28 -77.24 48.08 11.91
CA GLU E 28 -78.21 47.90 10.84
C GLU E 28 -79.18 49.07 10.69
N ALA E 29 -79.10 50.02 11.61
CA ALA E 29 -79.98 51.20 11.54
C ALA E 29 -79.32 52.43 10.89
N HIS E 30 -78.18 52.23 10.23
CA HIS E 30 -77.52 53.30 9.48
C HIS E 30 -78.26 53.59 8.19
N GLU E 31 -79.32 54.38 8.31
CA GLU E 31 -80.20 54.78 7.23
C GLU E 31 -80.14 56.30 7.05
N PRO E 32 -80.53 56.81 5.86
CA PRO E 32 -80.59 58.26 5.64
C PRO E 32 -81.44 58.96 6.69
N GLY E 33 -80.87 59.98 7.32
CA GLY E 33 -81.56 60.74 8.37
C GLY E 33 -81.34 60.19 9.76
N MET E 34 -80.78 58.98 9.86
CA MET E 34 -80.46 58.41 11.16
C MET E 34 -79.12 58.98 11.66
N ASP E 35 -79.19 60.17 12.21
CA ASP E 35 -78.03 60.84 12.77
C ASP E 35 -77.65 60.16 14.09
N GLN E 36 -76.55 60.61 14.70
CA GLN E 36 -76.05 60.04 15.95
C GLN E 36 -77.01 60.20 17.14
N ASP E 37 -77.97 61.10 17.05
CA ASP E 37 -78.92 61.29 18.15
C ASP E 37 -80.07 60.28 18.09
N LYS E 38 -80.46 59.92 16.88
CA LYS E 38 -81.51 58.91 16.67
C LYS E 38 -80.92 57.51 16.78
N ASN E 39 -79.69 57.36 16.30
CA ASN E 39 -78.98 56.09 16.34
C ASN E 39 -77.62 56.17 17.06
N PRO E 40 -77.63 56.40 18.39
CA PRO E 40 -76.35 56.50 19.10
C PRO E 40 -75.57 55.20 19.13
N MET E 41 -74.25 55.31 18.95
CA MET E 41 -73.34 54.18 19.10
C MET E 41 -73.42 53.68 20.56
N PRO E 42 -73.75 52.39 20.76
CA PRO E 42 -73.82 51.86 22.11
C PRO E 42 -72.45 51.80 22.77
N ALA E 43 -72.43 52.04 24.08
CA ALA E 43 -71.21 51.97 24.86
C ALA E 43 -71.40 50.91 25.95
N PRO E 44 -70.40 50.04 26.14
CA PRO E 44 -70.57 48.88 27.02
C PRO E 44 -70.91 49.26 28.47
N VAL E 45 -70.42 50.41 28.92
CA VAL E 45 -70.76 50.92 30.26
C VAL E 45 -72.28 51.06 30.46
N GLU E 46 -73.01 51.37 29.39
CA GLU E 46 -74.47 51.59 29.46
C GLU E 46 -75.21 50.31 29.78
N HIS E 47 -74.52 49.18 29.62
CA HIS E 47 -75.13 47.87 29.83
C HIS E 47 -74.38 47.00 30.84
N GLN E 48 -73.58 47.64 31.69
CA GLN E 48 -72.90 46.97 32.81
C GLN E 48 -72.08 45.77 32.32
N ILE E 49 -71.39 45.96 31.19
CA ILE E 49 -70.72 44.85 30.50
C ILE E 49 -69.44 44.38 31.19
N CYS E 50 -68.65 45.32 31.71
CA CYS E 50 -67.40 44.96 32.36
C CYS E 50 -67.64 44.12 33.65
N PRO E 51 -68.62 44.50 34.49
CA PRO E 51 -68.97 43.61 35.61
C PRO E 51 -69.48 42.24 35.17
N ALA E 52 -70.25 42.19 34.09
CA ALA E 52 -70.73 40.92 33.55
C ALA E 52 -69.60 39.95 33.18
N VAL E 53 -68.64 40.41 32.39
CA VAL E 53 -67.53 39.54 31.98
C VAL E 53 -66.57 39.26 33.14
N CYS E 54 -66.46 40.21 34.08
CA CYS E 54 -65.71 39.98 35.30
C CYS E 54 -66.24 38.75 36.04
N VAL E 55 -67.56 38.70 36.27
CA VAL E 55 -68.18 37.59 37.00
C VAL E 55 -68.08 36.29 36.19
N LEU E 56 -68.34 36.37 34.88
CA LEU E 56 -68.15 35.21 34.01
C LEU E 56 -66.70 34.67 34.07
N MET E 57 -65.72 35.56 34.01
CA MET E 57 -64.32 35.16 34.16
C MET E 57 -64.12 34.40 35.47
N LYS E 58 -64.65 34.93 36.56
CA LYS E 58 -64.51 34.31 37.88
C LYS E 58 -65.11 32.90 37.92
N LEU E 59 -66.32 32.78 37.39
CA LEU E 59 -67.02 31.51 37.34
C LEU E 59 -66.26 30.48 36.49
N SER E 60 -65.62 30.96 35.41
CA SER E 60 -64.94 30.11 34.44
C SER E 60 -63.71 29.37 35.02
N PHE E 61 -63.22 29.80 36.18
CA PHE E 61 -62.12 29.11 36.85
C PHE E 61 -62.56 27.78 37.47
N ASP E 62 -63.86 27.63 37.68
CA ASP E 62 -64.41 26.43 38.30
C ASP E 62 -64.98 25.46 37.25
N GLU E 63 -64.57 24.19 37.35
CA GLU E 63 -64.93 23.16 36.35
C GLU E 63 -66.45 22.96 36.22
N GLU E 64 -67.13 22.91 37.36
CA GLU E 64 -68.59 22.75 37.38
C GLU E 64 -69.29 23.92 36.69
N HIS E 65 -68.85 25.15 36.98
CA HIS E 65 -69.42 26.33 36.32
C HIS E 65 -69.14 26.32 34.82
N ARG E 66 -67.96 25.84 34.42
CA ARG E 66 -67.60 25.75 33.00
C ARG E 66 -68.56 24.83 32.25
N HIS E 67 -68.87 23.69 32.85
CA HIS E 67 -69.80 22.73 32.26
C HIS E 67 -71.18 23.35 32.06
N ALA E 68 -71.65 24.11 33.06
CA ALA E 68 -72.90 24.84 32.95
C ALA E 68 -72.78 25.96 31.91
N MET E 69 -71.62 26.62 31.89
CA MET E 69 -71.37 27.68 30.90
C MET E 69 -71.41 27.13 29.47
N ASN E 70 -70.82 25.94 29.27
CA ASN E 70 -70.84 25.28 27.98
C ASN E 70 -72.24 24.83 27.54
N GLU E 71 -73.04 24.34 28.48
CA GLU E 71 -74.43 23.97 28.18
C GLU E 71 -75.25 25.16 27.70
N LEU E 72 -74.94 26.35 28.23
CA LEU E 72 -75.66 27.57 27.90
C LEU E 72 -75.04 28.37 26.75
N GLY E 73 -74.05 27.79 26.07
CA GLY E 73 -73.37 28.45 24.94
C GLY E 73 -72.49 29.62 25.34
N GLY E 74 -71.84 29.51 26.50
CA GLY E 74 -71.05 30.61 27.04
C GLY E 74 -69.85 31.02 26.20
N LEU E 75 -69.13 30.06 25.63
CA LEU E 75 -67.97 30.39 24.80
C LEU E 75 -68.37 31.31 23.66
N GLN E 76 -69.39 30.91 22.90
CA GLN E 76 -69.80 31.71 21.74
C GLN E 76 -70.24 33.11 22.17
N ALA E 77 -71.03 33.19 23.24
CA ALA E 77 -71.53 34.49 23.70
C ALA E 77 -70.38 35.41 24.08
N ILE E 78 -69.45 34.88 24.88
CA ILE E 78 -68.31 35.66 25.35
C ILE E 78 -67.41 36.08 24.18
N ALA E 79 -67.18 35.16 23.25
CA ALA E 79 -66.34 35.45 22.08
C ALA E 79 -67.02 36.51 21.22
N GLU E 80 -68.34 36.42 21.08
CA GLU E 80 -69.05 37.40 20.27
C GLU E 80 -68.99 38.79 20.90
N LEU E 81 -69.13 38.85 22.22
CA LEU E 81 -69.01 40.11 22.92
C LEU E 81 -67.62 40.72 22.71
N LEU E 82 -66.57 39.92 22.86
CA LEU E 82 -65.22 40.40 22.63
C LEU E 82 -65.09 40.93 21.20
N GLN E 83 -65.53 40.14 20.23
CA GLN E 83 -65.46 40.55 18.83
C GLN E 83 -66.15 41.89 18.58
N VAL E 84 -67.38 42.00 19.09
CA VAL E 84 -68.19 43.19 18.88
C VAL E 84 -67.47 44.47 19.35
N ASP E 85 -66.98 44.45 20.59
CA ASP E 85 -66.29 45.61 21.14
C ASP E 85 -65.00 45.93 20.38
N CYS E 86 -64.24 44.91 20.02
CA CYS E 86 -63.01 45.13 19.22
C CYS E 86 -63.30 45.78 17.89
N GLU E 87 -64.36 45.33 17.22
CA GLU E 87 -64.71 45.86 15.90
C GLU E 87 -65.27 47.28 15.97
N MET E 88 -66.07 47.54 17.00
CA MET E 88 -66.74 48.83 17.15
C MET E 88 -65.76 49.95 17.50
N TYR E 89 -64.90 49.68 18.47
CA TYR E 89 -64.05 50.71 19.07
C TYR E 89 -62.58 50.64 18.65
N GLY E 90 -62.19 49.57 17.96
CA GLY E 90 -60.83 49.46 17.46
C GLY E 90 -59.84 49.33 18.61
N LEU E 91 -58.59 49.70 18.36
CA LEU E 91 -57.56 49.63 19.41
C LEU E 91 -57.56 50.89 20.27
N THR E 92 -58.54 50.97 21.16
CA THR E 92 -58.68 52.13 22.04
C THR E 92 -57.90 51.93 23.33
N ASN E 93 -57.52 53.00 23.98
CA ASN E 93 -56.90 52.91 25.31
C ASN E 93 -57.91 53.09 26.45
N ASP E 94 -59.17 53.24 26.08
CA ASP E 94 -60.26 53.35 27.04
C ASP E 94 -60.16 52.22 28.07
N HIS E 95 -59.95 52.58 29.34
CA HIS E 95 -59.74 51.60 30.42
C HIS E 95 -60.89 50.60 30.59
N TYR E 96 -62.12 51.06 30.37
CA TYR E 96 -63.29 50.19 30.46
C TYR E 96 -63.26 49.09 29.39
N SER E 97 -62.97 49.50 28.16
CA SER E 97 -62.86 48.59 27.03
C SER E 97 -61.72 47.57 27.22
N ILE E 98 -60.54 48.04 27.59
CA ILE E 98 -59.40 47.14 27.83
C ILE E 98 -59.72 46.10 28.91
N THR E 99 -60.32 46.54 30.01
CA THR E 99 -60.70 45.65 31.13
C THR E 99 -61.68 44.55 30.72
N LEU E 100 -62.77 44.93 30.04
CA LEU E 100 -63.74 43.94 29.60
C LEU E 100 -63.15 42.98 28.57
N ARG E 101 -62.28 43.49 27.70
CA ARG E 101 -61.59 42.62 26.73
C ARG E 101 -60.68 41.64 27.46
N ARG E 102 -60.01 42.11 28.51
CA ARG E 102 -59.15 41.25 29.33
C ARG E 102 -59.97 40.15 30.03
N TYR E 103 -61.07 40.55 30.69
CA TYR E 103 -61.91 39.58 31.39
C TYR E 103 -62.53 38.56 30.44
N ALA E 104 -63.02 39.03 29.29
CA ALA E 104 -63.55 38.12 28.28
C ALA E 104 -62.48 37.13 27.81
N GLY E 105 -61.28 37.64 27.50
CA GLY E 105 -60.18 36.77 27.08
C GLY E 105 -59.79 35.73 28.12
N MET E 106 -59.78 36.11 29.39
CA MET E 106 -59.49 35.18 30.49
C MET E 106 -60.51 34.05 30.52
N ALA E 107 -61.78 34.39 30.35
CA ALA E 107 -62.86 33.38 30.33
C ALA E 107 -62.68 32.44 29.14
N LEU E 108 -62.32 32.98 27.98
CA LEU E 108 -62.07 32.18 26.78
C LEU E 108 -60.87 31.23 26.94
N THR E 109 -59.81 31.70 27.61
CA THR E 109 -58.67 30.84 27.93
C THR E 109 -59.15 29.70 28.86
N ASN E 110 -59.89 30.03 29.90
CA ASN E 110 -60.44 29.02 30.81
C ASN E 110 -61.34 28.01 30.11
N LEU E 111 -62.18 28.49 29.20
CA LEU E 111 -63.15 27.63 28.49
C LEU E 111 -62.52 26.78 27.38
N THR E 112 -61.34 27.16 26.91
CA THR E 112 -60.64 26.36 25.89
C THR E 112 -59.68 25.34 26.48
N PHE E 113 -59.33 25.50 27.76
CA PHE E 113 -58.41 24.56 28.43
C PHE E 113 -58.96 23.14 28.35
N GLY E 114 -58.18 22.25 27.72
CA GLY E 114 -58.53 20.84 27.57
C GLY E 114 -59.88 20.55 26.95
N ASP E 115 -60.40 21.48 26.15
CA ASP E 115 -61.74 21.34 25.59
C ASP E 115 -61.72 21.33 24.06
N VAL E 116 -61.84 20.13 23.50
CA VAL E 116 -61.77 19.89 22.06
C VAL E 116 -62.77 20.72 21.27
N ALA E 117 -64.05 20.62 21.64
CA ALA E 117 -65.12 21.32 20.95
C ALA E 117 -64.96 22.84 20.99
N ASN E 118 -64.63 23.39 22.16
CA ASN E 118 -64.50 24.84 22.33
C ASN E 118 -63.36 25.45 21.53
N LYS E 119 -62.23 24.73 21.46
CA LYS E 119 -61.11 25.15 20.62
C LYS E 119 -61.55 25.27 19.16
N ALA E 120 -62.19 24.22 18.65
CA ALA E 120 -62.65 24.18 17.26
C ALA E 120 -63.71 25.24 16.98
N THR E 121 -64.62 25.44 17.93
CA THR E 121 -65.67 26.44 17.83
C THR E 121 -65.11 27.86 17.75
N LEU E 122 -64.20 28.21 18.67
CA LEU E 122 -63.59 29.55 18.67
C LEU E 122 -62.80 29.81 17.40
N CYS E 123 -62.02 28.83 16.95
CA CYS E 123 -61.28 29.00 15.69
C CYS E 123 -62.18 29.18 14.47
N SER E 124 -63.39 28.61 14.50
CA SER E 124 -64.32 28.72 13.39
C SER E 124 -65.01 30.10 13.34
N MET E 125 -64.89 30.85 14.43
CA MET E 125 -65.46 32.18 14.51
C MET E 125 -64.44 33.18 13.94
N LYS E 126 -64.43 33.31 12.61
CA LYS E 126 -63.31 33.96 11.90
C LYS E 126 -63.13 35.43 12.27
N GLY E 127 -64.23 36.18 12.33
CA GLY E 127 -64.19 37.58 12.72
C GLY E 127 -63.66 37.75 14.15
N CYS E 128 -64.05 36.86 15.05
CA CYS E 128 -63.50 36.88 16.39
C CYS E 128 -61.99 36.60 16.38
N MET E 129 -61.55 35.64 15.57
CA MET E 129 -60.13 35.31 15.47
C MET E 129 -59.31 36.49 14.93
N ARG E 130 -59.83 37.18 13.92
CA ARG E 130 -59.19 38.39 13.44
C ARG E 130 -59.09 39.47 14.52
N ALA E 131 -60.15 39.60 15.32
CA ALA E 131 -60.17 40.58 16.41
C ALA E 131 -59.13 40.24 17.46
N LEU E 132 -59.05 38.96 17.85
CA LEU E 132 -58.05 38.52 18.83
C LEU E 132 -56.64 38.90 18.36
N VAL E 133 -56.32 38.51 17.12
CA VAL E 133 -54.99 38.79 16.57
C VAL E 133 -54.67 40.30 16.57
N ALA E 134 -55.66 41.13 16.21
CA ALA E 134 -55.46 42.59 16.21
C ALA E 134 -55.10 43.15 17.59
N GLN E 135 -55.58 42.52 18.67
CA GLN E 135 -55.34 43.00 20.04
C GLN E 135 -53.86 42.87 20.46
N LEU E 136 -53.08 42.09 19.71
CA LEU E 136 -51.65 41.96 19.99
C LEU E 136 -50.93 43.28 19.79
N LYS E 137 -51.57 44.21 19.06
CA LYS E 137 -51.03 45.55 18.85
C LYS E 137 -51.56 46.60 19.84
N SER E 138 -52.33 46.16 20.83
CA SER E 138 -52.87 47.07 21.84
C SER E 138 -51.74 47.66 22.67
N GLU E 139 -51.92 48.91 23.04
CA GLU E 139 -51.03 49.59 23.97
C GLU E 139 -50.91 48.80 25.28
N SER E 140 -52.00 48.14 25.67
CA SER E 140 -52.03 47.36 26.91
C SER E 140 -51.29 46.03 26.75
N GLU E 141 -50.17 45.87 27.44
CA GLU E 141 -49.46 44.60 27.45
C GLU E 141 -50.23 43.52 28.21
N ASP E 142 -50.96 43.92 29.23
CA ASP E 142 -51.82 42.97 29.95
C ASP E 142 -52.90 42.37 29.05
N LEU E 143 -53.43 43.18 28.14
CA LEU E 143 -54.37 42.65 27.16
C LEU E 143 -53.65 41.72 26.18
N GLN E 144 -52.46 42.13 25.71
CA GLN E 144 -51.64 41.28 24.86
C GLN E 144 -51.43 39.91 25.52
N GLN E 145 -51.09 39.94 26.82
CA GLN E 145 -50.84 38.73 27.60
C GLN E 145 -52.04 37.78 27.60
N VAL E 146 -53.23 38.34 27.76
CA VAL E 146 -54.47 37.59 27.79
C VAL E 146 -54.77 36.97 26.41
N ILE E 147 -54.63 37.77 25.36
CA ILE E 147 -54.92 37.31 24.01
C ILE E 147 -53.98 36.16 23.64
N ALA E 148 -52.69 36.33 23.93
CA ALA E 148 -51.71 35.26 23.72
C ALA E 148 -52.05 33.98 24.50
N SER E 149 -52.62 34.14 25.71
CA SER E 149 -53.07 32.99 26.47
C SER E 149 -54.17 32.22 25.74
N VAL E 150 -55.11 32.94 25.14
CA VAL E 150 -56.16 32.33 24.33
C VAL E 150 -55.53 31.59 23.13
N LEU E 151 -54.68 32.27 22.36
CA LEU E 151 -54.04 31.68 21.19
C LEU E 151 -53.19 30.45 21.52
N ARG E 152 -52.56 30.47 22.70
CA ARG E 152 -51.83 29.32 23.20
C ARG E 152 -52.73 28.09 23.29
N ASN E 153 -53.87 28.24 23.98
CA ASN E 153 -54.81 27.14 24.13
C ASN E 153 -55.32 26.65 22.77
N LEU E 154 -55.60 27.57 21.86
CA LEU E 154 -56.11 27.22 20.54
C LEU E 154 -55.08 26.51 19.65
N SER E 155 -53.80 26.69 19.94
CA SER E 155 -52.75 26.08 19.12
C SER E 155 -52.28 24.71 19.66
N TRP E 156 -52.84 24.30 20.79
CA TRP E 156 -52.57 22.98 21.36
C TRP E 156 -53.62 21.98 20.89
N ARG E 157 -53.15 20.95 20.19
CA ARG E 157 -54.00 19.94 19.57
C ARG E 157 -55.04 20.55 18.63
N ALA E 158 -54.60 21.51 17.84
CA ALA E 158 -55.44 22.12 16.83
C ALA E 158 -55.77 21.09 15.74
N ASP E 159 -57.04 21.03 15.35
CA ASP E 159 -57.45 20.20 14.23
C ASP E 159 -57.09 20.93 12.93
N VAL E 160 -57.32 20.32 11.77
CA VAL E 160 -56.78 20.92 10.54
C VAL E 160 -57.44 22.24 10.21
N ASN E 161 -58.75 22.35 10.49
CA ASN E 161 -59.47 23.60 10.29
C ASN E 161 -58.88 24.69 11.17
N SER E 162 -58.64 24.36 12.44
CA SER E 162 -58.14 25.33 13.40
C SER E 162 -56.71 25.75 13.05
N LYS E 163 -55.87 24.79 12.67
CA LYS E 163 -54.51 25.10 12.21
C LYS E 163 -54.55 26.05 11.02
N LYS E 164 -55.39 25.74 10.04
CA LYS E 164 -55.58 26.58 8.86
C LYS E 164 -56.01 28.00 9.22
N THR E 165 -57.03 28.12 10.07
CA THR E 165 -57.52 29.43 10.50
C THR E 165 -56.45 30.25 11.22
N LEU E 166 -55.76 29.62 12.17
CA LEU E 166 -54.70 30.28 12.93
C LEU E 166 -53.62 30.84 12.00
N ARG E 167 -53.35 30.10 10.95
CA ARG E 167 -52.38 30.53 9.96
C ARG E 167 -52.94 31.65 9.06
N GLU E 168 -54.21 31.51 8.65
CA GLU E 168 -54.81 32.48 7.75
C GLU E 168 -55.11 33.84 8.37
N VAL E 169 -55.35 33.90 9.68
CA VAL E 169 -55.52 35.17 10.37
C VAL E 169 -54.17 35.83 10.74
N GLY E 170 -53.07 35.18 10.34
CA GLY E 170 -51.73 35.72 10.50
C GLY E 170 -51.24 35.77 11.94
N SER E 171 -51.69 34.82 12.77
CA SER E 171 -51.32 34.82 14.19
C SER E 171 -49.82 34.55 14.42
N VAL E 172 -49.16 33.83 13.51
CA VAL E 172 -47.74 33.51 13.71
C VAL E 172 -46.87 34.77 13.62
N LYS E 173 -46.95 35.50 12.51
CA LYS E 173 -46.22 36.76 12.39
C LYS E 173 -46.67 37.78 13.42
N ALA E 174 -47.98 37.87 13.66
CA ALA E 174 -48.51 38.80 14.66
C ALA E 174 -47.88 38.58 16.03
N LEU E 175 -47.83 37.33 16.50
CA LEU E 175 -47.20 37.02 17.78
C LEU E 175 -45.68 37.21 17.80
N MET E 176 -45.02 36.88 16.69
CA MET E 176 -43.57 37.08 16.62
C MET E 176 -43.25 38.57 16.66
N GLU E 177 -43.97 39.38 15.86
CA GLU E 177 -43.80 40.84 15.87
C GLU E 177 -44.14 41.40 17.25
N CYS E 178 -45.16 40.84 17.89
CA CYS E 178 -45.55 41.26 19.23
C CYS E 178 -44.43 40.99 20.25
N ALA E 179 -43.84 39.81 20.18
CA ALA E 179 -42.74 39.43 21.09
C ALA E 179 -41.58 40.42 21.09
N LEU E 180 -41.23 40.90 19.90
CA LEU E 180 -40.12 41.85 19.70
C LEU E 180 -40.33 43.19 20.41
N GLU E 181 -41.60 43.52 20.67
CA GLU E 181 -41.98 44.78 21.32
C GLU E 181 -42.31 44.67 22.82
N VAL E 182 -42.48 43.47 23.36
CA VAL E 182 -42.96 43.36 24.76
C VAL E 182 -41.93 43.84 25.79
N LYS E 183 -42.41 44.53 26.82
CA LYS E 183 -41.55 44.97 27.92
C LYS E 183 -41.69 44.06 29.15
N LYS E 184 -42.90 43.58 29.41
CA LYS E 184 -43.17 42.80 30.62
C LYS E 184 -42.94 41.31 30.41
N GLU E 185 -42.28 40.70 31.40
CA GLU E 185 -42.02 39.26 31.40
C GLU E 185 -43.31 38.44 31.31
N SER E 186 -44.30 38.81 32.12
CA SER E 186 -45.60 38.14 32.08
C SER E 186 -46.17 38.10 30.66
N THR E 187 -46.08 39.23 29.96
CA THR E 187 -46.55 39.28 28.56
C THR E 187 -45.72 38.36 27.68
N LEU E 188 -44.40 38.42 27.81
CA LEU E 188 -43.50 37.61 26.98
C LEU E 188 -43.75 36.10 27.18
N LYS E 189 -44.01 35.67 28.40
CA LYS E 189 -44.37 34.27 28.70
C LYS E 189 -45.50 33.72 27.83
N SER E 190 -46.67 34.36 27.85
CA SER E 190 -47.83 33.94 27.04
C SER E 190 -47.53 34.00 25.56
N VAL E 191 -46.93 35.09 25.11
CA VAL E 191 -46.64 35.28 23.70
C VAL E 191 -45.75 34.14 23.19
N LEU E 192 -44.68 33.83 23.92
CA LEU E 192 -43.76 32.76 23.54
C LEU E 192 -44.38 31.36 23.68
N SER E 193 -45.21 31.17 24.71
CA SER E 193 -45.92 29.90 24.88
C SER E 193 -46.81 29.59 23.67
N ALA E 194 -47.49 30.62 23.18
CA ALA E 194 -48.35 30.48 22.01
C ALA E 194 -47.53 30.20 20.75
N LEU E 195 -46.43 30.92 20.56
CA LEU E 195 -45.53 30.66 19.42
C LEU E 195 -44.92 29.27 19.47
N TRP E 196 -44.65 28.80 20.68
CA TRP E 196 -44.10 27.46 20.89
C TRP E 196 -45.01 26.39 20.28
N ASN E 197 -46.30 26.43 20.62
CA ASN E 197 -47.29 25.54 20.02
C ASN E 197 -47.44 25.75 18.51
N LEU E 198 -47.56 27.00 18.08
CA LEU E 198 -47.78 27.31 16.67
C LEU E 198 -46.60 26.92 15.77
N SER E 199 -45.39 27.01 16.30
CA SER E 199 -44.19 26.71 15.52
C SER E 199 -44.14 25.23 15.17
N ALA E 200 -44.93 24.43 15.88
CA ALA E 200 -44.99 23.00 15.64
C ALA E 200 -45.99 22.56 14.57
N HIS E 201 -46.94 23.42 14.20
CA HIS E 201 -48.05 23.05 13.33
C HIS E 201 -47.66 22.63 11.91
N CYS E 202 -46.67 23.31 11.34
CA CYS E 202 -46.25 23.02 9.96
C CYS E 202 -44.98 23.79 9.61
N THR E 203 -44.37 23.40 8.50
CA THR E 203 -43.14 24.04 8.02
C THR E 203 -43.33 25.51 7.69
N GLU E 204 -44.46 25.86 7.08
CA GLU E 204 -44.68 27.27 6.74
C GLU E 204 -44.78 28.18 7.97
N ASN E 205 -45.30 27.67 9.09
CA ASN E 205 -45.29 28.43 10.34
C ASN E 205 -43.85 28.69 10.83
N LYS E 206 -42.99 27.68 10.67
CA LYS E 206 -41.57 27.83 10.99
C LYS E 206 -40.92 28.87 10.07
N ALA E 207 -41.24 28.81 8.77
CA ALA E 207 -40.71 29.76 7.80
C ALA E 207 -41.16 31.20 8.09
N ASP E 208 -42.43 31.37 8.48
CA ASP E 208 -42.96 32.68 8.84
C ASP E 208 -42.22 33.30 10.04
N ILE E 209 -41.90 32.48 11.03
CA ILE E 209 -41.12 32.93 12.18
C ILE E 209 -39.71 33.36 11.76
N CYS E 210 -39.05 32.53 10.94
CA CYS E 210 -37.69 32.82 10.49
C CYS E 210 -37.63 34.05 9.58
N ALA E 211 -38.75 34.39 8.94
CA ALA E 211 -38.79 35.49 7.98
C ALA E 211 -39.10 36.83 8.63
N VAL E 212 -39.49 36.82 9.91
CA VAL E 212 -39.65 38.06 10.66
C VAL E 212 -38.26 38.61 10.98
N ASP E 213 -37.99 39.83 10.51
CA ASP E 213 -36.69 40.48 10.68
C ASP E 213 -36.34 40.61 12.17
N GLY E 214 -35.17 40.10 12.54
CA GLY E 214 -34.71 40.12 13.94
C GLY E 214 -35.21 39.01 14.86
N ALA E 215 -36.15 38.19 14.37
CA ALA E 215 -36.78 37.15 15.21
C ALA E 215 -35.81 36.06 15.68
N LEU E 216 -34.96 35.57 14.77
CA LEU E 216 -34.00 34.53 15.15
C LEU E 216 -33.01 35.04 16.21
N ALA E 217 -32.48 36.25 16.01
CA ALA E 217 -31.57 36.83 16.98
C ALA E 217 -32.28 37.04 18.32
N PHE E 218 -33.53 37.49 18.27
CA PHE E 218 -34.33 37.62 19.48
C PHE E 218 -34.52 36.28 20.18
N LEU E 219 -34.84 35.23 19.42
CA LEU E 219 -35.04 33.92 20.03
C LEU E 219 -33.76 33.36 20.67
N VAL E 220 -32.61 33.58 20.03
CA VAL E 220 -31.34 33.17 20.66
C VAL E 220 -31.10 33.96 21.96
N GLY E 221 -31.45 35.24 21.95
CA GLY E 221 -31.39 36.06 23.15
C GLY E 221 -32.18 35.49 24.33
N THR E 222 -33.39 35.00 24.07
CA THR E 222 -34.23 34.40 25.14
C THR E 222 -33.54 33.23 25.85
N LEU E 223 -32.56 32.62 25.19
CA LEU E 223 -31.84 31.48 25.77
C LEU E 223 -31.04 31.86 27.02
N THR E 224 -30.66 33.14 27.13
CA THR E 224 -29.94 33.64 28.30
C THR E 224 -30.74 34.72 29.03
N TYR E 225 -32.06 34.67 28.88
CA TYR E 225 -32.95 35.58 29.57
C TYR E 225 -32.71 35.50 31.07
N ARG E 226 -32.73 36.65 31.74
CA ARG E 226 -32.56 36.69 33.19
C ARG E 226 -33.88 37.10 33.82
N SER E 227 -34.60 36.11 34.35
CA SER E 227 -35.92 36.34 34.91
C SER E 227 -35.82 37.06 36.26
N GLN E 228 -36.56 38.15 36.40
CA GLN E 228 -36.64 38.83 37.70
C GLN E 228 -37.59 38.08 38.66
N THR E 229 -38.44 37.23 38.08
CA THR E 229 -39.42 36.47 38.85
C THR E 229 -38.94 35.04 39.21
N ASN E 230 -37.65 34.79 38.99
CA ASN E 230 -36.99 33.51 39.32
C ASN E 230 -37.69 32.26 38.76
N THR E 231 -38.12 32.34 37.50
CA THR E 231 -38.67 31.18 36.78
C THR E 231 -37.87 30.95 35.50
N LEU E 232 -38.07 29.79 34.87
CA LEU E 232 -37.35 29.43 33.63
C LEU E 232 -38.27 29.40 32.41
N ALA E 233 -39.50 29.88 32.60
CA ALA E 233 -40.52 29.89 31.56
C ALA E 233 -40.06 30.50 30.23
N ILE E 234 -39.39 31.65 30.27
CA ILE E 234 -38.92 32.31 29.05
C ILE E 234 -37.87 31.48 28.30
N ILE E 235 -36.90 30.94 29.02
CA ILE E 235 -35.86 30.09 28.39
C ILE E 235 -36.49 28.82 27.82
N GLU E 236 -37.40 28.22 28.60
CA GLU E 236 -38.13 27.03 28.15
C GLU E 236 -38.89 27.27 26.85
N SER E 237 -39.69 28.35 26.78
CA SER E 237 -40.53 28.57 25.61
C SER E 237 -39.75 29.15 24.42
N GLY E 238 -38.83 30.06 24.71
CA GLY E 238 -37.94 30.59 23.67
C GLY E 238 -37.09 29.49 23.06
N GLY E 239 -36.48 28.67 23.90
CA GLY E 239 -35.73 27.49 23.46
C GLY E 239 -36.59 26.44 22.75
N GLY E 240 -37.86 26.34 23.17
CA GLY E 240 -38.82 25.47 22.50
C GLY E 240 -39.13 25.90 21.06
N ILE E 241 -39.41 27.19 20.87
CA ILE E 241 -39.59 27.75 19.52
C ILE E 241 -38.33 27.49 18.66
N LEU E 242 -37.17 27.82 19.22
CA LEU E 242 -35.91 27.62 18.50
C LEU E 242 -35.74 26.15 18.10
N ARG E 243 -35.99 25.24 19.04
CA ARG E 243 -35.99 23.82 18.74
C ARG E 243 -36.87 23.48 17.53
N ASN E 244 -38.12 23.93 17.56
CA ASN E 244 -39.05 23.65 16.47
C ASN E 244 -38.63 24.23 15.11
N VAL E 245 -38.17 25.48 15.09
CA VAL E 245 -37.78 26.10 13.81
C VAL E 245 -36.36 25.69 13.32
N SER E 246 -35.58 25.04 14.19
CA SER E 246 -34.20 24.69 13.86
C SER E 246 -34.09 23.68 12.73
N SER E 247 -35.19 22.96 12.46
CA SER E 247 -35.25 22.03 11.32
C SER E 247 -35.12 22.80 10.01
N LEU E 248 -35.65 24.03 9.98
CA LEU E 248 -35.52 24.91 8.83
C LEU E 248 -34.19 25.64 8.81
N ILE E 249 -33.79 26.18 9.95
CA ILE E 249 -32.51 26.88 10.10
C ILE E 249 -31.35 26.01 9.61
N ALA E 250 -31.42 24.71 9.90
CA ALA E 250 -30.35 23.78 9.57
C ALA E 250 -29.96 23.80 8.08
N THR E 251 -30.93 24.08 7.22
CA THR E 251 -30.67 24.08 5.77
C THR E 251 -30.54 25.49 5.19
N ASN E 252 -30.45 26.48 6.08
CA ASN E 252 -30.33 27.88 5.69
C ASN E 252 -29.03 28.48 6.25
N GLU E 253 -28.06 28.66 5.37
CA GLU E 253 -26.74 29.16 5.77
C GLU E 253 -26.81 30.54 6.45
N ASP E 254 -27.55 31.48 5.85
CA ASP E 254 -27.73 32.80 6.43
C ASP E 254 -28.31 32.75 7.86
N HIS E 255 -29.27 31.86 8.07
CA HIS E 255 -29.90 31.74 9.39
C HIS E 255 -28.96 31.10 10.41
N ARG E 256 -28.16 30.14 9.95
CA ARG E 256 -27.10 29.57 10.78
C ARG E 256 -26.13 30.67 11.24
N GLN E 257 -25.77 31.56 10.32
CA GLN E 257 -24.84 32.63 10.62
C GLN E 257 -25.38 33.60 11.67
N ILE E 258 -26.66 33.92 11.58
CA ILE E 258 -27.34 34.71 12.62
C ILE E 258 -27.18 34.05 13.99
N LEU E 259 -27.41 32.74 14.04
CA LEU E 259 -27.22 31.96 15.27
C LEU E 259 -25.79 32.02 15.80
N ARG E 260 -24.81 31.84 14.91
CA ARG E 260 -23.40 31.97 15.28
C ARG E 260 -23.07 33.34 15.87
N GLU E 261 -23.59 34.40 15.24
CA GLU E 261 -23.38 35.77 15.71
C GLU E 261 -23.91 35.98 17.12
N ASN E 262 -24.86 35.13 17.52
CA ASN E 262 -25.47 35.26 18.83
C ASN E 262 -25.06 34.17 19.81
N ASN E 263 -23.95 33.49 19.47
CA ASN E 263 -23.38 32.46 20.34
C ASN E 263 -24.34 31.32 20.67
N CYS E 264 -25.18 30.93 19.70
CA CYS E 264 -26.22 29.93 19.93
C CYS E 264 -25.71 28.55 20.36
N LEU E 265 -24.74 28.00 19.62
CA LEU E 265 -24.23 26.67 19.94
C LEU E 265 -23.68 26.57 21.37
N GLN E 266 -22.84 27.52 21.76
CA GLN E 266 -22.25 27.48 23.10
C GLN E 266 -23.29 27.61 24.21
N THR E 267 -24.32 28.41 23.97
CA THR E 267 -25.42 28.53 24.92
C THR E 267 -26.21 27.21 25.01
N LEU E 268 -26.44 26.55 23.87
CA LEU E 268 -27.14 25.27 23.86
C LEU E 268 -26.39 24.22 24.70
N LEU E 269 -25.07 24.22 24.59
CA LEU E 269 -24.24 23.34 25.40
C LEU E 269 -24.37 23.64 26.90
N GLN E 270 -24.42 24.92 27.28
CA GLN E 270 -24.68 25.30 28.67
C GLN E 270 -26.05 24.79 29.13
N HIS E 271 -27.03 24.83 28.24
CA HIS E 271 -28.36 24.30 28.50
C HIS E 271 -28.38 22.81 28.86
N LEU E 272 -27.42 22.05 28.32
CA LEU E 272 -27.32 20.62 28.62
C LEU E 272 -27.08 20.36 30.10
N LYS E 273 -26.59 21.37 30.82
CA LYS E 273 -26.31 21.28 32.26
C LYS E 273 -27.49 21.72 33.12
N SER E 274 -28.59 22.12 32.49
CA SER E 274 -29.77 22.63 33.21
C SER E 274 -30.44 21.59 34.10
N HIS E 275 -31.10 22.08 35.15
CA HIS E 275 -31.91 21.22 36.03
C HIS E 275 -33.33 21.06 35.48
N SER E 276 -33.69 21.92 34.53
CA SER E 276 -34.96 21.81 33.81
C SER E 276 -34.84 20.77 32.70
N LEU E 277 -35.63 19.70 32.80
CA LEU E 277 -35.68 18.67 31.76
C LEU E 277 -36.15 19.23 30.42
N THR E 278 -37.07 20.19 30.48
CA THR E 278 -37.58 20.87 29.29
C THR E 278 -36.46 21.60 28.54
N ILE E 279 -35.63 22.32 29.28
CA ILE E 279 -34.51 23.06 28.70
C ILE E 279 -33.49 22.10 28.07
N VAL E 280 -33.13 21.04 28.79
CA VAL E 280 -32.17 20.05 28.28
C VAL E 280 -32.71 19.39 27.02
N SER E 281 -33.97 18.98 27.09
CA SER E 281 -34.67 18.35 25.98
C SER E 281 -34.74 19.25 24.73
N ASN E 282 -35.15 20.50 24.90
CA ASN E 282 -35.13 21.47 23.78
C ASN E 282 -33.74 21.63 23.17
N ALA E 283 -32.73 21.77 24.03
CA ALA E 283 -31.34 21.91 23.59
C ALA E 283 -30.86 20.70 22.78
N CYS E 284 -31.20 19.50 23.25
CA CYS E 284 -30.86 18.27 22.53
C CYS E 284 -31.47 18.24 21.14
N GLY E 285 -32.74 18.64 21.04
CA GLY E 285 -33.42 18.76 19.75
C GLY E 285 -32.76 19.75 18.80
N THR E 286 -32.46 20.95 19.30
CA THR E 286 -31.80 21.98 18.50
C THR E 286 -30.40 21.52 18.03
N LEU E 287 -29.65 20.93 18.95
CA LEU E 287 -28.30 20.44 18.65
C LEU E 287 -28.31 19.32 17.63
N TRP E 288 -29.30 18.44 17.73
CA TRP E 288 -29.56 17.39 16.74
C TRP E 288 -29.64 18.01 15.33
N ASN E 289 -30.52 19.00 15.17
CA ASN E 289 -30.67 19.69 13.88
C ASN E 289 -29.43 20.45 13.42
N LEU E 290 -28.83 21.23 14.32
CA LEU E 290 -27.68 22.05 13.95
C LEU E 290 -26.41 21.24 13.72
N SER E 291 -26.29 20.09 14.38
CA SER E 291 -25.13 19.21 14.16
C SER E 291 -25.23 18.42 12.85
N ALA E 292 -26.39 18.46 12.21
CA ALA E 292 -26.61 17.71 10.99
C ALA E 292 -26.02 18.38 9.75
N ARG E 293 -25.26 17.60 8.97
CA ARG E 293 -24.84 18.00 7.62
C ARG E 293 -24.26 19.41 7.52
N ASN E 294 -23.40 19.78 8.47
CA ASN E 294 -22.77 21.10 8.49
C ASN E 294 -21.38 21.02 9.10
N PRO E 295 -20.34 20.89 8.26
CA PRO E 295 -18.97 20.71 8.78
C PRO E 295 -18.55 21.82 9.75
N LYS E 296 -18.91 23.06 9.43
CA LYS E 296 -18.53 24.21 10.24
C LYS E 296 -19.07 24.10 11.68
N ASP E 297 -20.38 23.88 11.81
CA ASP E 297 -20.98 23.78 13.14
C ASP E 297 -20.59 22.49 13.88
N GLN E 298 -20.35 21.43 13.11
CA GLN E 298 -19.83 20.19 13.67
C GLN E 298 -18.45 20.40 14.30
N GLU E 299 -17.57 21.12 13.60
CA GLU E 299 -16.24 21.41 14.11
C GLU E 299 -16.29 22.30 15.35
N ALA E 300 -17.19 23.29 15.34
CA ALA E 300 -17.36 24.17 16.48
C ALA E 300 -17.78 23.39 17.72
N LEU E 301 -18.79 22.52 17.57
CA LEU E 301 -19.26 21.68 18.68
C LEU E 301 -18.15 20.76 19.23
N TRP E 302 -17.36 20.16 18.35
CA TRP E 302 -16.16 19.42 18.76
C TRP E 302 -15.23 20.25 19.64
N ASP E 303 -14.87 21.44 19.14
CA ASP E 303 -13.97 22.37 19.82
C ASP E 303 -14.52 22.86 21.17
N MET E 304 -15.84 22.96 21.27
CA MET E 304 -16.48 23.38 22.51
C MET E 304 -16.61 22.22 23.51
N GLY E 305 -16.17 21.03 23.10
CA GLY E 305 -16.28 19.83 23.94
C GLY E 305 -17.68 19.25 24.06
N ALA E 306 -18.48 19.37 23.01
CA ALA E 306 -19.87 18.85 22.98
C ALA E 306 -19.95 17.32 23.08
N VAL E 307 -18.94 16.65 22.52
CA VAL E 307 -18.94 15.18 22.46
C VAL E 307 -19.08 14.54 23.85
N SER E 308 -18.24 14.94 24.80
CA SER E 308 -18.30 14.35 26.14
C SER E 308 -19.57 14.78 26.88
N MET E 309 -20.07 15.97 26.58
CA MET E 309 -21.29 16.49 27.20
C MET E 309 -22.54 15.71 26.76
N LEU E 310 -22.59 15.37 25.47
CA LEU E 310 -23.68 14.60 24.91
C LEU E 310 -23.63 13.15 25.38
N LYS E 311 -22.42 12.60 25.51
CA LYS E 311 -22.23 11.25 26.03
C LYS E 311 -22.85 11.05 27.41
N ASN E 312 -22.83 12.09 28.24
CA ASN E 312 -23.40 12.07 29.58
C ASN E 312 -24.92 12.05 29.61
N LEU E 313 -25.56 12.21 28.44
CA LEU E 313 -27.01 12.27 28.37
C LEU E 313 -27.67 11.08 27.65
N ILE E 314 -26.89 10.28 26.92
CA ILE E 314 -27.45 9.22 26.10
C ILE E 314 -28.17 8.11 26.90
N HIS E 315 -27.82 7.96 28.18
CA HIS E 315 -28.48 6.96 29.05
C HIS E 315 -29.58 7.58 29.93
N SER E 316 -30.14 8.70 29.48
CA SER E 316 -31.19 9.38 30.23
C SER E 316 -32.49 8.59 30.28
N LYS E 317 -33.29 8.82 31.33
CA LYS E 317 -34.61 8.22 31.49
C LYS E 317 -35.61 8.92 30.61
N HIS E 318 -35.34 10.20 30.36
CA HIS E 318 -36.19 11.05 29.52
C HIS E 318 -35.95 10.68 28.07
N LYS E 319 -37.05 10.36 27.36
CA LYS E 319 -36.99 9.81 26.00
C LYS E 319 -36.40 10.79 25.00
N MET E 320 -36.87 12.03 25.05
CA MET E 320 -36.42 13.07 24.12
C MET E 320 -34.95 13.42 24.36
N ILE E 321 -34.56 13.49 25.63
CA ILE E 321 -33.16 13.72 26.01
C ILE E 321 -32.26 12.61 25.50
N ALA E 322 -32.63 11.36 25.77
CA ALA E 322 -31.86 10.20 25.34
C ALA E 322 -31.73 10.13 23.81
N MET E 323 -32.85 10.33 23.12
CA MET E 323 -32.88 10.29 21.65
C MET E 323 -32.10 11.45 21.01
N GLY E 324 -32.40 12.67 21.46
CA GLY E 324 -31.76 13.89 20.94
C GLY E 324 -30.25 13.95 21.14
N SER E 325 -29.81 13.62 22.36
CA SER E 325 -28.37 13.57 22.66
C SER E 325 -27.64 12.55 21.79
N ALA E 326 -28.20 11.34 21.69
CA ALA E 326 -27.62 10.29 20.86
C ALA E 326 -27.52 10.69 19.39
N ALA E 327 -28.60 11.27 18.87
CA ALA E 327 -28.65 11.74 17.49
C ALA E 327 -27.60 12.80 17.18
N ALA E 328 -27.50 13.81 18.04
CA ALA E 328 -26.47 14.85 17.90
C ALA E 328 -25.06 14.27 18.04
N LEU E 329 -24.88 13.36 18.99
CA LEU E 329 -23.60 12.68 19.16
C LEU E 329 -23.20 11.88 17.92
N ARG E 330 -24.15 11.20 17.31
CA ARG E 330 -23.84 10.44 16.11
C ARG E 330 -23.37 11.35 15.00
N ASN E 331 -24.05 12.48 14.83
CA ASN E 331 -23.63 13.49 13.84
C ASN E 331 -22.21 13.96 14.00
N LEU E 332 -21.79 14.17 15.25
CA LEU E 332 -20.43 14.60 15.55
C LEU E 332 -19.42 13.47 15.38
N MET E 333 -19.77 12.27 15.87
CA MET E 333 -18.88 11.11 15.81
C MET E 333 -18.60 10.71 14.37
N ALA E 334 -19.62 10.84 13.52
CA ALA E 334 -19.50 10.52 12.09
C ALA E 334 -18.71 11.60 11.33
N ASN E 335 -18.48 12.74 11.97
CA ASN E 335 -17.79 13.86 11.32
C ASN E 335 -16.70 14.45 12.21
N ARG E 336 -15.74 13.60 12.57
CA ARG E 336 -14.60 14.02 13.38
C ARG E 336 -13.64 14.82 12.50
N PRO E 337 -13.33 16.06 12.91
CA PRO E 337 -12.40 16.91 12.17
C PRO E 337 -10.98 16.36 12.25
N ALA E 338 -10.17 16.65 11.23
CA ALA E 338 -8.78 16.17 11.14
C ALA E 338 -7.95 16.46 12.39
N LYS E 339 -8.23 17.59 13.04
CA LYS E 339 -7.56 18.00 14.30
C LYS E 339 -7.53 16.91 15.36
N TYR E 340 -8.59 16.10 15.42
CA TYR E 340 -8.74 15.05 16.43
C TYR E 340 -8.32 13.67 15.92
N LYS E 341 -7.67 12.91 16.80
CA LYS E 341 -7.17 11.57 16.48
C LYS E 341 -8.28 10.62 16.03
N HIS F 3 2.52 -30.25 0.74
CA HIS F 3 2.91 -29.58 -0.48
C HIS F 3 2.59 -30.39 -1.71
N HIS F 4 1.62 -29.93 -2.49
CA HIS F 4 1.34 -30.55 -3.77
C HIS F 4 2.56 -30.33 -4.60
N HIS F 5 2.95 -31.34 -5.38
CA HIS F 5 4.24 -31.30 -6.06
C HIS F 5 4.49 -30.06 -6.86
N HIS F 6 3.46 -29.55 -7.51
CA HIS F 6 3.58 -28.36 -8.36
C HIS F 6 3.07 -27.07 -7.72
N HIS F 7 3.26 -26.94 -6.41
CA HIS F 7 2.74 -25.79 -5.65
C HIS F 7 3.27 -24.44 -6.14
N HIS F 8 4.57 -24.35 -6.42
CA HIS F 8 5.14 -23.10 -6.98
C HIS F 8 4.44 -22.70 -8.28
N MET F 9 4.35 -23.62 -9.24
CA MET F 9 3.76 -23.28 -10.53
C MET F 9 2.29 -22.89 -10.40
N LEU F 10 1.58 -23.61 -9.54
CA LEU F 10 0.19 -23.34 -9.25
C LEU F 10 0.02 -21.93 -8.67
N HIS F 11 0.87 -21.56 -7.71
CA HIS F 11 0.81 -20.19 -7.14
C HIS F 11 1.00 -19.11 -8.22
N LEU F 12 2.01 -19.31 -9.08
CA LEU F 12 2.30 -18.35 -10.14
C LEU F 12 1.12 -18.13 -11.07
N LEU F 13 0.50 -19.21 -11.51
CA LEU F 13 -0.61 -19.13 -12.46
C LEU F 13 -1.89 -18.58 -11.79
N GLU F 14 -2.16 -18.99 -10.56
CA GLU F 14 -3.30 -18.43 -9.79
C GLU F 14 -3.14 -16.92 -9.54
N GLN F 15 -1.90 -16.51 -9.28
CA GLN F 15 -1.54 -15.09 -9.11
C GLN F 15 -1.89 -14.25 -10.34
N ILE F 16 -1.44 -14.68 -11.52
CA ILE F 16 -1.71 -13.88 -12.73
C ILE F 16 -3.20 -13.96 -13.14
N ARG F 17 -3.84 -15.10 -12.86
CA ARG F 17 -5.27 -15.25 -13.12
C ARG F 17 -6.09 -14.34 -12.21
N ALA F 18 -5.71 -14.26 -10.93
CA ALA F 18 -6.41 -13.40 -9.97
C ALA F 18 -6.23 -11.93 -10.36
N TYR F 19 -5.05 -11.58 -10.87
CA TYR F 19 -4.82 -10.22 -11.34
C TYR F 19 -5.76 -9.88 -12.50
N CYS F 20 -5.93 -10.82 -13.43
CA CYS F 20 -6.85 -10.60 -14.54
C CYS F 20 -8.29 -10.44 -14.07
N GLU F 21 -8.66 -11.14 -12.99
CA GLU F 21 -9.99 -10.99 -12.41
C GLU F 21 -10.14 -9.60 -11.81
N THR F 22 -9.10 -9.12 -11.14
CA THR F 22 -9.06 -7.81 -10.50
C THR F 22 -9.29 -6.69 -11.55
N CYS F 23 -8.66 -6.85 -12.72
CA CYS F 23 -8.81 -5.92 -13.84
C CYS F 23 -10.22 -6.00 -14.46
N TRP F 24 -10.71 -7.22 -14.64
CA TRP F 24 -12.08 -7.44 -15.11
C TRP F 24 -13.08 -6.76 -14.16
N GLU F 25 -12.86 -6.91 -12.86
CA GLU F 25 -13.74 -6.35 -11.84
C GLU F 25 -13.74 -4.81 -11.93
N TRP F 26 -12.56 -4.23 -12.06
CA TRP F 26 -12.42 -2.79 -12.30
C TRP F 26 -13.22 -2.34 -13.53
N GLN F 27 -13.06 -3.05 -14.64
CA GLN F 27 -13.77 -2.75 -15.88
C GLN F 27 -15.29 -2.80 -15.68
N GLU F 28 -15.76 -3.79 -14.92
CA GLU F 28 -17.20 -4.01 -14.76
C GLU F 28 -17.83 -3.16 -13.66
N ALA F 29 -17.00 -2.45 -12.91
CA ALA F 29 -17.48 -1.57 -11.83
C ALA F 29 -17.59 -0.08 -12.22
N HIS F 30 -17.49 0.22 -13.52
CA HIS F 30 -17.67 1.57 -14.02
C HIS F 30 -19.14 1.97 -14.03
N GLU F 31 -19.63 2.37 -12.86
CA GLU F 31 -21.02 2.73 -12.64
C GLU F 31 -21.13 4.16 -12.10
N PRO F 32 -22.31 4.78 -12.24
CA PRO F 32 -22.54 6.11 -11.66
C PRO F 32 -22.11 6.19 -10.20
N GLY F 33 -21.28 7.18 -9.87
CA GLY F 33 -20.79 7.35 -8.51
C GLY F 33 -19.44 6.70 -8.24
N MET F 34 -19.04 5.76 -9.10
CA MET F 34 -17.76 5.06 -8.92
C MET F 34 -16.60 5.86 -9.51
N ASP F 35 -16.18 6.88 -8.78
CA ASP F 35 -15.03 7.69 -9.16
C ASP F 35 -13.74 6.85 -9.10
N GLN F 36 -12.62 7.47 -9.43
CA GLN F 36 -11.31 6.82 -9.42
C GLN F 36 -10.84 6.35 -8.04
N ASP F 37 -11.35 6.98 -6.98
CA ASP F 37 -10.94 6.57 -5.63
C ASP F 37 -11.68 5.33 -5.14
N LYS F 38 -12.93 5.17 -5.56
CA LYS F 38 -13.71 3.98 -5.22
C LYS F 38 -13.37 2.81 -6.13
N ASN F 39 -13.03 3.11 -7.38
CA ASN F 39 -12.71 2.08 -8.37
C ASN F 39 -11.38 2.36 -9.08
N PRO F 40 -10.25 2.24 -8.34
CA PRO F 40 -8.96 2.56 -8.96
C PRO F 40 -8.53 1.53 -9.98
N MET F 41 -7.94 2.02 -11.07
CA MET F 41 -7.37 1.17 -12.09
C MET F 41 -6.22 0.35 -11.50
N PRO F 42 -6.28 -0.99 -11.62
CA PRO F 42 -5.19 -1.82 -11.11
C PRO F 42 -3.89 -1.57 -11.85
N ALA F 43 -2.79 -1.62 -11.13
CA ALA F 43 -1.46 -1.55 -11.71
C ALA F 43 -0.73 -2.84 -11.37
N PRO F 44 -0.03 -3.43 -12.36
CA PRO F 44 0.53 -4.77 -12.14
C PRO F 44 1.56 -4.83 -11.01
N VAL F 45 2.28 -3.75 -10.76
CA VAL F 45 3.19 -3.67 -9.61
C VAL F 45 2.52 -4.01 -8.26
N GLU F 46 1.22 -3.78 -8.17
CA GLU F 46 0.50 -3.95 -6.89
C GLU F 46 0.29 -5.43 -6.60
N HIS F 47 0.45 -6.26 -7.63
CA HIS F 47 0.25 -7.69 -7.51
C HIS F 47 1.48 -8.51 -7.92
N GLN F 48 2.66 -7.88 -7.87
CA GLN F 48 3.93 -8.57 -8.09
C GLN F 48 3.93 -9.36 -9.42
N ILE F 49 3.41 -8.72 -10.46
CA ILE F 49 3.20 -9.41 -11.73
C ILE F 49 4.50 -9.65 -12.51
N CYS F 50 5.39 -8.66 -12.53
CA CYS F 50 6.64 -8.81 -13.27
C CYS F 50 7.50 -9.98 -12.74
N PRO F 51 7.65 -10.11 -11.40
CA PRO F 51 8.33 -11.32 -10.89
C PRO F 51 7.62 -12.63 -11.24
N ALA F 52 6.28 -12.64 -11.16
CA ALA F 52 5.51 -13.83 -11.53
C ALA F 52 5.80 -14.29 -12.96
N VAL F 53 5.75 -13.37 -13.93
CA VAL F 53 6.02 -13.76 -15.30
C VAL F 53 7.49 -14.03 -15.56
N CYS F 54 8.37 -13.37 -14.80
CA CYS F 54 9.80 -13.66 -14.85
C CYS F 54 10.06 -15.13 -14.54
N VAL F 55 9.52 -15.59 -13.40
CA VAL F 55 9.72 -16.97 -12.97
C VAL F 55 9.08 -17.96 -13.95
N LEU F 56 7.84 -17.68 -14.37
CA LEU F 56 7.17 -18.48 -15.38
C LEU F 56 7.98 -18.60 -16.68
N MET F 57 8.58 -17.50 -17.14
CA MET F 57 9.42 -17.58 -18.34
C MET F 57 10.66 -18.44 -18.11
N LYS F 58 11.26 -18.35 -16.92
CA LYS F 58 12.42 -19.18 -16.60
C LYS F 58 12.04 -20.67 -16.62
N LEU F 59 10.93 -21.00 -15.95
CA LEU F 59 10.42 -22.37 -15.90
C LEU F 59 10.12 -22.92 -17.31
N SER F 60 9.57 -22.06 -18.17
CA SER F 60 9.14 -22.46 -19.51
C SER F 60 10.29 -22.92 -20.42
N PHE F 61 11.54 -22.70 -20.02
CA PHE F 61 12.69 -23.17 -20.81
C PHE F 61 12.91 -24.68 -20.64
N ASP F 62 12.28 -25.25 -19.62
CA ASP F 62 12.44 -26.65 -19.29
C ASP F 62 11.23 -27.46 -19.76
N GLU F 63 11.51 -28.56 -20.48
CA GLU F 63 10.47 -29.40 -21.07
C GLU F 63 9.48 -29.98 -20.06
N GLU F 64 9.96 -30.52 -18.96
CA GLU F 64 9.03 -31.07 -17.97
C GLU F 64 8.18 -30.00 -17.29
N HIS F 65 8.74 -28.81 -17.09
CA HIS F 65 7.97 -27.69 -16.55
C HIS F 65 6.89 -27.22 -17.53
N ARG F 66 7.22 -27.22 -18.82
CA ARG F 66 6.24 -26.87 -19.85
C ARG F 66 5.06 -27.82 -19.82
N HIS F 67 5.34 -29.11 -19.69
CA HIS F 67 4.31 -30.14 -19.57
C HIS F 67 3.39 -29.85 -18.39
N ALA F 68 3.97 -29.54 -17.23
CA ALA F 68 3.19 -29.17 -16.04
C ALA F 68 2.41 -27.87 -16.26
N MET F 69 3.06 -26.89 -16.88
CA MET F 69 2.43 -25.63 -17.21
C MET F 69 1.20 -25.85 -18.09
N ASN F 70 1.36 -26.67 -19.12
CA ASN F 70 0.28 -27.02 -20.03
C ASN F 70 -0.88 -27.74 -19.33
N GLU F 71 -0.58 -28.63 -18.39
CA GLU F 71 -1.61 -29.29 -17.60
C GLU F 71 -2.43 -28.28 -16.78
N LEU F 72 -1.78 -27.17 -16.41
CA LEU F 72 -2.41 -26.18 -15.55
C LEU F 72 -3.03 -25.00 -16.30
N GLY F 73 -3.05 -25.07 -17.63
CA GLY F 73 -3.60 -24.00 -18.47
C GLY F 73 -2.73 -22.77 -18.55
N GLY F 74 -1.41 -22.97 -18.50
CA GLY F 74 -0.45 -21.87 -18.43
C GLY F 74 -0.44 -20.94 -19.62
N LEU F 75 -0.53 -21.50 -20.84
CA LEU F 75 -0.52 -20.67 -22.04
C LEU F 75 -1.68 -19.68 -22.01
N GLN F 76 -2.88 -20.17 -21.74
CA GLN F 76 -4.04 -19.30 -21.68
C GLN F 76 -3.87 -18.21 -20.61
N ALA F 77 -3.40 -18.58 -19.42
CA ALA F 77 -3.27 -17.61 -18.33
C ALA F 77 -2.25 -16.53 -18.68
N ILE F 78 -1.11 -16.94 -19.22
CA ILE F 78 -0.05 -16.00 -19.58
C ILE F 78 -0.49 -15.09 -20.73
N ALA F 79 -1.15 -15.68 -21.73
CA ALA F 79 -1.65 -14.91 -22.86
C ALA F 79 -2.72 -13.88 -22.42
N GLU F 80 -3.60 -14.29 -21.51
CA GLU F 80 -4.63 -13.38 -20.99
C GLU F 80 -4.06 -12.23 -20.17
N LEU F 81 -3.04 -12.51 -19.36
CA LEU F 81 -2.34 -11.47 -18.62
C LEU F 81 -1.69 -10.47 -19.59
N LEU F 82 -1.01 -10.99 -20.62
CA LEU F 82 -0.39 -10.13 -21.63
C LEU F 82 -1.45 -9.25 -22.29
N GLN F 83 -2.55 -9.86 -22.72
CA GLN F 83 -3.66 -9.13 -23.34
C GLN F 83 -4.19 -8.03 -22.43
N VAL F 84 -4.47 -8.37 -21.17
CA VAL F 84 -5.05 -7.44 -20.21
C VAL F 84 -4.18 -6.18 -20.06
N ASP F 85 -2.88 -6.37 -19.83
CA ASP F 85 -1.99 -5.24 -19.66
C ASP F 85 -1.89 -4.39 -20.94
N CYS F 86 -1.77 -5.06 -22.10
CA CYS F 86 -1.73 -4.34 -23.37
C CYS F 86 -2.97 -3.48 -23.58
N GLU F 87 -4.14 -4.02 -23.27
CA GLU F 87 -5.39 -3.29 -23.50
C GLU F 87 -5.58 -2.15 -22.50
N MET F 88 -5.24 -2.39 -21.24
CA MET F 88 -5.45 -1.39 -20.18
C MET F 88 -4.55 -0.15 -20.35
N TYR F 89 -3.27 -0.40 -20.63
CA TYR F 89 -2.25 0.65 -20.60
C TYR F 89 -1.73 1.05 -21.99
N GLY F 90 -2.13 0.31 -23.01
CA GLY F 90 -1.76 0.66 -24.37
C GLY F 90 -0.26 0.62 -24.58
N LEU F 91 0.20 1.35 -25.58
CA LEU F 91 1.63 1.37 -25.91
C LEU F 91 2.34 2.38 -25.02
N THR F 92 2.65 1.96 -23.80
CA THR F 92 3.31 2.82 -22.84
C THR F 92 4.81 2.46 -22.74
N ASN F 93 5.61 3.42 -22.30
CA ASN F 93 7.04 3.21 -22.08
C ASN F 93 7.41 2.82 -20.65
N ASP F 94 6.39 2.66 -19.81
CA ASP F 94 6.58 2.22 -18.44
C ASP F 94 7.44 0.94 -18.44
N HIS F 95 8.62 1.03 -17.84
CA HIS F 95 9.58 -0.08 -17.81
C HIS F 95 9.00 -1.37 -17.18
N TYR F 96 8.18 -1.21 -16.15
CA TYR F 96 7.55 -2.33 -15.49
C TYR F 96 6.65 -3.07 -16.48
N SER F 97 5.86 -2.31 -17.21
CA SER F 97 4.96 -2.88 -18.19
C SER F 97 5.70 -3.54 -19.36
N ILE F 98 6.71 -2.87 -19.91
CA ILE F 98 7.48 -3.45 -21.02
C ILE F 98 8.12 -4.78 -20.60
N THR F 99 8.70 -4.80 -19.40
CA THR F 99 9.40 -5.97 -18.88
C THR F 99 8.45 -7.15 -18.71
N LEU F 100 7.31 -6.92 -18.08
CA LEU F 100 6.34 -8.00 -17.88
C LEU F 100 5.80 -8.49 -19.23
N ARG F 101 5.65 -7.58 -20.20
CA ARG F 101 5.20 -7.99 -21.52
C ARG F 101 6.26 -8.84 -22.22
N ARG F 102 7.53 -8.48 -22.06
CA ARG F 102 8.63 -9.26 -22.61
C ARG F 102 8.68 -10.68 -22.00
N TYR F 103 8.64 -10.75 -20.68
CA TYR F 103 8.69 -12.03 -19.99
C TYR F 103 7.52 -12.94 -20.38
N ALA F 104 6.31 -12.37 -20.44
CA ALA F 104 5.14 -13.13 -20.85
C ALA F 104 5.29 -13.67 -22.29
N GLY F 105 5.76 -12.81 -23.20
CA GLY F 105 5.93 -13.21 -24.59
C GLY F 105 7.02 -14.25 -24.75
N MET F 106 8.07 -14.17 -23.93
CA MET F 106 9.11 -15.20 -23.89
C MET F 106 8.53 -16.58 -23.51
N ALA F 107 7.68 -16.59 -22.48
CA ALA F 107 7.05 -17.82 -22.04
C ALA F 107 6.13 -18.35 -23.15
N LEU F 108 5.39 -17.44 -23.80
CA LEU F 108 4.53 -17.84 -24.92
C LEU F 108 5.33 -18.42 -26.10
N THR F 109 6.48 -17.81 -26.42
CA THR F 109 7.38 -18.40 -27.42
C THR F 109 7.77 -19.83 -27.02
N ASN F 110 8.22 -19.99 -25.78
CA ASN F 110 8.61 -21.30 -25.28
C ASN F 110 7.49 -22.34 -25.30
N LEU F 111 6.28 -21.92 -24.93
CA LEU F 111 5.13 -22.79 -24.90
C LEU F 111 4.54 -23.15 -26.28
N THR F 112 4.88 -22.39 -27.30
CA THR F 112 4.36 -22.68 -28.63
C THR F 112 5.35 -23.48 -29.47
N PHE F 113 6.60 -23.55 -29.01
CA PHE F 113 7.63 -24.32 -29.70
C PHE F 113 7.22 -25.78 -29.86
N GLY F 114 7.09 -26.21 -31.13
CA GLY F 114 6.74 -27.60 -31.46
C GLY F 114 5.44 -28.11 -30.87
N ASP F 115 4.55 -27.20 -30.48
CA ASP F 115 3.32 -27.58 -29.77
C ASP F 115 2.09 -27.21 -30.60
N VAL F 116 1.55 -28.21 -31.29
CA VAL F 116 0.41 -28.04 -32.18
C VAL F 116 -0.77 -27.36 -31.48
N ALA F 117 -1.15 -27.90 -30.32
CA ALA F 117 -2.33 -27.43 -29.61
C ALA F 117 -2.19 -26.01 -29.11
N ASN F 118 -1.00 -25.67 -28.59
CA ASN F 118 -0.76 -24.32 -28.04
C ASN F 118 -0.74 -23.25 -29.15
N LYS F 119 -0.22 -23.59 -30.31
CA LYS F 119 -0.24 -22.67 -31.46
C LYS F 119 -1.69 -22.35 -31.85
N ALA F 120 -2.52 -23.37 -31.94
CA ALA F 120 -3.93 -23.20 -32.32
C ALA F 120 -4.71 -22.41 -31.28
N THR F 121 -4.43 -22.68 -30.00
CA THR F 121 -5.13 -22.02 -28.89
C THR F 121 -4.81 -20.54 -28.87
N LEU F 122 -3.52 -20.19 -28.90
CA LEU F 122 -3.10 -18.79 -28.92
C LEU F 122 -3.68 -18.02 -30.10
N CYS F 123 -3.58 -18.58 -31.31
CA CYS F 123 -4.24 -17.94 -32.45
C CYS F 123 -5.75 -17.76 -32.29
N SER F 124 -6.41 -18.67 -31.58
CA SER F 124 -7.87 -18.56 -31.37
C SER F 124 -8.24 -17.46 -30.35
N MET F 125 -7.25 -16.97 -29.62
CA MET F 125 -7.48 -15.88 -28.66
C MET F 125 -7.30 -14.53 -29.38
N LYS F 126 -8.39 -14.08 -30.02
CA LYS F 126 -8.31 -12.99 -30.99
C LYS F 126 -7.89 -11.66 -30.39
N GLY F 127 -8.47 -11.30 -29.24
CA GLY F 127 -8.05 -10.11 -28.49
C GLY F 127 -6.57 -10.14 -28.16
N CYS F 128 -6.08 -11.28 -27.69
CA CYS F 128 -4.65 -11.43 -27.45
C CYS F 128 -3.82 -11.26 -28.74
N MET F 129 -4.30 -11.85 -29.83
CA MET F 129 -3.59 -11.77 -31.11
C MET F 129 -3.48 -10.33 -31.60
N ARG F 130 -4.56 -9.56 -31.46
CA ARG F 130 -4.56 -8.13 -31.77
C ARG F 130 -3.56 -7.36 -30.90
N ALA F 131 -3.51 -7.66 -29.60
CA ALA F 131 -2.57 -7.04 -28.69
C ALA F 131 -1.11 -7.35 -29.08
N LEU F 132 -0.82 -8.61 -29.38
CA LEU F 132 0.51 -9.00 -29.84
C LEU F 132 0.96 -8.15 -31.02
N VAL F 133 0.10 -8.05 -32.04
CA VAL F 133 0.42 -7.29 -33.25
C VAL F 133 0.63 -5.79 -32.96
N ALA F 134 -0.20 -5.23 -32.08
CA ALA F 134 -0.02 -3.83 -31.67
C ALA F 134 1.36 -3.55 -31.06
N GLN F 135 1.91 -4.50 -30.30
CA GLN F 135 3.21 -4.33 -29.66
C GLN F 135 4.38 -4.17 -30.65
N LEU F 136 4.16 -4.47 -31.93
CA LEU F 136 5.21 -4.24 -32.94
C LEU F 136 5.52 -2.76 -33.14
N LYS F 137 4.61 -1.89 -32.72
CA LYS F 137 4.82 -0.44 -32.76
C LYS F 137 5.36 0.13 -31.44
N SER F 138 5.69 -0.73 -30.48
CA SER F 138 6.30 -0.30 -29.22
C SER F 138 7.65 0.38 -29.48
N GLU F 139 7.93 1.37 -28.64
CA GLU F 139 9.23 2.05 -28.62
C GLU F 139 10.35 1.08 -28.25
N SER F 140 10.02 0.08 -27.43
CA SER F 140 10.95 -0.97 -27.05
C SER F 140 11.17 -1.96 -28.21
N GLU F 141 12.35 -1.91 -28.84
CA GLU F 141 12.72 -2.91 -29.85
C GLU F 141 12.89 -4.32 -29.26
N ASP F 142 13.28 -4.40 -27.97
CA ASP F 142 13.36 -5.69 -27.30
C ASP F 142 11.98 -6.33 -27.15
N LEU F 143 10.97 -5.52 -26.87
CA LEU F 143 9.59 -6.03 -26.86
C LEU F 143 9.17 -6.44 -28.27
N GLN F 144 9.52 -5.64 -29.28
CA GLN F 144 9.26 -6.02 -30.67
C GLN F 144 9.85 -7.40 -31.00
N GLN F 145 11.09 -7.60 -30.57
CA GLN F 145 11.85 -8.81 -30.85
C GLN F 145 11.14 -10.05 -30.27
N VAL F 146 10.58 -9.89 -29.07
CA VAL F 146 9.87 -10.94 -28.34
C VAL F 146 8.56 -11.30 -29.02
N ILE F 147 7.76 -10.29 -29.36
CA ILE F 147 6.48 -10.49 -30.04
C ILE F 147 6.71 -11.16 -31.41
N ALA F 148 7.71 -10.68 -32.15
CA ALA F 148 8.06 -11.33 -33.43
C ALA F 148 8.41 -12.82 -33.23
N SER F 149 9.04 -13.15 -32.08
CA SER F 149 9.39 -14.53 -31.76
C SER F 149 8.15 -15.39 -31.58
N VAL F 150 7.14 -14.85 -30.92
CA VAL F 150 5.85 -15.52 -30.76
C VAL F 150 5.20 -15.75 -32.12
N LEU F 151 5.19 -14.71 -32.97
CA LEU F 151 4.52 -14.76 -34.27
C LEU F 151 5.23 -15.74 -35.21
N ARG F 152 6.55 -15.85 -35.07
CA ARG F 152 7.32 -16.86 -35.79
C ARG F 152 6.84 -18.28 -35.47
N ASN F 153 6.75 -18.60 -34.18
CA ASN F 153 6.27 -19.90 -33.76
C ASN F 153 4.85 -20.17 -34.24
N LEU F 154 3.97 -19.17 -34.13
CA LEU F 154 2.58 -19.32 -34.57
C LEU F 154 2.43 -19.53 -36.09
N SER F 155 3.39 -19.05 -36.86
CA SER F 155 3.29 -19.16 -38.31
C SER F 155 4.00 -20.39 -38.89
N TRP F 156 4.56 -21.22 -38.02
CA TRP F 156 5.14 -22.49 -38.44
C TRP F 156 4.13 -23.60 -38.23
N ARG F 157 3.84 -24.30 -39.32
CA ARG F 157 2.82 -25.34 -39.38
C ARG F 157 1.45 -24.86 -38.83
N ALA F 158 1.09 -23.64 -39.22
CA ALA F 158 -0.19 -23.07 -38.85
C ALA F 158 -1.32 -23.80 -39.56
N ASP F 159 -2.37 -24.15 -38.80
CA ASP F 159 -3.56 -24.76 -39.37
C ASP F 159 -4.39 -23.67 -40.08
N VAL F 160 -5.52 -24.01 -40.69
CA VAL F 160 -6.22 -23.03 -41.52
C VAL F 160 -6.85 -21.90 -40.69
N ASN F 161 -7.33 -22.22 -39.50
CA ASN F 161 -7.87 -21.21 -38.59
C ASN F 161 -6.79 -20.21 -38.19
N SER F 162 -5.60 -20.74 -37.91
CA SER F 162 -4.49 -19.91 -37.45
C SER F 162 -3.94 -19.04 -38.57
N LYS F 163 -3.79 -19.63 -39.76
CA LYS F 163 -3.36 -18.87 -40.95
C LYS F 163 -4.31 -17.71 -41.20
N LYS F 164 -5.61 -17.99 -41.13
CA LYS F 164 -6.64 -16.97 -41.33
C LYS F 164 -6.56 -15.88 -40.26
N THR F 165 -6.46 -16.28 -38.99
CA THR F 165 -6.35 -15.31 -37.90
C THR F 165 -5.11 -14.41 -38.07
N LEU F 166 -3.97 -15.03 -38.37
CA LEU F 166 -2.71 -14.30 -38.52
C LEU F 166 -2.83 -13.23 -39.61
N ARG F 167 -3.53 -13.59 -40.67
CA ARG F 167 -3.83 -12.68 -41.76
C ARG F 167 -4.85 -11.59 -41.34
N GLU F 168 -5.93 -12.00 -40.69
CA GLU F 168 -6.99 -11.08 -40.30
C GLU F 168 -6.56 -10.00 -39.29
N VAL F 169 -5.62 -10.33 -38.41
CA VAL F 169 -5.11 -9.34 -37.45
C VAL F 169 -4.01 -8.45 -38.05
N GLY F 170 -3.71 -8.67 -39.33
CA GLY F 170 -2.79 -7.82 -40.08
C GLY F 170 -1.33 -8.04 -39.74
N SER F 171 -0.98 -9.24 -39.29
CA SER F 171 0.39 -9.52 -38.84
C SER F 171 1.44 -9.36 -39.96
N VAL F 172 1.07 -9.56 -41.21
CA VAL F 172 2.04 -9.52 -42.29
C VAL F 172 2.53 -8.09 -42.55
N LYS F 173 1.61 -7.17 -42.79
CA LYS F 173 1.97 -5.78 -43.00
C LYS F 173 2.54 -5.17 -41.73
N ALA F 174 2.02 -5.58 -40.57
CA ALA F 174 2.55 -5.09 -39.30
C ALA F 174 4.03 -5.45 -39.16
N LEU F 175 4.39 -6.69 -39.49
CA LEU F 175 5.80 -7.10 -39.38
C LEU F 175 6.70 -6.47 -40.44
N MET F 176 6.19 -6.33 -41.67
CA MET F 176 7.00 -5.73 -42.73
C MET F 176 7.28 -4.26 -42.41
N GLU F 177 6.25 -3.53 -41.98
CA GLU F 177 6.43 -2.14 -41.56
C GLU F 177 7.33 -2.01 -40.33
N CYS F 178 7.20 -2.95 -39.39
CA CYS F 178 8.11 -3.04 -38.26
C CYS F 178 9.57 -3.19 -38.73
N ALA F 179 9.81 -4.11 -39.66
CA ALA F 179 11.16 -4.36 -40.17
C ALA F 179 11.84 -3.11 -40.72
N LEU F 180 11.07 -2.28 -41.44
CA LEU F 180 11.59 -1.07 -42.07
C LEU F 180 12.10 -0.06 -41.04
N GLU F 181 11.62 -0.18 -39.80
CA GLU F 181 11.92 0.74 -38.72
C GLU F 181 12.97 0.23 -37.72
N VAL F 182 13.33 -1.05 -37.76
CA VAL F 182 14.20 -1.60 -36.70
C VAL F 182 15.66 -1.13 -36.83
N LYS F 183 16.27 -0.85 -35.68
CA LYS F 183 17.68 -0.45 -35.61
C LYS F 183 18.57 -1.61 -35.17
N LYS F 184 18.06 -2.47 -34.29
CA LYS F 184 18.86 -3.55 -33.73
C LYS F 184 18.80 -4.82 -34.55
N GLU F 185 19.96 -5.42 -34.79
CA GLU F 185 20.06 -6.69 -35.50
C GLU F 185 19.21 -7.77 -34.83
N SER F 186 19.28 -7.86 -33.50
CA SER F 186 18.51 -8.85 -32.75
C SER F 186 17.03 -8.77 -33.07
N THR F 187 16.48 -7.57 -33.08
CA THR F 187 15.07 -7.36 -33.41
C THR F 187 14.78 -7.75 -34.88
N LEU F 188 15.64 -7.33 -35.80
CA LEU F 188 15.45 -7.66 -37.21
C LEU F 188 15.46 -9.16 -37.48
N LYS F 189 16.32 -9.90 -36.77
CA LYS F 189 16.35 -11.36 -36.87
C LYS F 189 14.99 -12.02 -36.62
N SER F 190 14.34 -11.70 -35.50
CA SER F 190 13.08 -12.37 -35.20
C SER F 190 11.91 -11.85 -36.04
N VAL F 191 11.93 -10.55 -36.37
CA VAL F 191 10.94 -9.98 -37.30
C VAL F 191 11.00 -10.64 -38.71
N LEU F 192 12.19 -10.82 -39.26
CA LEU F 192 12.31 -11.44 -40.59
C LEU F 192 12.02 -12.94 -40.55
N SER F 193 12.39 -13.59 -39.45
CA SER F 193 12.11 -15.02 -39.27
C SER F 193 10.61 -15.27 -39.31
N ALA F 194 9.86 -14.43 -38.60
CA ALA F 194 8.40 -14.49 -38.59
C ALA F 194 7.84 -14.27 -39.98
N LEU F 195 8.34 -13.24 -40.68
CA LEU F 195 7.89 -12.94 -42.03
C LEU F 195 8.24 -14.05 -43.01
N TRP F 196 9.37 -14.70 -42.79
CA TRP F 196 9.80 -15.83 -43.61
C TRP F 196 8.71 -16.90 -43.65
N ASN F 197 8.23 -17.30 -42.47
CA ASN F 197 7.16 -18.30 -42.34
C ASN F 197 5.84 -17.81 -42.94
N LEU F 198 5.44 -16.58 -42.60
CA LEU F 198 4.16 -16.02 -43.05
C LEU F 198 4.09 -15.82 -44.57
N SER F 199 5.23 -15.51 -45.17
CA SER F 199 5.28 -15.31 -46.64
C SER F 199 4.97 -16.59 -47.41
N ALA F 200 5.04 -17.72 -46.71
CA ALA F 200 4.77 -19.03 -47.32
C ALA F 200 3.31 -19.49 -47.21
N HIS F 201 2.50 -18.80 -46.43
CA HIS F 201 1.13 -19.24 -46.13
C HIS F 201 0.19 -19.22 -47.33
N CYS F 202 0.25 -18.16 -48.14
CA CYS F 202 -0.66 -17.98 -49.28
C CYS F 202 -0.16 -16.85 -50.15
N THR F 203 -0.69 -16.73 -51.37
CA THR F 203 -0.25 -15.68 -52.30
C THR F 203 -0.63 -14.29 -51.78
N GLU F 204 -1.79 -14.21 -51.12
CA GLU F 204 -2.24 -12.96 -50.49
C GLU F 204 -1.21 -12.39 -49.50
N ASN F 205 -0.59 -13.26 -48.70
CA ASN F 205 0.47 -12.80 -47.81
C ASN F 205 1.69 -12.28 -48.58
N LYS F 206 2.05 -12.95 -49.67
CA LYS F 206 3.14 -12.49 -50.53
C LYS F 206 2.80 -11.13 -51.13
N ALA F 207 1.55 -10.97 -51.55
CA ALA F 207 1.08 -9.72 -52.13
C ALA F 207 1.10 -8.57 -51.12
N ASP F 208 0.73 -8.86 -49.88
CA ASP F 208 0.74 -7.82 -48.83
C ASP F 208 2.16 -7.33 -48.58
N ILE F 209 3.13 -8.25 -48.56
CA ILE F 209 4.54 -7.88 -48.43
C ILE F 209 4.98 -6.96 -49.57
N CYS F 210 4.74 -7.39 -50.82
CA CYS F 210 5.13 -6.61 -51.98
C CYS F 210 4.43 -5.25 -52.04
N ALA F 211 3.26 -5.14 -51.40
CA ALA F 211 2.48 -3.91 -51.47
C ALA F 211 2.89 -2.89 -50.42
N VAL F 212 3.75 -3.28 -49.49
CA VAL F 212 4.32 -2.32 -48.55
C VAL F 212 5.37 -1.50 -49.31
N ASP F 213 5.22 -0.17 -49.27
CA ASP F 213 6.13 0.73 -49.99
C ASP F 213 7.54 0.61 -49.42
N GLY F 214 8.50 0.30 -50.28
CA GLY F 214 9.90 0.16 -49.85
C GLY F 214 10.32 -1.23 -49.39
N ALA F 215 9.34 -2.12 -49.19
CA ALA F 215 9.63 -3.47 -48.68
C ALA F 215 10.57 -4.28 -49.59
N LEU F 216 10.29 -4.28 -50.88
CA LEU F 216 11.11 -5.04 -51.82
C LEU F 216 12.56 -4.56 -51.86
N ALA F 217 12.76 -3.24 -51.99
CA ALA F 217 14.12 -2.66 -51.94
C ALA F 217 14.80 -3.01 -50.61
N PHE F 218 14.07 -2.89 -49.52
CA PHE F 218 14.59 -3.29 -48.20
C PHE F 218 15.01 -4.76 -48.16
N LEU F 219 14.15 -5.63 -48.68
CA LEU F 219 14.48 -7.07 -48.72
C LEU F 219 15.73 -7.36 -49.56
N VAL F 220 15.85 -6.72 -50.73
CA VAL F 220 17.07 -6.91 -51.52
C VAL F 220 18.29 -6.44 -50.73
N GLY F 221 18.12 -5.35 -49.97
CA GLY F 221 19.18 -4.83 -49.12
C GLY F 221 19.69 -5.84 -48.10
N THR F 222 18.78 -6.62 -47.51
CA THR F 222 19.17 -7.62 -46.51
C THR F 222 20.10 -8.70 -47.09
N LEU F 223 20.10 -8.85 -48.40
CA LEU F 223 20.97 -9.84 -49.05
C LEU F 223 22.47 -9.54 -48.90
N THR F 224 22.81 -8.28 -48.66
CA THR F 224 24.20 -7.88 -48.45
C THR F 224 24.39 -7.30 -47.05
N TYR F 225 23.48 -7.64 -46.15
CA TYR F 225 23.59 -7.24 -44.76
C TYR F 225 24.97 -7.59 -44.20
N ARG F 226 25.51 -6.70 -43.37
CA ARG F 226 26.81 -6.91 -42.77
C ARG F 226 26.60 -7.05 -41.27
N SER F 227 26.63 -8.29 -40.80
CA SER F 227 26.32 -8.61 -39.41
C SER F 227 27.45 -8.22 -38.47
N GLN F 228 27.10 -7.54 -37.38
CA GLN F 228 28.04 -7.23 -36.31
C GLN F 228 28.41 -8.49 -35.55
N THR F 229 27.45 -9.41 -35.45
CA THR F 229 27.57 -10.58 -34.59
C THR F 229 28.07 -11.84 -35.31
N ASN F 230 28.70 -11.64 -36.48
CA ASN F 230 29.23 -12.75 -37.30
C ASN F 230 28.29 -13.92 -37.56
N THR F 231 27.03 -13.61 -37.82
CA THR F 231 26.04 -14.62 -38.21
C THR F 231 25.46 -14.30 -39.60
N LEU F 232 24.78 -15.27 -40.18
CA LEU F 232 24.17 -15.12 -41.51
C LEU F 232 22.64 -15.10 -41.44
N ALA F 233 22.11 -14.99 -40.23
CA ALA F 233 20.67 -15.06 -39.96
C ALA F 233 19.83 -14.07 -40.77
N ILE F 234 20.32 -12.85 -40.89
CA ILE F 234 19.61 -11.80 -41.65
C ILE F 234 19.58 -12.10 -43.16
N ILE F 235 20.73 -12.49 -43.72
CA ILE F 235 20.78 -12.85 -45.14
C ILE F 235 19.89 -14.09 -45.42
N GLU F 236 19.94 -15.07 -44.51
CA GLU F 236 19.13 -16.26 -44.63
C GLU F 236 17.63 -15.95 -44.64
N SER F 237 17.17 -15.19 -43.63
CA SER F 237 15.74 -14.93 -43.49
C SER F 237 15.25 -13.89 -44.50
N GLY F 238 16.08 -12.89 -44.77
CA GLY F 238 15.77 -11.89 -45.78
C GLY F 238 15.69 -12.51 -47.17
N GLY F 239 16.72 -13.28 -47.52
CA GLY F 239 16.71 -14.06 -48.76
C GLY F 239 15.59 -15.10 -48.82
N GLY F 240 15.17 -15.58 -47.65
CA GLY F 240 14.07 -16.54 -47.57
C GLY F 240 12.73 -15.94 -47.93
N ILE F 241 12.46 -14.76 -47.38
CA ILE F 241 11.25 -14.00 -47.72
C ILE F 241 11.24 -13.66 -49.22
N LEU F 242 12.39 -13.20 -49.72
CA LEU F 242 12.49 -12.81 -51.12
C LEU F 242 12.20 -14.03 -52.00
N ARG F 243 12.79 -15.17 -51.65
CA ARG F 243 12.54 -16.41 -52.39
C ARG F 243 11.03 -16.70 -52.46
N ASN F 244 10.36 -16.66 -51.31
CA ASN F 244 8.92 -16.91 -51.24
C ASN F 244 8.08 -15.96 -52.06
N VAL F 245 8.32 -14.65 -51.96
CA VAL F 245 7.49 -13.67 -52.68
C VAL F 245 7.89 -13.50 -54.16
N SER F 246 9.05 -14.05 -54.53
CA SER F 246 9.55 -13.93 -55.91
C SER F 246 8.66 -14.63 -56.94
N SER F 247 7.82 -15.55 -56.48
CA SER F 247 6.80 -16.17 -57.33
C SER F 247 5.84 -15.10 -57.85
N LEU F 248 5.52 -14.12 -57.01
CA LEU F 248 4.70 -12.97 -57.41
C LEU F 248 5.48 -11.92 -58.19
N ILE F 249 6.67 -11.56 -57.68
CA ILE F 249 7.55 -10.60 -58.34
C ILE F 249 7.79 -10.96 -59.80
N ALA F 250 7.94 -12.25 -60.09
CA ALA F 250 8.26 -12.72 -61.45
C ALA F 250 7.25 -12.27 -62.49
N THR F 251 5.99 -12.08 -62.08
CA THR F 251 4.95 -11.68 -63.03
C THR F 251 4.62 -10.18 -62.96
N ASN F 252 5.40 -9.44 -62.16
CA ASN F 252 5.21 -8.01 -61.97
C ASN F 252 6.43 -7.22 -62.47
N GLU F 253 6.27 -6.54 -63.60
CA GLU F 253 7.36 -5.79 -64.22
C GLU F 253 7.90 -4.66 -63.33
N ASP F 254 7.00 -3.87 -62.74
CA ASP F 254 7.40 -2.81 -61.80
C ASP F 254 8.28 -3.35 -60.67
N HIS F 255 7.91 -4.52 -60.15
CA HIS F 255 8.64 -5.12 -59.03
C HIS F 255 9.98 -5.72 -59.45
N ARG F 256 10.01 -6.32 -60.65
CA ARG F 256 11.29 -6.74 -61.24
C ARG F 256 12.26 -5.56 -61.34
N GLN F 257 11.75 -4.41 -61.77
CA GLN F 257 12.56 -3.21 -61.95
C GLN F 257 13.12 -2.69 -60.61
N ILE F 258 12.32 -2.75 -59.55
CA ILE F 258 12.84 -2.45 -58.22
C ILE F 258 14.04 -3.36 -57.88
N LEU F 259 13.89 -4.65 -58.13
CA LEU F 259 14.99 -5.61 -57.91
C LEU F 259 16.24 -5.25 -58.73
N ARG F 260 16.06 -4.95 -60.01
CA ARG F 260 17.18 -4.56 -60.87
C ARG F 260 17.92 -3.33 -60.35
N GLU F 261 17.18 -2.30 -59.93
CA GLU F 261 17.85 -1.09 -59.46
C GLU F 261 18.58 -1.30 -58.13
N ASN F 262 18.28 -2.42 -57.46
CA ASN F 262 18.99 -2.82 -56.26
C ASN F 262 20.00 -3.97 -56.47
N ASN F 263 20.36 -4.20 -57.73
CA ASN F 263 21.32 -5.25 -58.13
C ASN F 263 21.00 -6.66 -57.61
N CYS F 264 19.72 -7.04 -57.60
CA CYS F 264 19.31 -8.32 -57.01
C CYS F 264 19.94 -9.55 -57.70
N LEU F 265 19.84 -9.63 -59.02
CA LEU F 265 20.37 -10.77 -59.76
C LEU F 265 21.87 -11.02 -59.50
N GLN F 266 22.67 -9.95 -59.58
CA GLN F 266 24.11 -10.03 -59.31
C GLN F 266 24.41 -10.62 -57.94
N THR F 267 23.70 -10.12 -56.92
CA THR F 267 23.87 -10.58 -55.55
C THR F 267 23.44 -12.05 -55.39
N LEU F 268 22.31 -12.42 -56.00
CA LEU F 268 21.85 -13.82 -55.97
C LEU F 268 22.89 -14.78 -56.52
N LEU F 269 23.60 -14.36 -57.57
CA LEU F 269 24.69 -15.16 -58.12
C LEU F 269 25.86 -15.29 -57.14
N GLN F 270 26.15 -14.20 -56.42
CA GLN F 270 27.15 -14.25 -55.35
C GLN F 270 26.76 -15.23 -54.24
N HIS F 271 25.46 -15.26 -53.93
CA HIS F 271 24.89 -16.18 -52.94
C HIS F 271 25.12 -17.66 -53.27
N LEU F 272 25.19 -17.99 -54.56
CA LEU F 272 25.44 -19.36 -54.99
C LEU F 272 26.79 -19.87 -54.50
N LYS F 273 27.72 -18.96 -54.21
CA LYS F 273 29.05 -19.31 -53.70
C LYS F 273 29.10 -19.40 -52.17
N SER F 274 27.98 -19.12 -51.50
CA SER F 274 27.93 -19.15 -50.03
C SER F 274 28.23 -20.54 -49.45
N HIS F 275 28.69 -20.56 -48.20
CA HIS F 275 28.90 -21.80 -47.48
C HIS F 275 27.63 -22.22 -46.74
N SER F 276 26.71 -21.27 -46.59
CA SER F 276 25.40 -21.55 -46.02
C SER F 276 24.51 -22.20 -47.08
N LEU F 277 24.10 -23.44 -46.81
CA LEU F 277 23.19 -24.17 -47.69
C LEU F 277 21.83 -23.48 -47.79
N THR F 278 21.38 -22.86 -46.68
CA THR F 278 20.15 -22.07 -46.67
C THR F 278 20.21 -20.88 -47.65
N ILE F 279 21.35 -20.18 -47.68
CA ILE F 279 21.52 -19.06 -48.60
C ILE F 279 21.55 -19.55 -50.07
N VAL F 280 22.32 -20.60 -50.33
CA VAL F 280 22.41 -21.14 -51.70
C VAL F 280 21.05 -21.64 -52.18
N SER F 281 20.35 -22.37 -51.32
CA SER F 281 19.03 -22.88 -51.61
C SER F 281 17.99 -21.77 -51.87
N ASN F 282 17.92 -20.79 -50.97
CA ASN F 282 17.07 -19.61 -51.19
C ASN F 282 17.37 -18.93 -52.53
N ALA F 283 18.65 -18.74 -52.81
CA ALA F 283 19.09 -18.08 -54.03
C ALA F 283 18.64 -18.86 -55.28
N CYS F 284 18.80 -20.19 -55.24
CA CYS F 284 18.39 -21.04 -56.36
C CYS F 284 16.89 -20.90 -56.65
N GLY F 285 16.10 -20.86 -55.58
CA GLY F 285 14.66 -20.68 -55.69
C GLY F 285 14.26 -19.35 -56.30
N THR F 286 14.87 -18.28 -55.79
CA THR F 286 14.63 -16.94 -56.31
C THR F 286 15.01 -16.86 -57.81
N LEU F 287 16.19 -17.38 -58.16
CA LEU F 287 16.66 -17.37 -59.54
C LEU F 287 15.77 -18.19 -60.46
N TRP F 288 15.26 -19.31 -59.94
CA TRP F 288 14.30 -20.15 -60.65
C TRP F 288 13.11 -19.29 -61.08
N ASN F 289 12.49 -18.58 -60.14
CA ASN F 289 11.40 -17.65 -60.44
C ASN F 289 11.78 -16.50 -61.37
N LEU F 290 12.89 -15.84 -61.10
CA LEU F 290 13.27 -14.66 -61.89
C LEU F 290 13.78 -14.98 -63.30
N SER F 291 14.33 -16.19 -63.48
CA SER F 291 14.79 -16.61 -64.82
C SER F 291 13.62 -17.05 -65.69
N ALA F 292 12.44 -17.21 -65.09
CA ALA F 292 11.26 -17.68 -65.79
C ALA F 292 10.59 -16.60 -66.64
N ARG F 293 10.47 -16.87 -67.93
CA ARG F 293 9.62 -16.09 -68.85
C ARG F 293 9.90 -14.59 -68.85
N ASN F 294 11.17 -14.21 -68.92
CA ASN F 294 11.57 -12.80 -68.90
C ASN F 294 12.88 -12.63 -69.65
N PRO F 295 12.81 -12.27 -70.96
CA PRO F 295 14.01 -12.17 -71.79
C PRO F 295 15.08 -11.25 -71.21
N LYS F 296 14.64 -10.14 -70.61
CA LYS F 296 15.54 -9.16 -70.02
C LYS F 296 16.40 -9.76 -68.92
N ASP F 297 15.77 -10.38 -67.92
CA ASP F 297 16.52 -10.99 -66.83
C ASP F 297 17.28 -12.26 -67.26
N GLN F 298 16.77 -12.96 -68.27
CA GLN F 298 17.49 -14.09 -68.87
C GLN F 298 18.80 -13.65 -69.52
N GLU F 299 18.76 -12.57 -70.30
CA GLU F 299 19.96 -11.97 -70.90
C GLU F 299 20.97 -11.52 -69.85
N ALA F 300 20.48 -10.80 -68.84
CA ALA F 300 21.34 -10.32 -67.77
C ALA F 300 22.09 -11.48 -67.08
N LEU F 301 21.35 -12.54 -66.74
CA LEU F 301 21.95 -13.73 -66.13
C LEU F 301 23.00 -14.38 -67.03
N TRP F 302 22.68 -14.52 -68.32
CA TRP F 302 23.68 -15.00 -69.28
C TRP F 302 24.96 -14.14 -69.22
N ASP F 303 24.78 -12.83 -69.36
CA ASP F 303 25.87 -11.85 -69.35
C ASP F 303 26.69 -11.86 -68.07
N MET F 304 26.04 -12.21 -66.96
CA MET F 304 26.71 -12.28 -65.66
C MET F 304 27.40 -13.62 -65.43
N GLY F 305 27.29 -14.53 -66.40
CA GLY F 305 27.89 -15.86 -66.29
C GLY F 305 27.16 -16.83 -65.35
N ALA F 306 25.84 -16.70 -65.24
CA ALA F 306 25.02 -17.55 -64.36
C ALA F 306 24.99 -19.03 -64.80
N VAL F 307 25.13 -19.26 -66.10
CA VAL F 307 25.06 -20.60 -66.67
C VAL F 307 26.07 -21.58 -66.03
N SER F 308 27.35 -21.24 -66.09
CA SER F 308 28.39 -22.12 -65.54
C SER F 308 28.27 -22.23 -64.01
N MET F 309 27.85 -21.14 -63.38
CA MET F 309 27.64 -21.13 -61.93
C MET F 309 26.54 -22.10 -61.51
N LEU F 310 25.44 -22.13 -62.28
CA LEU F 310 24.32 -23.02 -61.98
C LEU F 310 24.67 -24.45 -62.32
N LYS F 311 25.45 -24.64 -63.39
CA LYS F 311 25.96 -25.97 -63.76
C LYS F 311 26.72 -26.64 -62.62
N ASN F 312 27.45 -25.84 -61.84
CA ASN F 312 28.20 -26.34 -60.69
C ASN F 312 27.33 -26.86 -59.55
N LEU F 313 26.03 -26.61 -59.62
CA LEU F 313 25.14 -26.94 -58.51
C LEU F 313 24.14 -28.06 -58.79
N ILE F 314 23.95 -28.42 -60.05
CA ILE F 314 22.90 -29.38 -60.44
C ILE F 314 23.11 -30.78 -59.84
N HIS F 315 24.36 -31.12 -59.54
CA HIS F 315 24.68 -32.42 -58.94
C HIS F 315 24.77 -32.39 -57.41
N SER F 316 24.21 -31.34 -56.81
CA SER F 316 24.22 -31.19 -55.35
C SER F 316 23.47 -32.33 -54.65
N LYS F 317 23.86 -32.59 -53.40
CA LYS F 317 23.18 -33.58 -52.55
C LYS F 317 21.99 -32.95 -51.86
N HIS F 318 21.93 -31.62 -51.86
CA HIS F 318 20.80 -30.90 -51.29
C HIS F 318 19.68 -30.88 -52.33
N LYS F 319 18.52 -31.40 -51.93
CA LYS F 319 17.36 -31.56 -52.82
C LYS F 319 16.99 -30.25 -53.48
N MET F 320 16.77 -29.23 -52.67
CA MET F 320 16.29 -27.93 -53.15
C MET F 320 17.34 -27.19 -54.00
N ILE F 321 18.63 -27.34 -53.66
CA ILE F 321 19.71 -26.77 -54.45
C ILE F 321 19.79 -27.43 -55.83
N ALA F 322 19.75 -28.76 -55.86
CA ALA F 322 19.79 -29.50 -57.12
C ALA F 322 18.61 -29.15 -58.01
N MET F 323 17.42 -29.10 -57.41
CA MET F 323 16.18 -28.81 -58.14
C MET F 323 16.15 -27.36 -58.67
N GLY F 324 16.39 -26.40 -57.77
CA GLY F 324 16.36 -24.98 -58.11
C GLY F 324 17.39 -24.59 -59.14
N SER F 325 18.64 -25.03 -58.95
CA SER F 325 19.70 -24.73 -59.90
C SER F 325 19.37 -25.28 -61.29
N ALA F 326 18.88 -26.52 -61.35
CA ALA F 326 18.53 -27.16 -62.63
C ALA F 326 17.38 -26.45 -63.34
N ALA F 327 16.38 -26.02 -62.57
CA ALA F 327 15.23 -25.29 -63.11
C ALA F 327 15.62 -23.93 -63.68
N ALA F 328 16.45 -23.17 -62.95
CA ALA F 328 16.96 -21.90 -63.46
C ALA F 328 17.86 -22.09 -64.69
N LEU F 329 18.75 -23.08 -64.62
CA LEU F 329 19.63 -23.38 -65.75
C LEU F 329 18.81 -23.77 -66.98
N ARG F 330 17.74 -24.52 -66.75
CA ARG F 330 16.82 -24.94 -67.81
C ARG F 330 16.18 -23.71 -68.47
N ASN F 331 15.76 -22.74 -67.65
CA ASN F 331 15.22 -21.46 -68.15
C ASN F 331 16.21 -20.67 -68.99
N LEU F 332 17.47 -20.66 -68.57
CA LEU F 332 18.51 -19.96 -69.33
C LEU F 332 18.88 -20.70 -70.61
N MET F 333 19.01 -22.03 -70.54
CA MET F 333 19.40 -22.82 -71.72
C MET F 333 18.36 -22.76 -72.83
N ALA F 334 17.08 -22.77 -72.45
CA ALA F 334 15.96 -22.63 -73.40
C ALA F 334 15.86 -21.22 -74.00
N ASN F 335 16.54 -20.25 -73.39
CA ASN F 335 16.45 -18.86 -73.82
C ASN F 335 17.82 -18.23 -74.03
N ARG F 336 18.61 -18.83 -74.93
CA ARG F 336 19.94 -18.35 -75.26
C ARG F 336 19.81 -17.08 -76.11
N PRO F 337 20.47 -15.99 -75.67
CA PRO F 337 20.52 -14.74 -76.46
C PRO F 337 21.32 -14.93 -77.75
N ALA F 338 20.98 -14.14 -78.76
CA ALA F 338 21.64 -14.21 -80.07
C ALA F 338 23.15 -13.94 -79.99
N LYS F 339 23.55 -13.17 -78.97
CA LYS F 339 24.96 -12.88 -78.69
C LYS F 339 25.81 -14.15 -78.48
N TYR F 340 25.22 -15.13 -77.80
CA TYR F 340 25.93 -16.37 -77.46
C TYR F 340 25.68 -17.49 -78.48
N LYS F 341 25.50 -17.09 -79.73
CA LYS F 341 25.23 -17.98 -80.87
C LYS F 341 24.07 -18.95 -80.62
N PRO G 1 -60.83 -6.77 9.44
CA PRO G 1 -60.47 -7.02 8.06
C PRO G 1 -59.12 -7.72 7.95
N ARG G 2 -58.86 -8.36 6.81
CA ARG G 2 -57.51 -8.87 6.51
C ARG G 2 -56.56 -7.68 6.41
N ASP G 3 -55.36 -7.85 6.92
CA ASP G 3 -54.29 -6.90 6.68
C ASP G 3 -53.91 -6.90 5.21
N SER G 4 -53.44 -5.76 4.71
CA SER G 4 -52.88 -5.70 3.37
C SER G 4 -51.35 -5.65 3.45
N TYR G 5 -50.70 -5.78 2.30
CA TYR G 5 -49.24 -5.94 2.21
C TYR G 5 -48.71 -5.17 1.02
N SER G 6 -47.43 -4.80 1.07
CA SER G 6 -46.76 -4.25 -0.09
C SER G 6 -46.10 -5.33 -0.94
N GLY G 7 -45.94 -6.54 -0.38
CA GLY G 7 -45.26 -7.63 -1.10
C GLY G 7 -43.75 -7.47 -1.07
N ASP G 8 -43.08 -7.97 -2.12
CA ASP G 8 -41.63 -7.85 -2.25
C ASP G 8 -41.22 -7.47 -3.68
N ALA G 9 -39.93 -7.16 -3.89
CA ALA G 9 -39.48 -6.73 -5.21
C ALA G 9 -37.98 -6.78 -5.36
N LEU G 10 -37.53 -6.87 -6.61
CA LEU G 10 -36.15 -6.58 -6.96
C LEU G 10 -35.86 -5.13 -6.58
N TYR G 11 -34.60 -4.79 -6.36
CA TYR G 11 -34.25 -3.42 -5.97
C TYR G 11 -34.67 -2.37 -7.00
N GLU G 12 -35.23 -1.27 -6.51
CA GLU G 12 -35.49 -0.07 -7.31
C GLU G 12 -35.12 1.15 -6.50
N PHE G 13 -34.53 2.17 -7.13
CA PHE G 13 -34.26 3.39 -6.37
CA PHE G 13 -34.23 3.45 -6.47
C PHE G 13 -35.53 4.19 -6.14
N PRO H 1 29.56 -11.03 27.71
CA PRO H 1 30.79 -11.72 27.39
C PRO H 1 31.44 -12.36 28.61
N ARG H 2 32.29 -13.36 28.37
CA ARG H 2 33.12 -13.92 29.44
C ARG H 2 34.08 -12.86 29.94
N ASP H 3 34.25 -12.79 31.25
CA ASP H 3 35.29 -11.97 31.84
C ASP H 3 36.66 -12.51 31.40
N SER H 4 37.63 -11.61 31.27
CA SER H 4 39.02 -12.03 31.07
C SER H 4 39.81 -11.86 32.38
N TYR H 5 41.05 -12.37 32.40
CA TYR H 5 41.85 -12.43 33.63
C TYR H 5 43.32 -12.18 33.33
N SER H 6 44.06 -11.75 34.36
CA SER H 6 45.52 -11.64 34.27
C SER H 6 46.20 -12.95 34.62
N GLY H 7 45.50 -13.84 35.31
CA GLY H 7 46.09 -15.10 35.77
C GLY H 7 46.98 -14.87 36.99
N ASP H 8 47.96 -15.76 37.20
CA ASP H 8 48.92 -15.61 38.29
C ASP H 8 50.37 -15.74 37.80
N ALA H 9 51.31 -15.43 38.68
CA ALA H 9 52.73 -15.50 38.32
C ALA H 9 53.61 -15.57 39.56
N LEU H 10 54.82 -16.07 39.37
CA LEU H 10 55.91 -15.87 40.33
C LEU H 10 56.18 -14.38 40.40
N TYR H 11 56.77 -13.91 41.50
CA TYR H 11 57.06 -12.49 41.67
C TYR H 11 57.92 -11.91 40.55
N GLU H 12 57.49 -10.76 40.05
CA GLU H 12 58.29 -9.96 39.13
C GLU H 12 58.23 -8.50 39.56
N PHE H 13 59.31 -7.78 39.32
CA PHE H 13 59.25 -6.33 39.39
C PHE H 13 59.09 -5.81 37.98
N PRO I 1 24.66 -43.33 36.79
CA PRO I 1 23.24 -43.13 37.01
C PRO I 1 22.50 -42.84 35.71
N ARG I 2 21.19 -43.06 35.71
CA ARG I 2 20.34 -42.64 34.60
C ARG I 2 20.33 -41.13 34.51
N ASP I 3 20.30 -40.59 33.29
CA ASP I 3 20.14 -39.16 33.11
C ASP I 3 18.72 -38.76 33.50
N SER I 4 18.54 -37.52 33.96
CA SER I 4 17.20 -36.99 34.17
C SER I 4 16.84 -36.02 33.04
N TYR I 5 15.58 -35.57 33.03
CA TYR I 5 15.04 -34.80 31.90
C TYR I 5 14.07 -33.74 32.41
N SER I 6 13.90 -32.68 31.64
CA SER I 6 12.86 -31.68 31.89
C SER I 6 11.52 -32.07 31.27
N GLY I 7 11.54 -32.99 30.31
CA GLY I 7 10.32 -33.39 29.60
C GLY I 7 9.93 -32.37 28.54
N ASP I 8 8.63 -32.31 28.23
CA ASP I 8 8.12 -31.29 27.31
C ASP I 8 6.89 -30.57 27.87
N ALA I 9 6.51 -29.47 27.23
CA ALA I 9 5.37 -28.68 27.71
C ALA I 9 4.74 -27.88 26.60
N LEU I 10 3.48 -27.52 26.80
CA LEU I 10 2.86 -26.45 26.04
C LEU I 10 3.65 -25.17 26.34
N TYR I 11 3.62 -24.20 25.44
CA TYR I 11 4.33 -22.95 25.66
C TYR I 11 3.95 -22.24 26.96
N GLU I 12 4.96 -21.85 27.72
CA GLU I 12 4.79 -21.00 28.90
C GLU I 12 5.81 -19.87 28.86
N PHE I 13 5.42 -18.70 29.36
CA PHE I 13 6.40 -17.68 29.67
C PHE I 13 6.70 -17.73 31.16
N PRO J 1 -36.13 15.85 14.32
CA PRO J 1 -36.71 15.54 15.63
C PRO J 1 -38.18 15.95 15.70
N ARG J 2 -38.90 15.37 16.66
CA ARG J 2 -40.26 15.78 16.96
C ARG J 2 -40.25 17.23 17.44
N ASP J 3 -41.31 17.97 17.10
CA ASP J 3 -41.49 19.30 17.64
C ASP J 3 -41.94 19.17 19.09
N SER J 4 -41.54 20.12 19.93
CA SER J 4 -42.07 20.16 21.29
C SER J 4 -43.17 21.23 21.39
N TYR J 5 -43.87 21.26 22.51
CA TYR J 5 -45.06 22.09 22.69
C TYR J 5 -45.10 22.68 24.09
N SER J 6 -45.84 23.77 24.25
CA SER J 6 -46.07 24.32 25.58
C SER J 6 -47.36 23.74 26.18
N GLY J 7 -48.20 23.15 25.34
CA GLY J 7 -49.49 22.59 25.80
C GLY J 7 -50.52 23.69 26.00
N ASP J 8 -51.47 23.45 26.92
CA ASP J 8 -52.51 24.43 27.23
C ASP J 8 -52.69 24.60 28.75
N ALA J 9 -53.47 25.60 29.16
CA ALA J 9 -53.64 25.91 30.59
C ALA J 9 -54.85 26.78 30.87
N LEU J 10 -55.35 26.68 32.10
CA LEU J 10 -56.25 27.69 32.64
C LEU J 10 -55.50 29.03 32.66
N TYR J 11 -56.24 30.12 32.76
CA TYR J 11 -55.62 31.44 32.74
C TYR J 11 -54.70 31.67 33.94
N GLU J 12 -53.53 32.19 33.65
CA GLU J 12 -52.59 32.66 34.66
C GLU J 12 -51.98 33.98 34.21
N PHE J 13 -51.75 34.88 35.16
CA PHE J 13 -50.94 36.05 34.88
C PHE J 13 -49.49 35.78 35.26
N PRO K 1 10.71 6.38 -40.50
CA PRO K 1 9.81 6.73 -41.60
C PRO K 1 10.47 6.47 -42.95
N ARG K 2 9.66 6.27 -43.99
CA ARG K 2 10.19 6.22 -45.36
C ARG K 2 10.73 7.59 -45.77
N ASP K 3 11.83 7.60 -46.50
CA ASP K 3 12.30 8.81 -47.13
C ASP K 3 11.27 9.27 -48.17
N SER K 4 11.12 10.57 -48.34
CA SER K 4 10.34 11.11 -49.46
C SER K 4 11.26 11.58 -50.59
N TYR K 5 10.68 11.90 -51.73
CA TYR K 5 11.43 12.20 -52.95
C TYR K 5 10.81 13.36 -53.71
N SER K 6 11.61 14.00 -54.55
CA SER K 6 11.09 15.00 -55.47
C SER K 6 10.73 14.36 -56.81
N GLY K 7 11.22 13.15 -57.07
CA GLY K 7 10.99 12.48 -58.35
C GLY K 7 11.83 13.08 -59.47
N ASP K 8 11.37 12.95 -60.72
CA ASP K 8 12.06 13.58 -61.86
C ASP K 8 11.11 14.40 -62.73
N ALA K 9 11.67 15.15 -63.68
CA ALA K 9 10.88 16.01 -64.53
C ALA K 9 11.60 16.34 -65.83
N LEU K 10 10.83 16.75 -66.82
CA LEU K 10 11.38 17.40 -68.01
C LEU K 10 11.95 18.75 -67.55
N TYR K 11 12.82 19.35 -68.34
CA TYR K 11 13.42 20.63 -67.94
C TYR K 11 12.38 21.73 -67.72
N GLU K 12 12.50 22.39 -66.57
CA GLU K 12 11.74 23.60 -66.25
C GLU K 12 12.68 24.66 -65.70
N PHE K 13 12.43 25.91 -66.03
CA PHE K 13 13.10 27.00 -65.32
C PHE K 13 12.21 27.45 -64.17
N PRO L 1 8.55 -22.90 -57.43
CA PRO L 1 9.29 -23.61 -56.40
C PRO L 1 8.49 -23.69 -55.10
N ARG L 2 8.86 -24.63 -54.23
CA ARG L 2 8.31 -24.70 -52.88
C ARG L 2 8.80 -23.50 -52.08
N ASP L 3 7.93 -22.96 -51.22
CA ASP L 3 8.35 -21.92 -50.29
C ASP L 3 9.28 -22.53 -49.25
N SER L 4 10.23 -21.74 -48.76
CA SER L 4 11.03 -22.14 -47.61
C SER L 4 10.50 -21.50 -46.33
N TYR L 5 11.02 -21.93 -45.18
CA TYR L 5 10.53 -21.51 -43.87
C TYR L 5 11.67 -21.30 -42.89
N SER L 6 11.43 -20.51 -41.86
CA SER L 6 12.38 -20.40 -40.75
C SER L 6 12.13 -21.47 -39.69
N GLY L 7 10.95 -22.08 -39.70
CA GLY L 7 10.57 -23.05 -38.65
C GLY L 7 10.21 -22.36 -37.34
N ASP L 8 10.31 -23.10 -36.23
CA ASP L 8 10.10 -22.51 -34.90
C ASP L 8 11.27 -22.74 -33.93
N ALA L 9 11.23 -22.09 -32.77
CA ALA L 9 12.29 -22.23 -31.78
C ALA L 9 11.81 -21.81 -30.39
N LEU L 10 12.50 -22.32 -29.38
CA LEU L 10 12.44 -21.78 -28.03
C LEU L 10 12.98 -20.35 -28.09
N TYR L 11 12.64 -19.53 -27.10
CA TYR L 11 13.06 -18.15 -27.11
C TYR L 11 14.58 -17.97 -27.10
N GLU L 12 15.04 -17.09 -27.97
CA GLU L 12 16.44 -16.68 -28.05
C GLU L 12 16.45 -15.18 -28.25
N PHE L 13 17.48 -14.52 -27.74
CA PHE L 13 17.71 -13.13 -28.07
C PHE L 13 18.79 -13.02 -29.14
C1 EDO M . -29.26 12.07 1.28
O1 EDO M . -28.75 11.74 2.58
C2 EDO M . -28.40 11.41 0.21
O2 EDO M . -28.30 10.01 0.47
C1 EDO N . -23.58 0.81 12.90
O1 EDO N . -22.98 0.56 11.62
C2 EDO N . -23.64 -0.49 13.71
O2 EDO N . -23.96 -1.60 12.86
C1 EDO O . -20.62 -14.46 -14.84
O1 EDO O . -19.89 -13.30 -15.23
C2 EDO O . -20.25 -14.86 -13.41
O2 EDO O . -19.16 -15.80 -13.42
C1 EDO P . -45.85 13.86 4.60
O1 EDO P . -44.42 13.72 4.61
C2 EDO P . -46.48 12.70 5.35
O2 EDO P . -46.94 13.07 6.65
C1 EDO Q . -67.09 7.30 -5.55
O1 EDO Q . -66.69 5.93 -5.70
C2 EDO Q . -67.95 7.41 -4.30
O2 EDO Q . -68.08 6.10 -3.77
C1 EDO R . -5.16 -5.71 5.95
O1 EDO R . -5.82 -4.69 5.19
C2 EDO R . -4.49 -5.09 7.17
O2 EDO R . -3.15 -5.59 7.25
C1 EDO S . -63.34 3.67 20.92
O1 EDO S . -63.13 3.12 22.23
C2 EDO S . -64.53 2.99 20.26
O2 EDO S . -64.43 1.56 20.35
C1 EDO T . -23.88 6.71 9.01
O1 EDO T . -23.66 5.95 7.81
C2 EDO T . -23.68 8.20 8.78
O2 EDO T . -24.19 8.93 9.90
C1 EDO U . -41.14 14.32 3.44
O1 EDO U . -41.86 13.23 4.03
C2 EDO U . -41.19 14.24 1.92
O2 EDO U . -40.71 12.97 1.49
C1 EDO V . 35.14 23.19 -64.80
O1 EDO V . 34.45 23.36 -66.04
C2 EDO V . 35.66 21.75 -64.67
O2 EDO V . 34.78 20.87 -65.36
C1 EDO W . 14.30 16.95 -86.58
O1 EDO W . 13.32 17.45 -87.51
C2 EDO W . 14.48 15.45 -86.76
O2 EDO W . 15.37 15.20 -87.85
C1 EDO X . 31.37 30.63 -64.61
O1 EDO X . 32.06 31.09 -63.43
C2 EDO X . 31.78 29.20 -64.91
O2 EDO X . 30.84 28.54 -65.75
C1 EDO Y . 15.85 29.92 -47.02
O1 EDO Y . 16.78 30.28 -48.05
C2 EDO Y . 16.47 30.23 -45.67
O2 EDO Y . 17.48 29.27 -45.35
C1 EDO Z . 17.76 32.16 -51.59
O1 EDO Z . 17.27 33.45 -51.18
C2 EDO Z . 17.13 31.80 -52.93
O2 EDO Z . 16.02 32.65 -53.21
C1 EDO AA . 48.59 -3.06 58.77
O1 EDO AA . 47.87 -3.49 59.94
C2 EDO AA . 49.19 -1.67 58.99
O2 EDO AA . 50.59 -1.72 58.71
C1 EDO BA . 51.30 -23.63 54.32
O1 EDO BA . 51.73 -23.12 55.58
C2 EDO BA . 52.41 -24.45 53.64
O2 EDO BA . 53.41 -23.59 53.07
C1 EDO CA . 22.20 2.66 28.61
O1 EDO CA . 21.10 2.64 29.52
C2 EDO CA . 21.90 1.81 27.38
O2 EDO CA . 21.62 0.46 27.75
C1 EDO DA . 37.41 -6.87 57.11
O1 EDO DA . 37.74 -8.09 57.79
C2 EDO DA . 37.95 -5.69 57.91
O2 EDO DA . 38.57 -4.75 57.02
C1 EDO EA . 32.76 7.63 38.28
O1 EDO EA . 33.72 8.65 38.62
C2 EDO EA . 33.30 6.22 38.52
O2 EDO EA . 34.62 6.02 38.03
C1 EDO FA . 19.33 -15.34 11.32
O1 EDO FA . 17.95 -14.95 11.40
C2 EDO FA . 19.46 -16.54 10.39
O2 EDO FA . 18.41 -17.48 10.64
C1 EDO GA . 23.14 -18.54 38.12
O1 EDO GA . 22.63 -17.79 37.03
C2 EDO GA . 24.62 -18.21 38.29
O2 EDO GA . 25.41 -19.12 37.54
C1 EDO HA . -10.82 -21.55 14.35
O1 EDO HA . -12.23 -21.39 14.55
C2 EDO HA . -10.54 -22.79 13.50
O2 EDO HA . -11.13 -22.66 12.20
C1 EDO IA . 39.22 -37.79 38.81
O1 EDO IA . 39.88 -38.39 37.69
C2 EDO IA . 38.77 -38.86 39.80
O2 EDO IA . 38.33 -40.04 39.13
C1 EDO JA . 34.41 -24.00 33.54
O1 EDO JA . 33.65 -22.97 34.16
C2 EDO JA . 35.34 -23.48 32.43
O2 EDO JA . 35.52 -24.52 31.49
C1 EDO KA . 1.22 -31.27 10.61
O1 EDO KA . 1.04 -30.21 11.58
C2 EDO KA . 2.64 -31.30 10.05
O2 EDO KA . 2.78 -30.36 8.98
C1 EDO LA . 5.68 -8.03 -1.93
O1 EDO LA . 6.92 -7.46 -2.41
C2 EDO LA . 4.71 -8.14 -3.09
O2 EDO LA . 5.12 -7.24 -4.13
C1 EDO MA . -70.01 26.91 23.05
O1 EDO MA . -70.67 28.18 22.99
C2 EDO MA . -70.20 26.28 24.43
O2 EDO MA . -69.71 27.14 25.46
C1 EDO NA . -49.94 47.58 31.17
O1 EDO NA . -50.79 46.61 30.53
C2 EDO NA . -48.67 47.75 30.35
O2 EDO NA . -49.01 48.09 29.01
C1 EDO OA . -34.49 38.11 25.59
O1 EDO OA . -35.79 38.71 25.58
C2 EDO OA . -33.63 38.74 24.50
O2 EDO OA . -34.09 38.33 23.20
C1 EDO PA . -78.46 51.78 23.68
O1 EDO PA . -77.19 51.94 24.35
C2 EDO PA . -78.47 52.71 22.47
O2 EDO PA . -77.13 52.99 22.08
C1 EDO QA . -59.92 45.52 15.65
O1 EDO QA . -60.30 44.24 16.18
C2 EDO QA . -59.09 46.28 16.68
O2 EDO QA . -59.74 46.23 17.96
C1 EDO RA . -74.37 30.06 38.26
O1 EDO RA . -75.74 30.46 38.13
C2 EDO RA . -73.62 31.06 39.14
O2 EDO RA . -73.99 30.88 40.51
C1 EDO SA . -81.26 43.34 6.87
O1 EDO SA . -82.00 44.29 6.09
C2 EDO SA . -81.11 43.87 8.30
O2 EDO SA . -81.09 45.29 8.26
C1 EDO TA . 19.12 -4.08 -45.38
O1 EDO TA . 18.00 -3.50 -46.08
C2 EDO TA . 19.32 -3.42 -44.01
O2 EDO TA . 18.26 -3.82 -43.16
C1 EDO UA . 7.27 -25.45 -10.26
O1 EDO UA . 6.20 -25.93 -9.42
C2 EDO UA . 8.59 -26.11 -9.84
O2 EDO UA . 9.36 -25.21 -9.05
C1 EDO VA . 4.99 0.80 -26.11
O1 EDO VA . 5.31 -0.39 -25.40
C2 EDO VA . 6.11 1.81 -26.04
O2 EDO VA . 6.00 2.76 -27.10
C1 EDO WA . -3.13 -24.08 -22.67
O1 EDO WA . -3.71 -23.12 -21.78
C2 EDO WA . -2.11 -24.96 -21.95
O2 EDO WA . -0.91 -24.24 -21.63
#